data_2VRQ
#
_entry.id   2VRQ
#
_cell.length_a   156.800
_cell.length_b   156.800
_cell.length_c   378.600
_cell.angle_alpha   90.00
_cell.angle_beta   90.00
_cell.angle_gamma   120.00
#
_symmetry.space_group_name_H-M   'P 65 2 2'
#
loop_
_entity.id
_entity.type
_entity.pdbx_description
1 polymer ALPHA-L-ARABINOFURANOSIDASE
2 branched alpha-L-arabinofuranose-(1-3)-[beta-D-xylopyranose-(1-4)]beta-D-xylopyranose-(1-4)-beta-D-xylopyranose
3 branched alpha-L-arabinofuranose-(1-3)-beta-D-xylopyranose-(1-4)-beta-D-xylopyranose
4 non-polymer 'PHOSPHATE ION'
5 water water
#
_entity_poly.entity_id   1
_entity_poly.type   'polypeptide(L)'
_entity_poly.pdbx_seq_one_letter_code
;MNVASRVVVNADRVKGTINRNIYGHFSEHLGRCIYEGLWVGEDSPIPNTNGIRNDVLEALKQMKIPVLRWPGGCFADEYH
WKDGVGPREKRKRMVNTHWGGVIENNHFGTHEFMMLCELLGCEPYISGNVGSGTVQEMSEWVEYITFDGESPMANWRREN
GREKPWRIKYWGVGNQNWGCGGNMRAEYYADLYRQFQTYLRNYGDNKLHKIACGANTADYHWTEVLMKQAAPFMHGLSLH
YYTVPGPWEKKGPATGFTTDEWWVTLKKALFMDRLVTKHSAIMDVYDPDKRIDLIVDEWGTWYDVEPGTNPGFLYQQNSI
RDALVAGATLHIFHRHCDRVRMANIAQLVNVLQSVILTEGERMLLTPTYHVFNMFKVHQDAELLDTWESVERTGPEGELP
KVSVSASRAADGKIHISLCNLDFETGASVDIELRGLNGGVSATGTTLTSGRIDGHNTFDEPERVKPAPFRDFKLEGGHLN
ASLPPMSVTVLELTAG
;
_entity_poly.pdbx_strand_id   A,B,C
#
# COMPACT_ATOMS: atom_id res chain seq x y z
N ALA A 4 -19.43 -17.18 -54.05
CA ALA A 4 -18.03 -17.12 -53.65
C ALA A 4 -17.71 -15.87 -52.83
N SER A 5 -16.74 -15.96 -51.93
CA SER A 5 -16.21 -14.79 -51.23
C SER A 5 -15.26 -14.05 -52.16
N ARG A 6 -15.29 -12.73 -52.10
CA ARG A 6 -14.43 -11.93 -52.96
C ARG A 6 -13.43 -11.17 -52.11
N VAL A 7 -12.18 -11.18 -52.55
CA VAL A 7 -11.13 -10.47 -51.84
C VAL A 7 -10.26 -9.70 -52.80
N VAL A 8 -9.99 -8.45 -52.50
CA VAL A 8 -9.04 -7.66 -53.29
C VAL A 8 -7.80 -7.37 -52.45
N VAL A 9 -6.66 -7.90 -52.86
CA VAL A 9 -5.39 -7.58 -52.19
C VAL A 9 -4.67 -6.46 -52.94
N ASN A 10 -4.48 -5.33 -52.28
CA ASN A 10 -3.72 -4.23 -52.86
C ASN A 10 -2.26 -4.30 -52.42
N ALA A 11 -1.47 -5.03 -53.20
CA ALA A 11 -0.11 -5.38 -52.81
C ALA A 11 0.82 -4.18 -52.74
N ASP A 12 0.38 -3.05 -53.30
CA ASP A 12 1.23 -1.86 -53.29
C ASP A 12 0.80 -0.90 -52.19
N ARG A 13 -0.11 -1.34 -51.33
CA ARG A 13 -0.63 -0.49 -50.27
C ARG A 13 -0.40 -1.12 -48.89
N VAL A 14 0.59 -0.61 -48.15
CA VAL A 14 0.93 -1.14 -46.83
C VAL A 14 0.13 -0.44 -45.73
N LYS A 15 -0.55 -1.22 -44.90
CA LYS A 15 -1.40 -0.68 -43.85
C LYS A 15 -0.67 -0.56 -42.52
N GLY A 16 0.48 -1.22 -42.41
CA GLY A 16 1.26 -1.17 -41.19
C GLY A 16 2.11 -2.43 -41.05
N THR A 17 2.79 -2.55 -39.91
CA THR A 17 3.62 -3.73 -39.65
C THR A 17 2.97 -4.60 -38.60
N ILE A 18 2.89 -5.90 -38.90
CA ILE A 18 2.42 -6.88 -37.94
C ILE A 18 3.57 -7.24 -37.00
N ASN A 19 3.57 -6.64 -35.82
CA ASN A 19 4.63 -6.90 -34.85
C ASN A 19 4.76 -8.40 -34.61
N ARG A 20 5.97 -8.92 -34.63
CA ARG A 20 6.13 -10.37 -34.45
C ARG A 20 5.59 -10.84 -33.11
N ASN A 21 5.54 -9.93 -32.13
CA ASN A 21 5.08 -10.28 -30.77
C ASN A 21 3.60 -10.59 -30.66
N ILE A 22 2.86 -10.27 -31.72
CA ILE A 22 1.48 -10.71 -31.82
C ILE A 22 1.44 -12.25 -31.74
N TYR A 23 2.55 -12.88 -32.12
CA TYR A 23 2.63 -14.35 -32.11
C TYR A 23 3.23 -14.92 -30.82
N GLY A 24 3.06 -14.18 -29.73
CA GLY A 24 3.66 -14.54 -28.46
C GLY A 24 2.96 -15.63 -27.68
N HIS A 25 3.64 -16.09 -26.65
CA HIS A 25 3.17 -17.20 -25.84
C HIS A 25 3.28 -16.92 -24.36
N PHE A 26 2.75 -17.83 -23.57
CA PHE A 26 2.61 -17.58 -22.17
C PHE A 26 2.73 -18.90 -21.42
N SER A 27 3.64 -18.96 -20.45
CA SER A 27 3.84 -20.18 -19.66
C SER A 27 3.83 -19.90 -18.16
N GLU A 28 2.81 -20.39 -17.47
CA GLU A 28 2.67 -20.18 -16.03
C GLU A 28 3.16 -21.40 -15.25
N HIS A 29 3.57 -21.20 -14.01
CA HIS A 29 3.80 -22.32 -13.10
C HIS A 29 2.44 -22.87 -12.70
N LEU A 30 1.94 -23.75 -13.56
CA LEU A 30 0.58 -24.27 -13.42
C LEU A 30 0.61 -25.63 -14.06
N GLY A 31 0.11 -26.64 -13.35
CA GLY A 31 0.04 -27.97 -13.92
C GLY A 31 1.39 -28.43 -14.46
N ARG A 32 1.41 -28.93 -15.70
CA ARG A 32 2.65 -29.41 -16.30
C ARG A 32 3.13 -28.51 -17.43
N CYS A 33 2.83 -27.21 -17.34
CA CYS A 33 3.35 -26.27 -18.32
C CYS A 33 4.85 -26.09 -18.13
N ILE A 34 5.26 -25.82 -16.91
CA ILE A 34 6.69 -25.64 -16.64
C ILE A 34 7.36 -26.97 -16.33
N TYR A 35 6.89 -27.64 -15.29
CA TYR A 35 7.46 -28.93 -14.93
C TYR A 35 6.91 -30.06 -15.81
N GLU A 36 7.84 -30.81 -16.40
CA GLU A 36 7.58 -31.81 -17.44
C GLU A 36 7.34 -31.23 -18.83
N GLY A 37 6.54 -30.16 -18.91
CA GLY A 37 6.26 -29.56 -20.20
C GLY A 37 7.49 -28.93 -20.83
N LEU A 38 8.38 -28.42 -19.99
CA LEU A 38 9.58 -27.72 -20.45
C LEU A 38 10.76 -28.22 -19.63
N TRP A 39 10.65 -28.02 -18.33
CA TRP A 39 11.71 -28.37 -17.41
C TRP A 39 11.62 -29.81 -16.96
N VAL A 40 12.58 -30.63 -17.39
CA VAL A 40 12.61 -32.02 -16.94
C VAL A 40 13.75 -32.27 -15.93
N GLY A 41 14.72 -31.35 -15.88
CA GLY A 41 15.86 -31.50 -15.00
C GLY A 41 17.04 -32.07 -15.77
N GLU A 42 18.25 -31.67 -15.43
CA GLU A 42 19.41 -32.11 -16.21
C GLU A 42 19.64 -33.63 -16.17
N ASP A 43 19.22 -34.29 -15.10
CA ASP A 43 19.46 -35.73 -14.93
C ASP A 43 18.29 -36.58 -15.42
N SER A 44 17.35 -35.97 -16.13
CA SER A 44 16.20 -36.71 -16.63
C SER A 44 16.59 -37.66 -17.76
N PRO A 45 15.97 -38.84 -17.79
CA PRO A 45 16.18 -39.72 -18.94
C PRO A 45 15.59 -39.11 -20.21
N ILE A 46 14.75 -38.09 -20.05
CA ILE A 46 14.24 -37.39 -21.24
C ILE A 46 15.34 -36.52 -21.84
N PRO A 47 15.70 -36.77 -23.12
CA PRO A 47 16.79 -35.99 -23.70
C PRO A 47 16.56 -34.49 -23.54
N ASN A 48 17.57 -33.77 -23.05
CA ASN A 48 17.37 -32.36 -22.73
C ASN A 48 18.63 -31.52 -22.84
N THR A 49 18.45 -30.21 -22.90
CA THR A 49 19.55 -29.28 -22.94
C THR A 49 19.51 -28.49 -21.64
N ASN A 50 20.48 -28.75 -20.77
CA ASN A 50 20.56 -28.05 -19.50
C ASN A 50 19.27 -28.13 -18.70
N GLY A 51 18.55 -29.24 -18.78
CA GLY A 51 17.36 -29.44 -17.98
C GLY A 51 16.05 -29.19 -18.72
N ILE A 52 16.14 -28.63 -19.93
CA ILE A 52 14.98 -28.36 -20.76
C ILE A 52 14.85 -29.40 -21.91
N ARG A 53 13.70 -30.06 -22.02
CA ARG A 53 13.56 -31.16 -22.99
C ARG A 53 13.74 -30.73 -24.44
N ASN A 54 14.50 -31.52 -25.21
CA ASN A 54 14.90 -31.18 -26.59
C ASN A 54 13.75 -31.20 -27.61
N ASP A 55 12.86 -32.17 -27.48
CA ASP A 55 11.74 -32.26 -28.41
C ASP A 55 10.92 -30.96 -28.41
N VAL A 56 10.57 -30.49 -27.22
CA VAL A 56 9.87 -29.20 -27.12
C VAL A 56 10.71 -28.03 -27.62
N LEU A 57 11.97 -27.94 -27.19
CA LEU A 57 12.84 -26.87 -27.68
C LEU A 57 12.87 -26.78 -29.19
N GLU A 58 13.14 -27.91 -29.84
CA GLU A 58 13.29 -27.88 -31.29
C GLU A 58 11.98 -27.47 -31.97
N ALA A 59 10.86 -28.00 -31.49
CA ALA A 59 9.58 -27.63 -32.07
C ALA A 59 9.28 -26.13 -31.90
N LEU A 60 9.58 -25.58 -30.73
CA LEU A 60 9.31 -24.16 -30.50
C LEU A 60 10.20 -23.24 -31.34
N LYS A 61 11.46 -23.65 -31.53
CA LYS A 61 12.39 -22.91 -32.39
C LYS A 61 11.90 -22.90 -33.84
N GLN A 62 11.39 -24.05 -34.29
CA GLN A 62 10.84 -24.16 -35.64
C GLN A 62 9.67 -23.20 -35.79
N MET A 63 8.84 -23.13 -34.76
CA MET A 63 7.66 -22.26 -34.75
C MET A 63 8.02 -20.77 -34.71
N LYS A 64 9.26 -20.45 -34.35
CA LYS A 64 9.73 -19.07 -34.20
C LYS A 64 9.00 -18.28 -33.12
N ILE A 65 8.92 -18.85 -31.93
CA ILE A 65 8.33 -18.16 -30.81
C ILE A 65 9.02 -16.80 -30.62
N PRO A 66 8.24 -15.69 -30.63
CA PRO A 66 8.88 -14.37 -30.55
C PRO A 66 9.08 -13.84 -29.12
N VAL A 67 8.18 -14.22 -28.22
CA VAL A 67 8.21 -13.69 -26.87
C VAL A 67 7.49 -14.69 -25.97
N LEU A 68 7.92 -14.80 -24.73
CA LEU A 68 7.31 -15.75 -23.80
C LEU A 68 7.07 -15.04 -22.48
N ARG A 69 5.83 -15.06 -22.03
CA ARG A 69 5.41 -14.45 -20.77
C ARG A 69 5.52 -15.44 -19.62
N TRP A 70 6.08 -15.00 -18.50
CA TRP A 70 6.35 -15.86 -17.34
C TRP A 70 6.45 -14.98 -16.09
N PRO A 71 6.11 -15.52 -14.88
CA PRO A 71 5.72 -16.87 -14.46
C PRO A 71 4.23 -17.04 -14.32
N GLY A 72 3.50 -16.03 -14.74
CA GLY A 72 2.10 -16.30 -14.82
C GLY A 72 1.22 -15.15 -15.15
N GLY A 73 -0.06 -15.53 -15.10
CA GLY A 73 -1.14 -14.83 -14.52
C GLY A 73 -1.12 -15.05 -13.02
N CYS A 74 -2.07 -15.81 -12.46
CA CYS A 74 -2.30 -15.76 -11.01
C CYS A 74 -1.06 -16.05 -10.19
N PHE A 75 -0.26 -17.03 -10.62
CA PHE A 75 0.95 -17.37 -9.90
C PHE A 75 1.88 -16.16 -9.76
N ALA A 76 1.90 -15.28 -10.75
CA ALA A 76 2.83 -14.17 -10.75
C ALA A 76 2.55 -13.18 -9.58
N ASP A 77 1.31 -13.11 -9.11
CA ASP A 77 1.04 -12.23 -7.99
C ASP A 77 1.05 -12.95 -6.65
N GLU A 78 1.60 -14.16 -6.67
CA GLU A 78 1.90 -14.90 -5.44
C GLU A 78 3.40 -15.17 -5.36
N TYR A 79 4.10 -14.97 -6.46
CA TYR A 79 5.50 -15.35 -6.60
C TYR A 79 6.42 -14.37 -5.93
N HIS A 80 7.42 -14.90 -5.24
CA HIS A 80 8.48 -14.08 -4.70
C HIS A 80 9.76 -14.53 -5.36
N TRP A 81 10.19 -13.74 -6.33
CA TRP A 81 11.26 -14.14 -7.23
C TRP A 81 12.54 -14.62 -6.52
N LYS A 82 12.79 -14.17 -5.31
CA LYS A 82 14.02 -14.57 -4.64
C LYS A 82 14.00 -16.06 -4.31
N ASP A 83 12.81 -16.64 -4.23
CA ASP A 83 12.67 -18.06 -3.95
C ASP A 83 13.25 -18.91 -5.11
N GLY A 84 13.35 -18.33 -6.29
CA GLY A 84 13.75 -19.08 -7.48
C GLY A 84 15.17 -18.80 -7.97
N VAL A 85 16.00 -18.19 -7.13
CA VAL A 85 17.41 -18.00 -7.48
C VAL A 85 18.32 -18.61 -6.41
N GLY A 86 19.59 -18.83 -6.77
CA GLY A 86 20.51 -19.52 -5.89
C GLY A 86 20.72 -20.97 -6.31
N PRO A 87 21.64 -21.67 -5.63
CA PRO A 87 21.90 -23.10 -5.87
C PRO A 87 20.57 -23.83 -5.95
N ARG A 88 20.34 -24.52 -7.07
CA ARG A 88 19.02 -25.05 -7.38
C ARG A 88 18.56 -26.01 -6.30
N GLU A 89 19.49 -26.82 -5.79
CA GLU A 89 19.14 -27.82 -4.80
C GLU A 89 18.77 -27.24 -3.42
N LYS A 90 18.98 -25.95 -3.24
CA LYS A 90 18.74 -25.32 -1.94
C LYS A 90 17.55 -24.36 -1.98
N ARG A 91 16.85 -24.31 -3.11
CA ARG A 91 15.70 -23.41 -3.21
C ARG A 91 14.51 -23.88 -2.41
N LYS A 92 13.72 -22.91 -1.95
CA LYS A 92 12.57 -23.20 -1.09
C LYS A 92 11.46 -23.88 -1.87
N ARG A 93 10.63 -24.64 -1.16
CA ARG A 93 9.35 -25.06 -1.68
C ARG A 93 8.35 -23.88 -1.70
N MET A 94 7.09 -24.21 -1.98
CA MET A 94 6.06 -23.19 -2.03
C MET A 94 4.71 -23.90 -2.12
N VAL A 95 3.63 -23.14 -1.97
CA VAL A 95 2.29 -23.68 -2.17
C VAL A 95 1.67 -23.06 -3.41
N ASN A 96 1.58 -23.83 -4.50
CA ASN A 96 0.90 -23.38 -5.71
C ASN A 96 -0.60 -23.32 -5.41
N THR A 97 -0.99 -22.26 -4.70
CA THR A 97 -2.33 -22.14 -4.12
C THR A 97 -3.45 -22.27 -5.15
N HIS A 98 -3.30 -21.58 -6.28
CA HIS A 98 -4.37 -21.52 -7.26
C HIS A 98 -4.53 -22.80 -8.09
N TRP A 99 -3.43 -23.55 -8.25
CA TRP A 99 -3.41 -24.63 -9.23
C TRP A 99 -3.05 -25.99 -8.67
N GLY A 100 -3.99 -26.60 -7.95
CA GLY A 100 -3.80 -27.93 -7.38
C GLY A 100 -3.42 -27.90 -5.91
N GLY A 101 -2.96 -26.73 -5.45
CA GLY A 101 -2.44 -26.58 -4.10
C GLY A 101 -1.19 -27.41 -3.89
N VAL A 102 -0.49 -27.71 -4.98
CA VAL A 102 0.70 -28.57 -4.95
C VAL A 102 1.97 -27.84 -4.51
N ILE A 103 3.07 -28.57 -4.35
CA ILE A 103 4.34 -27.91 -4.01
C ILE A 103 5.22 -27.59 -5.25
N GLU A 104 5.60 -26.33 -5.32
CA GLU A 104 6.49 -25.83 -6.34
C GLU A 104 7.91 -25.99 -5.77
N ASN A 105 8.85 -26.56 -6.54
CA ASN A 105 10.21 -26.72 -6.01
C ASN A 105 11.16 -25.59 -6.40
N ASN A 106 10.63 -24.63 -7.16
CA ASN A 106 11.39 -23.48 -7.61
C ASN A 106 12.66 -23.77 -8.38
N HIS A 107 12.78 -24.98 -8.91
CA HIS A 107 13.95 -25.34 -9.71
C HIS A 107 13.97 -24.57 -11.02
N PHE A 108 12.79 -24.22 -11.54
CA PHE A 108 12.71 -23.30 -12.68
C PHE A 108 12.50 -21.88 -12.14
N GLY A 109 13.53 -21.05 -12.21
CA GLY A 109 13.47 -19.69 -11.69
C GLY A 109 14.06 -18.72 -12.68
N THR A 110 14.40 -17.52 -12.23
CA THR A 110 14.87 -16.46 -13.11
C THR A 110 16.00 -16.88 -14.07
N HIS A 111 17.02 -17.54 -13.56
CA HIS A 111 18.13 -17.95 -14.42
C HIS A 111 17.70 -18.99 -15.44
N GLU A 112 16.82 -19.91 -15.03
CA GLU A 112 16.39 -20.95 -15.96
C GLU A 112 15.48 -20.37 -17.05
N PHE A 113 14.69 -19.35 -16.70
CA PHE A 113 13.80 -18.73 -17.66
C PHE A 113 14.57 -17.89 -18.68
N MET A 114 15.55 -17.12 -18.22
CA MET A 114 16.38 -16.37 -19.15
C MET A 114 17.11 -17.31 -20.12
N MET A 115 17.57 -18.44 -19.58
CA MET A 115 18.26 -19.44 -20.40
C MET A 115 17.29 -20.03 -21.42
N LEU A 116 16.09 -20.35 -20.97
CA LEU A 116 15.06 -20.85 -21.90
C LEU A 116 14.82 -19.88 -23.05
N CYS A 117 14.63 -18.60 -22.74
CA CYS A 117 14.39 -17.62 -23.79
C CYS A 117 15.56 -17.54 -24.75
N GLU A 118 16.79 -17.61 -24.24
CA GLU A 118 17.97 -17.55 -25.10
C GLU A 118 18.07 -18.79 -25.98
N LEU A 119 17.75 -19.96 -25.41
CA LEU A 119 17.76 -21.21 -26.17
C LEU A 119 16.71 -21.14 -27.30
N LEU A 120 15.60 -20.49 -27.03
CA LEU A 120 14.48 -20.39 -27.98
C LEU A 120 14.69 -19.28 -29.00
N GLY A 121 15.54 -18.33 -28.65
CA GLY A 121 15.69 -17.14 -29.47
C GLY A 121 14.52 -16.17 -29.28
N CYS A 122 13.81 -16.24 -28.15
CA CYS A 122 12.67 -15.35 -27.94
C CYS A 122 12.94 -14.27 -26.88
N GLU A 123 12.10 -13.25 -26.85
CA GLU A 123 12.19 -12.22 -25.84
C GLU A 123 11.51 -12.66 -24.55
N PRO A 124 12.11 -12.29 -23.41
CA PRO A 124 11.46 -12.54 -22.13
C PRO A 124 10.43 -11.45 -21.84
N TYR A 125 9.33 -11.85 -21.21
CA TYR A 125 8.32 -10.92 -20.75
C TYR A 125 7.99 -11.41 -19.35
N ILE A 126 8.45 -10.65 -18.35
CA ILE A 126 8.30 -11.06 -16.98
C ILE A 126 7.17 -10.30 -16.28
N SER A 127 6.36 -11.03 -15.53
CA SER A 127 5.24 -10.42 -14.82
C SER A 127 5.58 -10.34 -13.33
N GLY A 128 5.69 -9.12 -12.81
CA GLY A 128 6.09 -8.93 -11.43
C GLY A 128 4.91 -8.94 -10.48
N ASN A 129 5.19 -9.13 -9.20
CA ASN A 129 4.14 -9.31 -8.19
C ASN A 129 3.67 -7.99 -7.54
N VAL A 130 2.45 -7.56 -7.85
CA VAL A 130 1.90 -6.37 -7.18
C VAL A 130 1.01 -6.79 -6.01
N GLY A 131 0.14 -7.77 -6.26
CA GLY A 131 -0.87 -8.14 -5.29
C GLY A 131 -0.35 -8.50 -3.92
N SER A 132 0.67 -9.36 -3.86
CA SER A 132 1.28 -9.72 -2.58
C SER A 132 2.78 -9.40 -2.46
N GLY A 133 3.32 -8.61 -3.39
CA GLY A 133 4.73 -8.25 -3.36
C GLY A 133 4.91 -6.81 -2.88
N THR A 134 6.14 -6.32 -2.80
CA THR A 134 6.36 -4.94 -2.38
C THR A 134 7.10 -4.19 -3.46
N VAL A 135 7.11 -2.86 -3.38
CA VAL A 135 7.80 -2.02 -4.35
C VAL A 135 9.29 -2.34 -4.37
N GLN A 136 9.91 -2.49 -3.21
CA GLN A 136 11.34 -2.80 -3.16
C GLN A 136 11.62 -4.15 -3.83
N GLU A 137 10.75 -5.13 -3.60
CA GLU A 137 10.98 -6.47 -4.14
C GLU A 137 10.96 -6.45 -5.65
N MET A 138 10.01 -5.74 -6.24
CA MET A 138 9.94 -5.71 -7.70
C MET A 138 11.10 -4.93 -8.28
N SER A 139 11.40 -3.81 -7.64
CA SER A 139 12.53 -2.98 -8.04
C SER A 139 13.84 -3.76 -8.03
N GLU A 140 14.04 -4.57 -6.99
CA GLU A 140 15.25 -5.38 -6.85
C GLU A 140 15.32 -6.47 -7.93
N TRP A 141 14.17 -6.99 -8.34
CA TRP A 141 14.18 -7.99 -9.40
C TRP A 141 14.71 -7.38 -10.70
N VAL A 142 14.20 -6.22 -11.07
CA VAL A 142 14.68 -5.53 -12.25
C VAL A 142 16.18 -5.21 -12.12
N GLU A 143 16.60 -4.78 -10.94
CA GLU A 143 18.01 -4.46 -10.71
C GLU A 143 18.91 -5.70 -10.85
N TYR A 144 18.50 -6.79 -10.20
CA TYR A 144 19.18 -8.09 -10.27
C TYR A 144 19.39 -8.52 -11.71
N ILE A 145 18.35 -8.37 -12.52
CA ILE A 145 18.37 -8.83 -13.89
C ILE A 145 19.22 -7.93 -14.81
N THR A 146 19.08 -6.61 -14.64
CA THR A 146 19.62 -5.68 -15.64
C THR A 146 20.78 -4.76 -15.21
N PHE A 147 21.14 -4.75 -13.94
CA PHE A 147 22.13 -3.78 -13.47
C PHE A 147 23.56 -4.22 -13.76
N ASP A 148 24.35 -3.34 -14.36
CA ASP A 148 25.73 -3.69 -14.71
C ASP A 148 26.79 -3.21 -13.72
N GLY A 149 26.37 -2.55 -12.63
CA GLY A 149 27.32 -2.05 -11.66
C GLY A 149 27.45 -2.98 -10.48
N GLU A 150 27.87 -2.43 -9.35
CA GLU A 150 27.98 -3.21 -8.11
C GLU A 150 26.83 -2.87 -7.17
N SER A 151 26.22 -3.91 -6.63
CA SER A 151 25.16 -3.74 -5.65
C SER A 151 24.82 -5.12 -5.13
N PRO A 152 24.16 -5.16 -3.97
CA PRO A 152 23.74 -6.46 -3.43
C PRO A 152 23.03 -7.35 -4.48
N MET A 153 22.10 -6.77 -5.26
CA MET A 153 21.37 -7.55 -6.25
C MET A 153 22.23 -7.95 -7.45
N ALA A 154 22.97 -7.01 -8.02
CA ALA A 154 23.80 -7.34 -9.18
C ALA A 154 24.86 -8.37 -8.79
N ASN A 155 25.47 -8.17 -7.63
CA ASN A 155 26.54 -9.07 -7.20
C ASN A 155 25.98 -10.47 -7.00
N TRP A 156 24.75 -10.54 -6.51
CA TRP A 156 24.08 -11.81 -6.29
C TRP A 156 23.88 -12.54 -7.62
N ARG A 157 23.44 -11.80 -8.64
CA ARG A 157 23.28 -12.37 -9.96
C ARG A 157 24.57 -13.00 -10.48
N ARG A 158 25.67 -12.28 -10.33
CA ARG A 158 26.98 -12.77 -10.78
C ARG A 158 27.38 -14.01 -10.00
N GLU A 159 27.11 -14.01 -8.70
CA GLU A 159 27.39 -15.18 -7.87
C GLU A 159 26.63 -16.41 -8.35
N ASN A 160 25.42 -16.17 -8.86
CA ASN A 160 24.57 -17.25 -9.34
C ASN A 160 24.85 -17.57 -10.80
N GLY A 161 25.87 -16.93 -11.36
CA GLY A 161 26.46 -17.41 -12.59
C GLY A 161 26.22 -16.62 -13.84
N ARG A 162 25.58 -15.45 -13.71
CA ARG A 162 25.35 -14.59 -14.87
C ARG A 162 26.13 -13.29 -14.70
N GLU A 163 27.24 -13.18 -15.41
CA GLU A 163 28.18 -12.11 -15.19
C GLU A 163 27.66 -10.76 -15.70
N LYS A 164 27.41 -10.66 -16.99
CA LYS A 164 26.88 -9.42 -17.51
C LYS A 164 25.36 -9.37 -17.31
N PRO A 165 24.78 -8.16 -17.35
CA PRO A 165 23.35 -8.09 -17.11
C PRO A 165 22.59 -8.66 -18.28
N TRP A 166 21.35 -9.09 -18.05
CA TRP A 166 20.47 -9.47 -19.15
C TRP A 166 19.80 -8.21 -19.67
N ARG A 167 19.31 -8.30 -20.90
CA ARG A 167 18.42 -7.29 -21.43
C ARG A 167 17.00 -7.82 -21.27
N ILE A 168 16.07 -6.98 -20.83
CA ILE A 168 14.66 -7.31 -20.90
C ILE A 168 13.84 -6.07 -21.24
N LYS A 169 12.89 -6.23 -22.15
CA LYS A 169 12.04 -5.10 -22.49
C LYS A 169 10.73 -5.16 -21.72
N TYR A 170 10.02 -6.27 -21.85
CA TYR A 170 8.65 -6.32 -21.40
C TYR A 170 8.54 -6.70 -19.94
N TRP A 171 7.95 -5.79 -19.16
CA TRP A 171 7.78 -6.00 -17.74
C TRP A 171 6.33 -5.69 -17.32
N GLY A 172 5.63 -6.71 -16.84
CA GLY A 172 4.24 -6.57 -16.45
C GLY A 172 4.16 -6.20 -14.98
N VAL A 173 3.52 -5.08 -14.69
CA VAL A 173 3.46 -4.61 -13.30
C VAL A 173 2.19 -5.16 -12.66
N GLY A 174 2.20 -6.44 -12.32
CA GLY A 174 1.02 -7.13 -11.81
C GLY A 174 0.14 -7.73 -12.91
N ASN A 175 -0.60 -8.79 -12.57
CA ASN A 175 -1.48 -9.53 -13.47
C ASN A 175 -2.87 -9.65 -12.86
N GLN A 176 -3.92 -9.45 -13.67
CA GLN A 176 -5.30 -9.63 -13.23
C GLN A 176 -5.57 -9.05 -11.84
N ASN A 177 -5.11 -7.84 -11.62
CA ASN A 177 -5.26 -7.24 -10.29
C ASN A 177 -6.70 -6.97 -9.88
N TRP A 178 -7.60 -6.95 -10.87
CA TRP A 178 -9.03 -6.87 -10.59
C TRP A 178 -9.56 -8.17 -9.98
N GLY A 179 -8.77 -9.24 -10.05
CA GLY A 179 -9.23 -10.53 -9.58
C GLY A 179 -8.22 -11.19 -8.66
N CYS A 180 -7.61 -12.28 -9.12
CA CYS A 180 -6.67 -13.04 -8.30
C CYS A 180 -5.44 -12.22 -7.89
N GLY A 181 -5.20 -11.10 -8.57
CA GLY A 181 -4.09 -10.24 -8.19
C GLY A 181 -4.42 -9.21 -7.11
N GLY A 182 -5.51 -9.43 -6.37
CA GLY A 182 -5.82 -8.60 -5.22
C GLY A 182 -7.22 -8.00 -5.20
N ASN A 183 -8.08 -8.41 -6.13
CA ASN A 183 -9.45 -7.90 -6.21
C ASN A 183 -9.51 -6.39 -6.05
N MET A 184 -8.70 -5.69 -6.83
CA MET A 184 -8.59 -4.24 -6.74
C MET A 184 -9.58 -3.52 -7.65
N ARG A 185 -10.11 -2.39 -7.18
CA ARG A 185 -10.79 -1.46 -8.07
C ARG A 185 -9.73 -0.86 -8.98
N ALA A 186 -10.15 -0.43 -10.17
CA ALA A 186 -9.24 0.16 -11.14
C ALA A 186 -8.53 1.39 -10.55
N GLU A 187 -9.27 2.20 -9.78
CA GLU A 187 -8.72 3.41 -9.20
C GLU A 187 -7.56 3.11 -8.25
N TYR A 188 -7.72 2.07 -7.45
CA TYR A 188 -6.69 1.65 -6.52
C TYR A 188 -5.48 1.03 -7.23
N TYR A 189 -5.72 0.08 -8.13
CA TYR A 189 -4.62 -0.47 -8.88
C TYR A 189 -3.85 0.62 -9.62
N ALA A 190 -4.55 1.59 -10.21
CA ALA A 190 -3.86 2.65 -10.95
C ALA A 190 -2.84 3.39 -10.05
N ASP A 191 -3.24 3.64 -8.79
CA ASP A 191 -2.31 4.23 -7.82
C ASP A 191 -1.11 3.33 -7.53
N LEU A 192 -1.35 2.04 -7.30
CA LEU A 192 -0.26 1.09 -7.09
C LEU A 192 0.62 1.03 -8.32
N TYR A 193 -0.01 0.93 -9.49
CA TYR A 193 0.77 0.89 -10.72
C TYR A 193 1.71 2.10 -10.81
N ARG A 194 1.19 3.30 -10.57
CA ARG A 194 2.02 4.51 -10.66
C ARG A 194 3.21 4.47 -9.69
N GLN A 195 2.96 3.97 -8.49
CA GLN A 195 4.02 3.85 -7.48
C GLN A 195 5.09 2.79 -7.83
N PHE A 196 4.64 1.55 -8.03
CA PHE A 196 5.55 0.46 -8.40
C PHE A 196 6.43 0.83 -9.60
N GLN A 197 5.81 1.32 -10.68
CA GLN A 197 6.55 1.56 -11.91
C GLN A 197 7.63 2.60 -11.74
N THR A 198 7.44 3.52 -10.79
CA THR A 198 8.44 4.55 -10.51
C THR A 198 9.82 3.95 -10.21
N TYR A 199 9.85 2.81 -9.53
CA TYR A 199 11.09 2.23 -9.04
C TYR A 199 11.66 1.11 -9.92
N LEU A 200 11.05 0.92 -11.08
CA LEU A 200 11.54 -0.04 -12.06
C LEU A 200 12.38 0.74 -13.07
N ARG A 201 13.70 0.70 -12.88
CA ARG A 201 14.60 1.58 -13.59
C ARG A 201 15.17 0.98 -14.87
N ASN A 202 15.66 1.87 -15.74
CA ASN A 202 16.44 1.46 -16.89
C ASN A 202 17.92 1.51 -16.51
N TYR A 203 18.53 0.36 -16.30
CA TYR A 203 19.96 0.35 -15.98
C TYR A 203 20.76 0.05 -17.24
N GLY A 204 21.98 0.59 -17.30
CA GLY A 204 22.84 0.37 -18.44
C GLY A 204 22.17 0.80 -19.73
N ASP A 205 22.20 -0.08 -20.72
CA ASP A 205 21.55 0.18 -22.01
C ASP A 205 20.14 -0.40 -22.08
N ASN A 206 19.64 -0.92 -20.97
CA ASN A 206 18.30 -1.51 -20.97
C ASN A 206 17.20 -0.46 -21.01
N LYS A 207 16.15 -0.74 -21.77
CA LYS A 207 14.97 0.12 -21.81
C LYS A 207 13.74 -0.73 -21.51
N LEU A 208 13.15 -0.50 -20.34
CA LEU A 208 11.98 -1.26 -19.93
C LEU A 208 10.71 -0.78 -20.64
N HIS A 209 9.90 -1.71 -21.11
CA HIS A 209 8.58 -1.36 -21.59
C HIS A 209 7.60 -1.83 -20.53
N LYS A 210 7.13 -0.89 -19.73
CA LYS A 210 6.33 -1.21 -18.56
C LYS A 210 4.88 -1.41 -18.97
N ILE A 211 4.32 -2.53 -18.57
CA ILE A 211 2.98 -2.89 -18.98
C ILE A 211 2.04 -2.89 -17.79
N ALA A 212 1.00 -2.06 -17.86
CA ALA A 212 -0.02 -2.03 -16.81
C ALA A 212 -1.06 -3.12 -17.01
N CYS A 213 -1.56 -3.66 -15.90
CA CYS A 213 -2.66 -4.60 -15.94
C CYS A 213 -3.91 -3.96 -16.55
N GLY A 214 -4.40 -4.55 -17.63
CA GLY A 214 -5.58 -4.04 -18.30
C GLY A 214 -6.84 -4.83 -17.96
N ALA A 215 -7.88 -4.61 -18.76
CA ALA A 215 -9.21 -5.11 -18.47
C ALA A 215 -9.42 -6.61 -18.62
N ASN A 216 -10.32 -7.15 -17.81
CA ASN A 216 -10.92 -8.45 -18.07
C ASN A 216 -12.05 -8.29 -19.07
N THR A 217 -11.93 -8.93 -20.23
CA THR A 217 -13.05 -9.00 -21.19
C THR A 217 -13.67 -7.62 -21.46
N ALA A 218 -14.95 -7.42 -21.14
CA ALA A 218 -15.60 -6.15 -21.51
C ALA A 218 -15.67 -5.11 -20.39
N ASP A 219 -14.70 -5.13 -19.49
CA ASP A 219 -14.65 -4.13 -18.42
C ASP A 219 -14.03 -2.84 -18.97
N TYR A 220 -14.81 -2.11 -19.78
CA TYR A 220 -14.35 -0.88 -20.39
C TYR A 220 -14.01 0.19 -19.35
N HIS A 221 -14.72 0.17 -18.22
CA HIS A 221 -14.40 1.10 -17.13
C HIS A 221 -12.95 0.96 -16.64
N TRP A 222 -12.43 -0.27 -16.59
CA TRP A 222 -11.02 -0.44 -16.19
C TRP A 222 -10.08 0.31 -17.13
N THR A 223 -10.29 0.13 -18.43
CA THR A 223 -9.45 0.76 -19.44
C THR A 223 -9.51 2.28 -19.31
N GLU A 224 -10.72 2.78 -19.09
CA GLU A 224 -10.93 4.21 -18.97
C GLU A 224 -10.15 4.78 -17.79
N VAL A 225 -10.29 4.14 -16.62
CA VAL A 225 -9.56 4.60 -15.44
C VAL A 225 -8.04 4.54 -15.62
N LEU A 226 -7.53 3.41 -16.11
CA LEU A 226 -6.10 3.23 -16.26
C LEU A 226 -5.54 4.23 -17.26
N MET A 227 -6.28 4.48 -18.35
CA MET A 227 -5.80 5.44 -19.33
C MET A 227 -5.83 6.84 -18.74
N LYS A 228 -6.92 7.18 -18.06
CA LYS A 228 -7.09 8.54 -17.54
C LYS A 228 -6.07 8.82 -16.45
N GLN A 229 -5.82 7.83 -15.60
CA GLN A 229 -4.98 8.00 -14.43
C GLN A 229 -3.50 7.67 -14.63
N ALA A 230 -3.17 6.81 -15.58
CA ALA A 230 -1.82 6.27 -15.62
C ALA A 230 -1.14 6.20 -16.99
N ALA A 231 -1.81 6.68 -18.04
CA ALA A 231 -1.25 6.63 -19.40
C ALA A 231 0.18 7.13 -19.50
N PRO A 232 0.50 8.31 -18.91
CA PRO A 232 1.87 8.82 -19.07
C PRO A 232 2.91 7.91 -18.43
N PHE A 233 2.50 6.95 -17.61
CA PHE A 233 3.46 6.12 -16.90
C PHE A 233 3.56 4.70 -17.40
N MET A 234 2.94 4.41 -18.55
CA MET A 234 2.98 3.05 -19.05
C MET A 234 3.40 3.04 -20.52
N HIS A 235 3.98 1.94 -20.97
CA HIS A 235 4.24 1.77 -22.38
C HIS A 235 3.24 0.79 -23.02
N GLY A 236 2.51 0.05 -22.20
CA GLY A 236 1.49 -0.85 -22.73
C GLY A 236 0.41 -1.13 -21.72
N LEU A 237 -0.75 -1.54 -22.22
CA LEU A 237 -1.87 -1.86 -21.36
C LEU A 237 -2.42 -3.19 -21.84
N SER A 238 -2.68 -4.12 -20.92
CA SER A 238 -3.04 -5.46 -21.34
C SER A 238 -4.56 -5.64 -21.46
N LEU A 239 -4.96 -6.79 -21.95
CA LEU A 239 -6.36 -7.18 -22.12
C LEU A 239 -6.38 -8.70 -22.04
N HIS A 240 -7.33 -9.26 -21.31
CA HIS A 240 -7.45 -10.70 -21.20
C HIS A 240 -8.83 -11.10 -21.73
N TYR A 241 -8.86 -12.11 -22.59
CA TYR A 241 -10.13 -12.63 -23.08
C TYR A 241 -10.03 -14.09 -23.50
N TYR A 242 -10.69 -14.95 -22.76
CA TYR A 242 -10.76 -16.37 -23.07
C TYR A 242 -12.04 -16.73 -23.80
N THR A 243 -11.92 -17.69 -24.71
CA THR A 243 -13.07 -18.20 -25.44
C THR A 243 -13.62 -19.41 -24.66
N VAL A 244 -14.78 -19.23 -24.03
CA VAL A 244 -15.40 -20.24 -23.17
C VAL A 244 -16.78 -20.57 -23.73
N PRO A 245 -16.94 -21.76 -24.33
CA PRO A 245 -18.19 -22.13 -25.00
C PRO A 245 -19.41 -22.07 -24.10
N GLY A 246 -19.41 -22.84 -23.02
CA GLY A 246 -20.57 -22.89 -22.14
C GLY A 246 -20.36 -22.03 -20.90
N PRO A 247 -21.28 -22.13 -19.93
CA PRO A 247 -21.11 -21.40 -18.66
C PRO A 247 -19.79 -21.79 -17.98
N TRP A 248 -19.28 -20.92 -17.11
CA TRP A 248 -18.03 -21.20 -16.41
C TRP A 248 -18.11 -22.54 -15.69
N GLU A 249 -19.28 -22.83 -15.13
CA GLU A 249 -19.51 -24.04 -14.34
C GLU A 249 -19.44 -25.30 -15.19
N LYS A 250 -19.69 -25.17 -16.49
CA LYS A 250 -19.65 -26.32 -17.38
C LYS A 250 -19.28 -25.85 -18.77
N LYS A 251 -17.99 -25.69 -19.02
CA LYS A 251 -17.53 -25.02 -20.24
C LYS A 251 -17.76 -25.84 -21.50
N GLY A 252 -17.81 -27.16 -21.36
CA GLY A 252 -17.88 -28.03 -22.52
C GLY A 252 -16.54 -28.70 -22.75
N PRO A 253 -16.54 -29.78 -23.55
CA PRO A 253 -15.31 -30.57 -23.75
C PRO A 253 -14.49 -30.10 -24.93
N ALA A 254 -13.19 -30.43 -24.92
CA ALA A 254 -12.29 -30.09 -26.02
C ALA A 254 -12.55 -31.00 -27.24
N THR A 255 -13.02 -32.21 -26.98
CA THR A 255 -13.36 -33.12 -28.06
C THR A 255 -14.74 -33.70 -27.83
N GLY A 256 -15.33 -34.26 -28.89
CA GLY A 256 -16.62 -34.91 -28.80
C GLY A 256 -17.75 -33.94 -28.57
N PHE A 257 -17.53 -32.67 -28.92
CA PHE A 257 -18.54 -31.63 -28.75
C PHE A 257 -19.55 -31.61 -29.90
N THR A 258 -20.63 -30.86 -29.72
CA THR A 258 -21.72 -30.81 -30.70
C THR A 258 -21.46 -29.73 -31.75
N THR A 259 -22.26 -29.73 -32.81
CA THR A 259 -22.17 -28.68 -33.82
C THR A 259 -22.50 -27.31 -33.23
N ASP A 260 -23.47 -27.26 -32.33
CA ASP A 260 -23.80 -26.01 -31.63
C ASP A 260 -22.56 -25.46 -30.91
N GLU A 261 -21.80 -26.33 -30.26
CA GLU A 261 -20.57 -25.90 -29.60
C GLU A 261 -19.50 -25.42 -30.57
N TRP A 262 -19.46 -26.00 -31.77
CA TRP A 262 -18.56 -25.48 -32.79
C TRP A 262 -18.87 -24.02 -33.05
N TRP A 263 -20.14 -23.74 -33.36
CA TRP A 263 -20.55 -22.42 -33.77
C TRP A 263 -20.40 -21.41 -32.64
N VAL A 264 -20.78 -21.82 -31.43
CA VAL A 264 -20.69 -20.94 -30.27
C VAL A 264 -19.23 -20.59 -29.99
N THR A 265 -18.36 -21.59 -30.09
CA THR A 265 -16.94 -21.38 -29.82
C THR A 265 -16.35 -20.37 -30.79
N LEU A 266 -16.66 -20.51 -32.09
CA LEU A 266 -16.12 -19.57 -33.07
C LEU A 266 -16.75 -18.19 -32.92
N LYS A 267 -18.03 -18.13 -32.57
CA LYS A 267 -18.69 -16.85 -32.39
C LYS A 267 -18.05 -16.08 -31.24
N LYS A 268 -17.80 -16.78 -30.14
CA LYS A 268 -17.17 -16.13 -29.00
C LYS A 268 -15.73 -15.73 -29.30
N ALA A 269 -15.00 -16.54 -30.07
CA ALA A 269 -13.63 -16.17 -30.40
C ALA A 269 -13.61 -14.84 -31.18
N LEU A 270 -14.57 -14.69 -32.10
CA LEU A 270 -14.62 -13.50 -32.96
C LEU A 270 -14.99 -12.24 -32.17
N PHE A 271 -15.56 -12.43 -30.99
CA PHE A 271 -15.86 -11.32 -30.08
C PHE A 271 -14.59 -10.56 -29.73
N MET A 272 -13.43 -11.18 -29.94
CA MET A 272 -12.16 -10.48 -29.71
C MET A 272 -12.12 -9.17 -30.48
N ASP A 273 -12.73 -9.17 -31.67
CA ASP A 273 -12.65 -7.99 -32.53
C ASP A 273 -13.40 -6.81 -31.90
N ARG A 274 -14.60 -7.08 -31.39
CA ARG A 274 -15.38 -6.05 -30.70
C ARG A 274 -14.62 -5.51 -29.48
N LEU A 275 -14.06 -6.41 -28.67
CA LEU A 275 -13.30 -6.03 -27.49
C LEU A 275 -12.10 -5.15 -27.83
N VAL A 276 -11.25 -5.62 -28.73
CA VAL A 276 -10.08 -4.84 -29.14
C VAL A 276 -10.51 -3.49 -29.70
N THR A 277 -11.56 -3.49 -30.52
CA THR A 277 -12.07 -2.27 -31.12
C THR A 277 -12.52 -1.30 -30.03
N LYS A 278 -13.34 -1.77 -29.10
CA LYS A 278 -13.90 -0.88 -28.09
C LYS A 278 -12.87 -0.42 -27.04
N HIS A 279 -11.98 -1.32 -26.64
CA HIS A 279 -10.91 -0.92 -25.72
C HIS A 279 -9.97 0.07 -26.42
N SER A 280 -9.70 -0.16 -27.71
CA SER A 280 -8.85 0.75 -28.47
C SER A 280 -9.48 2.13 -28.61
N ALA A 281 -10.79 2.17 -28.75
CA ALA A 281 -11.47 3.45 -28.90
C ALA A 281 -11.27 4.31 -27.65
N ILE A 282 -11.32 3.67 -26.48
CA ILE A 282 -11.09 4.40 -25.24
C ILE A 282 -9.64 4.85 -25.16
N MET A 283 -8.72 3.97 -25.54
CA MET A 283 -7.30 4.32 -25.56
C MET A 283 -7.04 5.50 -26.50
N ASP A 284 -7.80 5.56 -27.60
CA ASP A 284 -7.62 6.65 -28.57
C ASP A 284 -7.96 8.00 -27.95
N VAL A 285 -8.93 8.01 -27.05
CA VAL A 285 -9.33 9.27 -26.41
C VAL A 285 -8.17 9.86 -25.61
N TYR A 286 -7.43 9.02 -24.89
CA TYR A 286 -6.33 9.48 -24.04
C TYR A 286 -4.97 9.41 -24.68
N ASP A 287 -4.86 8.63 -25.74
CA ASP A 287 -3.56 8.40 -26.37
C ASP A 287 -3.77 8.30 -27.89
N PRO A 288 -4.16 9.43 -28.51
CA PRO A 288 -4.47 9.50 -29.94
C PRO A 288 -3.30 9.14 -30.85
N ASP A 289 -2.08 9.37 -30.39
CA ASP A 289 -0.92 9.02 -31.23
C ASP A 289 -0.62 7.52 -31.16
N LYS A 290 -1.41 6.81 -30.36
CA LYS A 290 -1.22 5.37 -30.18
C LYS A 290 0.17 4.99 -29.67
N ARG A 291 0.70 5.78 -28.74
CA ARG A 291 2.00 5.50 -28.15
C ARG A 291 1.93 4.18 -27.35
N ILE A 292 0.86 4.00 -26.61
CA ILE A 292 0.71 2.85 -25.74
C ILE A 292 0.22 1.60 -26.47
N ASP A 293 0.96 0.49 -26.34
CA ASP A 293 0.57 -0.78 -26.92
C ASP A 293 -0.67 -1.33 -26.25
N LEU A 294 -1.58 -1.94 -27.02
CA LEU A 294 -2.56 -2.84 -26.43
C LEU A 294 -1.96 -4.25 -26.48
N ILE A 295 -1.92 -4.92 -25.33
CA ILE A 295 -1.24 -6.19 -25.22
C ILE A 295 -2.23 -7.23 -24.79
N VAL A 296 -2.60 -8.12 -25.71
CA VAL A 296 -3.58 -9.15 -25.38
C VAL A 296 -2.85 -10.36 -24.84
N ASP A 297 -2.42 -10.25 -23.58
CA ASP A 297 -1.47 -11.21 -23.05
C ASP A 297 -2.06 -12.44 -22.38
N GLU A 298 -3.38 -12.61 -22.47
CA GLU A 298 -4.01 -13.90 -22.23
C GLU A 298 -5.20 -14.05 -23.17
N TRP A 299 -5.17 -15.08 -24.01
CA TRP A 299 -6.30 -15.39 -24.88
C TRP A 299 -6.22 -16.87 -25.26
N GLY A 300 -7.31 -17.39 -25.84
CA GLY A 300 -7.37 -18.79 -26.25
C GLY A 300 -8.62 -19.44 -25.71
N THR A 301 -8.84 -20.70 -26.06
CA THR A 301 -10.03 -21.39 -25.61
C THR A 301 -9.79 -21.98 -24.22
N TRP A 302 -10.86 -22.14 -23.46
CA TRP A 302 -10.78 -22.74 -22.14
C TRP A 302 -11.98 -23.68 -22.01
N TYR A 303 -11.70 -24.97 -21.91
CA TYR A 303 -12.73 -26.00 -21.80
C TYR A 303 -12.69 -26.68 -20.43
N ASP A 304 -13.59 -27.62 -20.20
CA ASP A 304 -13.46 -28.48 -19.05
C ASP A 304 -12.20 -29.31 -19.31
N VAL A 305 -11.47 -29.70 -18.26
CA VAL A 305 -10.27 -30.48 -18.45
C VAL A 305 -10.65 -31.88 -18.93
N GLU A 306 -9.66 -32.63 -19.41
CA GLU A 306 -9.92 -33.98 -19.88
C GLU A 306 -10.42 -34.83 -18.72
N PRO A 307 -11.40 -35.70 -18.99
CA PRO A 307 -12.03 -36.57 -17.98
C PRO A 307 -11.00 -37.30 -17.11
N GLY A 308 -11.20 -37.24 -15.80
CA GLY A 308 -10.34 -37.94 -14.88
C GLY A 308 -9.07 -37.19 -14.50
N THR A 309 -8.84 -36.03 -15.12
CA THR A 309 -7.65 -35.24 -14.80
C THR A 309 -7.97 -34.16 -13.76
N ASN A 310 -6.92 -33.62 -13.14
CA ASN A 310 -7.08 -32.65 -12.07
C ASN A 310 -7.60 -31.33 -12.64
N PRO A 311 -8.75 -30.86 -12.16
CA PRO A 311 -9.24 -29.64 -12.79
C PRO A 311 -8.34 -28.42 -12.51
N GLY A 312 -7.49 -28.49 -11.49
CA GLY A 312 -6.57 -27.41 -11.20
C GLY A 312 -5.40 -27.32 -12.17
N PHE A 313 -5.18 -28.37 -12.97
CA PHE A 313 -4.07 -28.41 -13.90
C PHE A 313 -4.44 -27.92 -15.32
N LEU A 314 -5.73 -27.77 -15.59
CA LEU A 314 -6.20 -27.20 -16.86
C LEU A 314 -5.72 -27.92 -18.13
N TYR A 315 -5.50 -29.22 -18.04
CA TYR A 315 -5.13 -30.01 -19.22
C TYR A 315 -6.34 -30.27 -20.12
N GLN A 316 -6.28 -29.80 -21.37
CA GLN A 316 -7.38 -29.99 -22.31
C GLN A 316 -6.82 -30.36 -23.68
N GLN A 317 -7.59 -31.14 -24.42
CA GLN A 317 -7.17 -31.52 -25.76
C GLN A 317 -7.31 -30.33 -26.69
N ASN A 318 -6.90 -30.51 -27.94
CA ASN A 318 -6.74 -29.40 -28.87
C ASN A 318 -7.10 -29.89 -30.28
N SER A 319 -8.10 -29.30 -30.91
CA SER A 319 -8.61 -29.84 -32.18
C SER A 319 -8.62 -28.82 -33.28
N ILE A 320 -9.08 -29.23 -34.46
CA ILE A 320 -9.17 -28.32 -35.59
C ILE A 320 -10.03 -27.08 -35.21
N ARG A 321 -10.97 -27.25 -34.28
CA ARG A 321 -11.74 -26.12 -33.76
C ARG A 321 -10.80 -25.06 -33.15
N ASP A 322 -9.84 -25.53 -32.36
CA ASP A 322 -8.85 -24.64 -31.77
C ASP A 322 -7.98 -23.98 -32.83
N ALA A 323 -7.62 -24.73 -33.86
CA ALA A 323 -6.87 -24.13 -34.97
C ALA A 323 -7.64 -22.97 -35.59
N LEU A 324 -8.95 -23.15 -35.77
CA LEU A 324 -9.75 -22.07 -36.33
C LEU A 324 -9.82 -20.85 -35.40
N VAL A 325 -10.03 -21.09 -34.12
CA VAL A 325 -9.97 -20.01 -33.13
C VAL A 325 -8.63 -19.26 -33.23
N ALA A 326 -7.54 -20.01 -33.32
CA ALA A 326 -6.22 -19.39 -33.33
C ALA A 326 -6.03 -18.56 -34.60
N GLY A 327 -6.31 -19.16 -35.75
CA GLY A 327 -6.19 -18.45 -37.02
C GLY A 327 -7.06 -17.20 -37.12
N ALA A 328 -8.32 -17.32 -36.74
CA ALA A 328 -9.24 -16.19 -36.83
C ALA A 328 -8.84 -15.06 -35.88
N THR A 329 -8.37 -15.43 -34.70
CA THR A 329 -8.01 -14.44 -33.71
C THR A 329 -6.72 -13.71 -34.13
N LEU A 330 -5.76 -14.46 -34.64
CA LEU A 330 -4.53 -13.86 -35.13
C LEU A 330 -4.84 -12.86 -36.25
N HIS A 331 -5.82 -13.19 -37.10
CA HIS A 331 -6.25 -12.26 -38.15
C HIS A 331 -6.86 -10.99 -37.57
N ILE A 332 -7.57 -11.13 -36.46
CA ILE A 332 -8.12 -9.97 -35.76
C ILE A 332 -6.98 -9.08 -35.25
N PHE A 333 -5.98 -9.68 -34.60
CA PHE A 333 -4.80 -8.90 -34.20
C PHE A 333 -4.16 -8.19 -35.41
N HIS A 334 -4.03 -8.89 -36.54
CA HIS A 334 -3.49 -8.26 -37.75
C HIS A 334 -4.26 -6.99 -38.09
N ARG A 335 -5.58 -7.08 -38.09
CA ARG A 335 -6.44 -5.94 -38.46
C ARG A 335 -6.22 -4.75 -37.53
N HIS A 336 -5.84 -5.02 -36.29
CA HIS A 336 -5.66 -3.96 -35.31
C HIS A 336 -4.19 -3.74 -34.97
N CYS A 337 -3.30 -4.04 -35.93
CA CYS A 337 -1.87 -4.02 -35.62
C CYS A 337 -1.29 -2.62 -35.43
N ASP A 338 -2.10 -1.59 -35.67
CA ASP A 338 -1.68 -0.22 -35.38
C ASP A 338 -1.68 0.06 -33.88
N ARG A 339 -2.38 -0.77 -33.12
CA ARG A 339 -2.48 -0.58 -31.68
C ARG A 339 -2.05 -1.86 -30.92
N VAL A 340 -2.50 -3.02 -31.40
CA VAL A 340 -2.12 -4.30 -30.79
C VAL A 340 -0.73 -4.69 -31.26
N ARG A 341 0.21 -4.80 -30.33
CA ARG A 341 1.60 -5.05 -30.70
C ARG A 341 2.20 -6.26 -30.02
N MET A 342 1.38 -6.92 -29.19
CA MET A 342 1.75 -8.20 -28.61
C MET A 342 0.51 -8.95 -28.16
N ALA A 343 0.52 -10.27 -28.32
CA ALA A 343 -0.52 -11.10 -27.77
C ALA A 343 0.15 -12.39 -27.32
N ASN A 344 -0.47 -13.06 -26.35
CA ASN A 344 0.14 -14.22 -25.74
C ASN A 344 -0.92 -15.28 -25.51
N ILE A 345 -0.89 -16.34 -26.32
CA ILE A 345 -1.95 -17.33 -26.22
C ILE A 345 -1.73 -18.15 -24.94
N ALA A 346 -2.81 -18.47 -24.26
CA ALA A 346 -2.73 -19.00 -22.94
C ALA A 346 -2.35 -20.44 -22.97
N GLN A 347 -1.04 -20.54 -22.81
CA GLN A 347 -0.26 -21.58 -22.19
C GLN A 347 0.36 -22.60 -23.10
N LEU A 348 1.67 -22.50 -23.05
CA LEU A 348 2.54 -23.05 -24.05
C LEU A 348 2.43 -24.57 -24.12
N VAL A 349 2.40 -25.23 -22.95
CA VAL A 349 2.47 -26.69 -22.91
C VAL A 349 1.52 -27.28 -21.87
N ASN A 350 0.78 -28.33 -22.23
CA ASN A 350 -0.10 -29.05 -21.30
C ASN A 350 -1.15 -28.22 -20.58
N VAL A 351 -1.34 -26.97 -21.00
CA VAL A 351 -2.26 -26.10 -20.25
C VAL A 351 -3.09 -25.24 -21.20
N LEU A 352 -4.41 -25.31 -21.04
CA LEU A 352 -5.32 -24.57 -21.90
C LEU A 352 -5.00 -24.81 -23.36
N GLN A 353 -4.98 -23.75 -24.17
CA GLN A 353 -4.86 -23.93 -25.62
C GLN A 353 -3.40 -24.03 -26.09
N SER A 354 -2.77 -25.16 -25.77
CA SER A 354 -1.33 -25.34 -25.96
C SER A 354 -0.95 -25.72 -27.36
N VAL A 355 0.26 -25.33 -27.77
CA VAL A 355 0.80 -25.77 -29.01
C VAL A 355 1.37 -27.18 -28.90
N ILE A 356 1.69 -27.58 -27.67
CA ILE A 356 2.33 -28.88 -27.44
C ILE A 356 1.75 -29.54 -26.22
N LEU A 357 1.66 -30.86 -26.24
CA LEU A 357 1.24 -31.63 -25.08
C LEU A 357 2.28 -32.72 -24.93
N THR A 358 2.61 -33.09 -23.69
CA THR A 358 3.61 -34.12 -23.47
C THR A 358 3.05 -35.17 -22.56
N GLU A 359 3.62 -36.37 -22.62
CA GLU A 359 3.27 -37.42 -21.69
C GLU A 359 4.56 -38.20 -21.46
N GLY A 360 5.28 -37.87 -20.38
CA GLY A 360 6.61 -38.42 -20.21
C GLY A 360 7.49 -38.01 -21.38
N GLU A 361 8.22 -38.97 -21.93
CA GLU A 361 9.15 -38.65 -23.00
C GLU A 361 8.46 -38.39 -24.34
N ARG A 362 7.16 -38.65 -24.41
CA ARG A 362 6.45 -38.43 -25.67
C ARG A 362 5.86 -37.02 -25.73
N MET A 363 5.71 -36.51 -26.96
CA MET A 363 5.02 -35.24 -27.16
C MET A 363 4.26 -35.26 -28.48
N LEU A 364 3.30 -34.35 -28.61
CA LEU A 364 2.63 -34.18 -29.88
C LEU A 364 2.48 -32.69 -30.14
N LEU A 365 2.32 -32.35 -31.42
CA LEU A 365 2.06 -30.99 -31.86
C LEU A 365 0.56 -30.89 -32.10
N THR A 366 -0.10 -29.87 -31.56
CA THR A 366 -1.53 -29.75 -31.72
C THR A 366 -1.85 -28.99 -33.01
N PRO A 367 -3.12 -29.03 -33.43
CA PRO A 367 -3.55 -28.18 -34.55
C PRO A 367 -3.22 -26.71 -34.26
N THR A 368 -3.22 -26.30 -33.00
CA THR A 368 -2.84 -24.91 -32.67
C THR A 368 -1.36 -24.64 -33.02
N TYR A 369 -0.47 -25.56 -32.67
CA TYR A 369 0.93 -25.44 -33.07
C TYR A 369 1.05 -25.18 -34.56
N HIS A 370 0.32 -25.97 -35.36
CA HIS A 370 0.45 -25.89 -36.80
C HIS A 370 0.00 -24.54 -37.32
N VAL A 371 -1.02 -23.97 -36.69
CA VAL A 371 -1.43 -22.62 -37.09
C VAL A 371 -0.30 -21.63 -36.82
N PHE A 372 0.29 -21.69 -35.63
CA PHE A 372 1.37 -20.72 -35.32
C PHE A 372 2.58 -20.89 -36.24
N ASN A 373 2.87 -22.14 -36.58
CA ASN A 373 3.97 -22.48 -37.48
C ASN A 373 3.69 -22.06 -38.92
N MET A 374 2.47 -22.26 -39.41
CA MET A 374 2.15 -21.79 -40.74
C MET A 374 2.12 -20.26 -40.83
N PHE A 375 1.62 -19.62 -39.77
CA PHE A 375 1.45 -18.16 -39.80
C PHE A 375 2.72 -17.42 -39.42
N LYS A 376 3.78 -18.14 -39.04
CA LYS A 376 4.99 -17.44 -38.61
C LYS A 376 5.49 -16.51 -39.71
N VAL A 377 5.09 -16.79 -40.95
CA VAL A 377 5.46 -15.93 -42.10
C VAL A 377 4.92 -14.50 -42.00
N HIS A 378 3.93 -14.30 -41.12
CA HIS A 378 3.34 -12.98 -40.90
C HIS A 378 4.15 -12.16 -39.88
N GLN A 379 5.01 -12.82 -39.11
CA GLN A 379 5.75 -12.09 -38.07
C GLN A 379 6.58 -10.96 -38.65
N ASP A 380 6.39 -9.76 -38.10
CA ASP A 380 7.07 -8.56 -38.58
C ASP A 380 6.86 -8.28 -40.06
N ALA A 381 5.80 -8.84 -40.63
CA ALA A 381 5.47 -8.58 -42.03
C ALA A 381 4.73 -7.27 -42.17
N GLU A 382 4.67 -6.75 -43.40
CA GLU A 382 3.86 -5.58 -43.68
C GLU A 382 2.45 -6.00 -44.01
N LEU A 383 1.48 -5.46 -43.28
CA LEU A 383 0.09 -5.75 -43.54
C LEU A 383 -0.32 -5.07 -44.85
N LEU A 384 -0.97 -5.83 -45.74
CA LEU A 384 -1.36 -5.31 -47.04
C LEU A 384 -2.82 -4.95 -47.03
N ASP A 385 -3.15 -3.85 -47.69
CA ASP A 385 -4.54 -3.42 -47.74
C ASP A 385 -5.37 -4.48 -48.47
N THR A 386 -6.44 -4.95 -47.83
CA THR A 386 -7.35 -5.90 -48.46
C THR A 386 -8.82 -5.52 -48.27
N TRP A 387 -9.58 -5.60 -49.35
CA TRP A 387 -11.01 -5.36 -49.30
C TRP A 387 -11.68 -6.72 -49.46
N GLU A 388 -12.78 -6.93 -48.77
CA GLU A 388 -13.40 -8.23 -48.85
C GLU A 388 -14.91 -8.18 -48.71
N SER A 389 -15.52 -9.21 -49.26
CA SER A 389 -16.96 -9.38 -49.22
C SER A 389 -17.14 -10.87 -49.13
N VAL A 390 -17.38 -11.38 -47.93
CA VAL A 390 -17.36 -12.82 -47.74
C VAL A 390 -18.76 -13.35 -47.52
N GLU A 391 -18.99 -14.59 -47.94
CA GLU A 391 -20.27 -15.21 -47.64
C GLU A 391 -20.37 -15.53 -46.14
N ARG A 392 -21.58 -15.81 -45.69
CA ARG A 392 -21.83 -16.11 -44.29
C ARG A 392 -21.96 -17.60 -44.07
N THR A 393 -21.85 -18.02 -42.81
CA THR A 393 -22.00 -19.42 -42.46
C THR A 393 -22.57 -19.52 -41.05
N GLY A 394 -22.89 -20.73 -40.63
CA GLY A 394 -23.44 -20.95 -39.31
C GLY A 394 -24.90 -20.56 -39.18
N PRO A 395 -25.47 -20.77 -38.00
CA PRO A 395 -26.88 -20.44 -37.72
C PRO A 395 -27.19 -18.99 -38.06
N GLU A 396 -28.17 -18.80 -38.94
CA GLU A 396 -28.60 -17.46 -39.33
C GLU A 396 -27.44 -16.60 -39.84
N GLY A 397 -26.48 -17.25 -40.50
CA GLY A 397 -25.33 -16.56 -41.04
C GLY A 397 -24.60 -15.67 -40.04
N GLU A 398 -24.59 -16.08 -38.77
CA GLU A 398 -23.92 -15.31 -37.72
C GLU A 398 -22.39 -15.21 -37.88
N LEU A 399 -21.81 -16.08 -38.70
CA LEU A 399 -20.35 -16.06 -38.86
C LEU A 399 -19.92 -15.73 -40.27
N PRO A 400 -18.74 -15.12 -40.41
CA PRO A 400 -18.20 -14.98 -41.76
C PRO A 400 -17.69 -16.35 -42.17
N LYS A 401 -17.90 -16.75 -43.43
CA LYS A 401 -17.50 -18.08 -43.85
C LYS A 401 -15.97 -18.18 -43.86
N VAL A 402 -15.35 -17.08 -44.24
CA VAL A 402 -13.91 -17.03 -44.41
C VAL A 402 -13.31 -15.84 -43.66
N SER A 403 -12.11 -16.02 -43.12
CA SER A 403 -11.32 -14.92 -42.58
C SER A 403 -10.01 -14.89 -43.36
N VAL A 404 -9.65 -13.72 -43.88
CA VAL A 404 -8.48 -13.61 -44.77
C VAL A 404 -7.56 -12.46 -44.37
N SER A 405 -6.27 -12.70 -44.48
CA SER A 405 -5.31 -11.66 -44.18
C SER A 405 -4.15 -11.81 -45.15
N ALA A 406 -3.60 -10.71 -45.61
CA ALA A 406 -2.46 -10.75 -46.52
C ALA A 406 -1.31 -9.89 -46.00
N SER A 407 -0.08 -10.39 -46.11
CA SER A 407 1.08 -9.60 -45.69
C SER A 407 2.26 -9.78 -46.64
N ARG A 408 3.23 -8.87 -46.61
CA ARG A 408 4.42 -9.03 -47.43
C ARG A 408 5.67 -9.12 -46.57
N ALA A 409 6.38 -10.23 -46.68
CA ALA A 409 7.58 -10.47 -45.88
C ALA A 409 8.75 -9.61 -46.35
N ALA A 410 9.79 -9.54 -45.54
CA ALA A 410 10.96 -8.73 -45.86
C ALA A 410 11.63 -9.20 -47.16
N ASP A 411 11.57 -10.50 -47.43
CA ASP A 411 12.14 -11.06 -48.65
C ASP A 411 11.25 -10.79 -49.87
N GLY A 412 10.18 -10.02 -49.69
CA GLY A 412 9.33 -9.62 -50.80
C GLY A 412 8.22 -10.59 -51.16
N LYS A 413 8.24 -11.78 -50.56
CA LYS A 413 7.19 -12.74 -50.81
C LYS A 413 5.90 -12.29 -50.12
N ILE A 414 4.76 -12.61 -50.74
CA ILE A 414 3.45 -12.26 -50.21
C ILE A 414 2.77 -13.51 -49.66
N HIS A 415 2.22 -13.40 -48.46
CA HIS A 415 1.51 -14.51 -47.84
C HIS A 415 0.07 -14.14 -47.61
N ILE A 416 -0.84 -14.99 -48.08
CA ILE A 416 -2.25 -14.80 -47.84
C ILE A 416 -2.73 -15.97 -47.03
N SER A 417 -3.32 -15.71 -45.87
CA SER A 417 -3.80 -16.81 -45.04
C SER A 417 -5.32 -16.74 -44.96
N LEU A 418 -5.98 -17.90 -45.04
CA LEU A 418 -7.44 -17.98 -45.11
C LEU A 418 -7.96 -19.05 -44.18
N CYS A 419 -9.00 -18.73 -43.41
CA CYS A 419 -9.65 -19.71 -42.57
C CYS A 419 -11.07 -19.94 -43.11
N ASN A 420 -11.47 -21.21 -43.24
CA ASN A 420 -12.84 -21.54 -43.58
C ASN A 420 -13.52 -22.03 -42.31
N LEU A 421 -14.42 -21.22 -41.79
CA LEU A 421 -15.04 -21.49 -40.49
C LEU A 421 -16.16 -22.53 -40.57
N ASP A 422 -16.56 -22.88 -41.79
CA ASP A 422 -17.65 -23.84 -41.96
C ASP A 422 -17.06 -25.25 -42.00
N PHE A 423 -17.58 -26.14 -41.17
CA PHE A 423 -17.06 -27.51 -41.15
C PHE A 423 -17.73 -28.41 -42.21
N GLU A 424 -18.84 -27.95 -42.80
CA GLU A 424 -19.66 -28.81 -43.67
C GLU A 424 -19.32 -28.71 -45.16
N THR A 425 -18.91 -27.53 -45.62
CA THR A 425 -18.55 -27.38 -47.03
C THR A 425 -17.31 -26.54 -47.25
N GLY A 426 -16.66 -26.76 -48.38
CA GLY A 426 -15.52 -25.94 -48.75
C GLY A 426 -15.97 -24.53 -49.02
N ALA A 427 -15.01 -23.63 -49.21
CA ALA A 427 -15.34 -22.23 -49.45
C ALA A 427 -14.64 -21.73 -50.70
N SER A 428 -15.43 -21.19 -51.65
CA SER A 428 -14.85 -20.60 -52.84
C SER A 428 -14.43 -19.17 -52.55
N VAL A 429 -13.20 -18.85 -52.89
CA VAL A 429 -12.67 -17.52 -52.66
C VAL A 429 -12.00 -17.04 -53.93
N ASP A 430 -12.46 -15.91 -54.45
CA ASP A 430 -11.83 -15.29 -55.59
C ASP A 430 -11.03 -14.11 -55.11
N ILE A 431 -9.71 -14.17 -55.31
CA ILE A 431 -8.80 -13.17 -54.85
C ILE A 431 -8.20 -12.40 -56.02
N GLU A 432 -8.44 -11.09 -56.05
CA GLU A 432 -7.94 -10.23 -57.09
C GLU A 432 -6.65 -9.57 -56.58
N LEU A 433 -5.56 -9.76 -57.32
CA LEU A 433 -4.26 -9.21 -56.94
C LEU A 433 -3.97 -7.94 -57.73
N ARG A 434 -3.81 -6.81 -57.03
CA ARG A 434 -3.56 -5.52 -57.65
C ARG A 434 -2.24 -4.90 -57.22
N GLY A 435 -1.77 -3.93 -58.01
CA GLY A 435 -0.57 -3.19 -57.69
C GLY A 435 0.65 -4.06 -57.46
N LEU A 436 0.74 -5.13 -58.22
CA LEU A 436 1.78 -6.12 -58.00
C LEU A 436 3.10 -5.75 -58.67
N ASN A 437 3.00 -5.15 -59.86
CA ASN A 437 4.15 -4.83 -60.71
C ASN A 437 4.45 -5.96 -61.71
N GLY A 438 5.23 -6.95 -61.28
CA GLY A 438 5.52 -8.10 -62.13
C GLY A 438 4.36 -9.09 -62.14
N GLY A 439 4.68 -10.36 -62.37
CA GLY A 439 3.70 -11.43 -62.25
C GLY A 439 4.14 -12.36 -61.12
N VAL A 440 3.27 -13.26 -60.69
CA VAL A 440 3.62 -14.15 -59.58
C VAL A 440 3.21 -15.60 -59.78
N SER A 441 3.86 -16.48 -59.03
CA SER A 441 3.47 -17.89 -58.94
C SER A 441 3.15 -18.22 -57.49
N ALA A 442 2.36 -19.25 -57.27
CA ALA A 442 1.87 -19.54 -55.93
C ALA A 442 1.97 -21.00 -55.52
N THR A 443 2.30 -21.22 -54.25
CA THR A 443 2.20 -22.53 -53.64
C THR A 443 1.29 -22.38 -52.43
N GLY A 444 0.79 -23.49 -51.90
CA GLY A 444 -0.09 -23.40 -50.75
C GLY A 444 0.06 -24.59 -49.82
N THR A 445 -0.38 -24.39 -48.59
CA THR A 445 -0.34 -25.43 -47.58
C THR A 445 -1.63 -25.29 -46.79
N THR A 446 -2.23 -26.40 -46.42
CA THR A 446 -3.50 -26.31 -45.73
C THR A 446 -3.58 -27.27 -44.55
N LEU A 447 -4.24 -26.80 -43.49
CA LEU A 447 -4.46 -27.57 -42.30
C LEU A 447 -5.95 -27.83 -42.15
N THR A 448 -6.35 -29.09 -42.26
CA THR A 448 -7.77 -29.40 -42.17
C THR A 448 -7.94 -30.76 -41.52
N SER A 449 -9.18 -31.19 -41.38
CA SER A 449 -9.48 -32.44 -40.73
C SER A 449 -10.80 -32.95 -41.32
N GLY A 450 -11.08 -34.24 -41.16
CA GLY A 450 -12.33 -34.82 -41.63
C GLY A 450 -13.35 -34.96 -40.54
N ARG A 451 -13.00 -34.51 -39.33
CA ARG A 451 -13.88 -34.56 -38.15
C ARG A 451 -13.82 -33.20 -37.45
N ILE A 452 -14.95 -32.67 -36.98
CA ILE A 452 -14.92 -31.35 -36.35
C ILE A 452 -14.12 -31.30 -35.07
N ASP A 453 -13.90 -32.44 -34.43
CA ASP A 453 -13.04 -32.47 -33.23
C ASP A 453 -11.71 -33.20 -33.53
N GLY A 454 -11.32 -33.23 -34.80
CA GLY A 454 -10.06 -33.85 -35.20
C GLY A 454 -8.88 -33.33 -34.39
N HIS A 455 -8.12 -34.26 -33.82
CA HIS A 455 -7.05 -33.90 -32.91
C HIS A 455 -5.95 -34.95 -32.94
N ASN A 456 -4.79 -34.60 -32.38
CA ASN A 456 -3.66 -35.49 -32.31
C ASN A 456 -3.52 -36.09 -30.93
N THR A 457 -3.01 -37.32 -30.87
CA THR A 457 -2.78 -37.96 -29.59
C THR A 457 -1.37 -38.51 -29.58
N PHE A 458 -0.95 -39.06 -28.45
CA PHE A 458 0.40 -39.60 -28.36
C PHE A 458 0.58 -40.84 -29.22
N ASP A 459 -0.45 -41.68 -29.31
CA ASP A 459 -0.39 -42.83 -30.22
C ASP A 459 -0.55 -42.42 -31.68
N GLU A 460 -1.29 -41.35 -31.93
CA GLU A 460 -1.49 -40.86 -33.31
C GLU A 460 -1.17 -39.36 -33.39
N PRO A 461 0.12 -39.02 -33.35
CA PRO A 461 0.53 -37.62 -33.23
C PRO A 461 0.35 -36.83 -34.52
N GLU A 462 0.01 -37.50 -35.61
CA GLU A 462 -0.03 -36.81 -36.90
C GLU A 462 -1.36 -36.94 -37.62
N ARG A 463 -2.42 -37.14 -36.84
CA ARG A 463 -3.77 -37.23 -37.38
C ARG A 463 -4.19 -35.91 -38.04
N VAL A 464 -3.80 -34.78 -37.47
CA VAL A 464 -4.11 -33.47 -38.07
C VAL A 464 -2.81 -32.68 -38.24
N LYS A 465 -2.45 -32.39 -39.49
CA LYS A 465 -1.19 -31.70 -39.77
C LYS A 465 -1.24 -31.03 -41.13
N PRO A 466 -0.36 -30.06 -41.37
CA PRO A 466 -0.45 -29.37 -42.65
C PRO A 466 -0.16 -30.33 -43.82
N ALA A 467 -0.70 -30.02 -45.00
CA ALA A 467 -0.53 -30.83 -46.20
C ALA A 467 -0.48 -29.86 -47.36
N PRO A 468 0.07 -30.29 -48.51
CA PRO A 468 0.11 -29.38 -49.67
C PRO A 468 -1.29 -28.97 -50.09
N PHE A 469 -1.44 -27.74 -50.58
CA PHE A 469 -2.70 -27.26 -51.06
C PHE A 469 -2.56 -26.87 -52.51
N ARG A 470 -3.33 -27.51 -53.37
CA ARG A 470 -3.20 -27.33 -54.82
C ARG A 470 -4.52 -26.96 -55.49
N ASP A 471 -5.59 -26.91 -54.68
CA ASP A 471 -6.94 -26.69 -55.17
C ASP A 471 -7.24 -25.21 -55.46
N PHE A 472 -6.41 -24.60 -56.29
CA PHE A 472 -6.62 -23.22 -56.67
C PHE A 472 -6.05 -22.98 -58.06
N LYS A 473 -6.46 -21.88 -58.68
CA LYS A 473 -5.94 -21.53 -60.00
C LYS A 473 -5.46 -20.11 -59.98
N LEU A 474 -4.24 -19.88 -60.48
CA LEU A 474 -3.70 -18.55 -60.54
C LEU A 474 -3.58 -18.11 -62.00
N GLU A 475 -4.41 -17.17 -62.41
CA GLU A 475 -4.46 -16.75 -63.79
C GLU A 475 -4.60 -15.24 -63.91
N GLY A 476 -3.50 -14.57 -64.25
CA GLY A 476 -3.51 -13.14 -64.51
C GLY A 476 -4.32 -12.30 -63.53
N GLY A 477 -3.69 -11.95 -62.41
CA GLY A 477 -4.29 -11.04 -61.45
C GLY A 477 -5.43 -11.64 -60.66
N HIS A 478 -5.73 -12.90 -60.92
CA HIS A 478 -6.80 -13.57 -60.19
C HIS A 478 -6.34 -14.90 -59.63
N LEU A 479 -6.60 -15.11 -58.34
CA LEU A 479 -6.32 -16.37 -57.70
C LEU A 479 -7.62 -16.89 -57.14
N ASN A 480 -8.10 -17.98 -57.72
CA ASN A 480 -9.34 -18.61 -57.29
C ASN A 480 -9.03 -19.87 -56.53
N ALA A 481 -9.54 -19.98 -55.31
CA ALA A 481 -9.21 -21.09 -54.44
C ALA A 481 -10.46 -21.78 -53.92
N SER A 482 -10.37 -23.09 -53.74
CA SER A 482 -11.42 -23.88 -53.11
C SER A 482 -10.86 -24.39 -51.80
N LEU A 483 -11.15 -23.66 -50.73
CA LEU A 483 -10.67 -24.01 -49.43
C LEU A 483 -11.44 -25.21 -48.92
N PRO A 484 -10.74 -26.17 -48.29
CA PRO A 484 -11.41 -27.33 -47.70
C PRO A 484 -12.26 -26.91 -46.51
N PRO A 485 -13.25 -27.73 -46.15
CA PRO A 485 -14.02 -27.44 -44.94
C PRO A 485 -13.08 -27.31 -43.73
N MET A 486 -13.48 -26.53 -42.72
CA MET A 486 -12.75 -26.38 -41.46
C MET A 486 -11.25 -26.42 -41.68
N SER A 487 -10.72 -25.36 -42.24
CA SER A 487 -9.34 -25.37 -42.65
C SER A 487 -8.67 -24.03 -42.41
N VAL A 488 -7.36 -24.08 -42.21
CA VAL A 488 -6.53 -22.88 -42.20
C VAL A 488 -5.49 -23.08 -43.31
N THR A 489 -5.39 -22.13 -44.21
CA THR A 489 -4.58 -22.30 -45.41
C THR A 489 -3.66 -21.11 -45.55
N VAL A 490 -2.44 -21.33 -46.03
CA VAL A 490 -1.53 -20.23 -46.29
C VAL A 490 -1.03 -20.34 -47.73
N LEU A 491 -1.19 -19.27 -48.48
CA LEU A 491 -0.70 -19.22 -49.85
C LEU A 491 0.51 -18.32 -49.91
N GLU A 492 1.56 -18.79 -50.58
CA GLU A 492 2.76 -18.01 -50.75
C GLU A 492 2.92 -17.60 -52.22
N LEU A 493 2.92 -16.29 -52.49
CA LEU A 493 3.12 -15.78 -53.83
C LEU A 493 4.56 -15.27 -54.01
N THR A 494 5.22 -15.75 -55.05
CA THR A 494 6.59 -15.32 -55.34
C THR A 494 6.60 -14.60 -56.68
N ALA A 495 7.49 -13.63 -56.83
CA ALA A 495 7.61 -12.89 -58.09
C ALA A 495 8.14 -13.83 -59.16
N GLY A 496 7.57 -13.74 -60.36
CA GLY A 496 7.92 -14.64 -61.44
C GLY A 496 7.00 -15.85 -61.42
N ALA B 4 -46.98 -3.50 37.54
CA ALA B 4 -46.10 -4.60 37.15
C ALA B 4 -45.82 -4.61 35.66
N SER B 5 -44.62 -5.02 35.28
CA SER B 5 -44.30 -5.17 33.86
C SER B 5 -44.98 -6.42 33.34
N ARG B 6 -45.44 -6.37 32.09
CA ARG B 6 -46.12 -7.52 31.50
C ARG B 6 -45.30 -8.11 30.36
N VAL B 7 -45.18 -9.43 30.36
CA VAL B 7 -44.46 -10.12 29.30
C VAL B 7 -45.28 -11.30 28.84
N VAL B 8 -45.31 -11.52 27.54
CA VAL B 8 -45.93 -12.71 26.98
C VAL B 8 -44.88 -13.52 26.23
N VAL B 9 -44.69 -14.77 26.65
CA VAL B 9 -43.75 -15.65 26.01
C VAL B 9 -44.50 -16.65 25.13
N ASN B 10 -44.29 -16.56 23.82
CA ASN B 10 -44.91 -17.49 22.89
C ASN B 10 -43.95 -18.63 22.60
N ALA B 11 -44.02 -19.67 23.43
CA ALA B 11 -43.07 -20.77 23.40
C ALA B 11 -43.11 -21.53 22.09
N ASP B 12 -44.18 -21.35 21.33
CA ASP B 12 -44.34 -22.10 20.09
C ASP B 12 -43.93 -21.25 18.87
N ARG B 13 -43.36 -20.09 19.13
CA ARG B 13 -42.92 -19.21 18.05
C ARG B 13 -41.41 -18.89 18.14
N VAL B 14 -40.61 -19.57 17.34
CA VAL B 14 -39.16 -19.38 17.34
C VAL B 14 -38.76 -18.24 16.40
N LYS B 15 -38.01 -17.29 16.92
CA LYS B 15 -37.60 -16.12 16.15
C LYS B 15 -36.20 -16.24 15.60
N GLY B 16 -35.54 -17.35 15.89
CA GLY B 16 -34.22 -17.58 15.35
C GLY B 16 -33.31 -18.21 16.38
N THR B 17 -32.05 -18.38 16.02
CA THR B 17 -31.07 -19.03 16.88
C THR B 17 -30.07 -18.03 17.43
N ILE B 18 -29.90 -18.06 18.75
CA ILE B 18 -28.88 -17.22 19.38
C ILE B 18 -27.52 -17.88 19.18
N ASN B 19 -26.74 -17.40 18.20
CA ASN B 19 -25.42 -17.96 17.95
C ASN B 19 -24.60 -17.98 19.25
N ARG B 20 -23.97 -19.10 19.57
CA ARG B 20 -23.21 -19.17 20.82
C ARG B 20 -22.10 -18.12 20.88
N ASN B 21 -21.61 -17.71 19.72
CA ASN B 21 -20.50 -16.77 19.67
C ASN B 21 -20.86 -15.37 20.12
N ILE B 22 -22.15 -15.13 20.30
CA ILE B 22 -22.61 -13.89 20.91
C ILE B 22 -22.01 -13.73 22.32
N TYR B 23 -21.66 -14.87 22.92
CA TYR B 23 -21.08 -14.91 24.26
C TYR B 23 -19.57 -14.96 24.22
N GLY B 24 -19.01 -14.36 23.17
CA GLY B 24 -17.57 -14.39 22.95
C GLY B 24 -16.74 -13.44 23.81
N HIS B 25 -15.42 -13.64 23.74
CA HIS B 25 -14.49 -12.89 24.57
C HIS B 25 -13.30 -12.38 23.78
N PHE B 26 -12.45 -11.62 24.45
CA PHE B 26 -11.40 -10.86 23.76
C PHE B 26 -10.25 -10.62 24.71
N SER B 27 -9.06 -11.05 24.32
CA SER B 27 -7.86 -10.87 25.14
C SER B 27 -6.74 -10.27 24.32
N GLU B 28 -6.32 -9.06 24.67
CA GLU B 28 -5.23 -8.38 23.98
C GLU B 28 -3.94 -8.51 24.78
N HIS B 29 -2.79 -8.38 24.13
CA HIS B 29 -1.53 -8.24 24.86
C HIS B 29 -1.51 -6.85 25.47
N LEU B 30 -2.11 -6.73 26.64
CA LEU B 30 -2.34 -5.44 27.26
C LEU B 30 -2.33 -5.63 28.76
N GLY B 31 -1.51 -4.86 29.47
CA GLY B 31 -1.45 -4.98 30.93
C GLY B 31 -1.31 -6.43 31.37
N ARG B 32 -2.19 -6.87 32.26
CA ARG B 32 -2.10 -8.25 32.77
C ARG B 32 -3.19 -9.18 32.23
N CYS B 33 -3.72 -8.89 31.03
CA CYS B 33 -4.68 -9.81 30.43
C CYS B 33 -4.03 -11.14 30.00
N ILE B 34 -2.88 -11.06 29.35
CA ILE B 34 -2.23 -12.28 28.86
C ILE B 34 -1.27 -12.77 29.94
N TYR B 35 -0.29 -11.96 30.27
CA TYR B 35 0.68 -12.33 31.30
C TYR B 35 0.09 -12.20 32.71
N GLU B 36 0.18 -13.31 33.44
CA GLU B 36 -0.43 -13.49 34.76
C GLU B 36 -1.89 -13.85 34.64
N GLY B 37 -2.64 -13.08 33.86
CA GLY B 37 -4.05 -13.36 33.63
C GLY B 37 -4.30 -14.76 33.07
N LEU B 38 -3.42 -15.20 32.17
CA LEU B 38 -3.57 -16.49 31.51
C LEU B 38 -2.24 -17.25 31.53
N TRP B 39 -1.22 -16.61 30.98
CA TRP B 39 0.08 -17.23 30.87
C TRP B 39 0.90 -16.95 32.12
N VAL B 40 1.28 -18.00 32.82
CA VAL B 40 2.16 -17.84 33.98
C VAL B 40 3.52 -18.45 33.69
N GLY B 41 3.60 -19.26 32.63
CA GLY B 41 4.84 -19.91 32.27
C GLY B 41 4.91 -21.33 32.78
N GLU B 42 5.70 -22.17 32.13
CA GLU B 42 5.71 -23.59 32.48
C GLU B 42 6.38 -23.87 33.82
N ASP B 43 7.34 -23.05 34.21
CA ASP B 43 8.03 -23.23 35.47
C ASP B 43 7.43 -22.40 36.61
N SER B 44 6.20 -21.95 36.43
CA SER B 44 5.55 -21.14 37.46
C SER B 44 5.04 -21.99 38.61
N PRO B 45 5.13 -21.44 39.84
CA PRO B 45 4.56 -22.12 41.01
C PRO B 45 3.04 -22.15 40.95
N ILE B 46 2.45 -21.22 40.19
CA ILE B 46 1.01 -21.22 39.99
C ILE B 46 0.60 -22.47 39.20
N PRO B 47 -0.22 -23.32 39.81
CA PRO B 47 -0.62 -24.56 39.12
C PRO B 47 -1.09 -24.22 37.71
N ASN B 48 -0.57 -24.95 36.72
CA ASN B 48 -0.85 -24.64 35.32
C ASN B 48 -0.79 -25.85 34.40
N THR B 49 -1.32 -25.69 33.19
CA THR B 49 -1.23 -26.71 32.15
C THR B 49 -0.50 -26.11 30.97
N ASN B 50 0.73 -26.56 30.74
CA ASN B 50 1.54 -26.07 29.63
C ASN B 50 1.77 -24.56 29.70
N GLY B 51 1.77 -24.00 30.91
CA GLY B 51 2.09 -22.60 31.07
C GLY B 51 0.89 -21.69 31.30
N ILE B 52 -0.31 -22.23 31.10
CA ILE B 52 -1.55 -21.50 31.34
C ILE B 52 -2.16 -21.92 32.68
N ARG B 53 -2.56 -20.96 33.49
CA ARG B 53 -2.99 -21.23 34.88
C ARG B 53 -4.31 -21.97 34.98
N ASN B 54 -4.34 -22.98 35.86
CA ASN B 54 -5.47 -23.89 35.97
C ASN B 54 -6.74 -23.24 36.51
N ASP B 55 -6.60 -22.32 37.45
CA ASP B 55 -7.77 -21.69 38.03
C ASP B 55 -8.60 -20.93 36.97
N VAL B 56 -7.94 -20.15 36.13
CA VAL B 56 -8.64 -19.46 35.05
C VAL B 56 -9.23 -20.45 34.02
N LEU B 57 -8.45 -21.46 33.64
CA LEU B 57 -8.95 -22.48 32.70
C LEU B 57 -10.27 -23.07 33.14
N GLU B 58 -10.31 -23.53 34.38
CA GLU B 58 -11.49 -24.21 34.87
C GLU B 58 -12.69 -23.28 34.94
N ALA B 59 -12.48 -22.06 35.42
CA ALA B 59 -13.55 -21.07 35.48
C ALA B 59 -14.12 -20.75 34.09
N LEU B 60 -13.23 -20.57 33.11
CA LEU B 60 -13.66 -20.26 31.75
C LEU B 60 -14.37 -21.41 31.04
N LYS B 61 -13.94 -22.65 31.32
CA LYS B 61 -14.61 -23.82 30.77
C LYS B 61 -16.01 -23.94 31.36
N GLN B 62 -16.12 -23.69 32.65
CA GLN B 62 -17.41 -23.70 33.33
C GLN B 62 -18.36 -22.68 32.70
N MET B 63 -17.82 -21.51 32.36
CA MET B 63 -18.58 -20.43 31.73
C MET B 63 -18.94 -20.80 30.28
N LYS B 64 -18.25 -21.80 29.74
CA LYS B 64 -18.44 -22.19 28.35
C LYS B 64 -18.07 -21.10 27.33
N ILE B 65 -16.91 -20.48 27.52
CA ILE B 65 -16.35 -19.58 26.50
C ILE B 65 -16.42 -20.23 25.12
N PRO B 66 -17.09 -19.56 24.17
CA PRO B 66 -17.29 -20.15 22.82
C PRO B 66 -16.22 -19.73 21.81
N VAL B 67 -15.71 -18.51 21.95
CA VAL B 67 -14.73 -17.97 21.00
C VAL B 67 -13.89 -16.92 21.70
N LEU B 68 -12.61 -16.82 21.32
CA LEU B 68 -11.71 -15.88 21.94
C LEU B 68 -10.89 -15.12 20.90
N ARG B 69 -10.95 -13.79 20.95
CA ARG B 69 -10.26 -12.93 19.99
C ARG B 69 -8.88 -12.52 20.54
N TRP B 70 -7.87 -12.54 19.66
CA TRP B 70 -6.49 -12.33 20.07
C TRP B 70 -5.73 -11.99 18.80
N PRO B 71 -4.64 -11.20 18.89
CA PRO B 71 -3.94 -10.64 20.06
C PRO B 71 -4.37 -9.23 20.36
N GLY B 72 -5.43 -8.77 19.74
CA GLY B 72 -5.87 -7.46 20.14
C GLY B 72 -6.86 -6.78 19.26
N GLY B 73 -7.15 -5.56 19.72
CA GLY B 73 -7.36 -4.41 18.91
C GLY B 73 -6.01 -3.79 18.59
N CYS B 74 -5.68 -2.67 19.23
CA CYS B 74 -4.54 -1.86 18.78
C CYS B 74 -3.24 -2.64 18.66
N PHE B 75 -2.97 -3.53 19.61
CA PHE B 75 -1.74 -4.32 19.56
C PHE B 75 -1.67 -5.15 18.27
N ALA B 76 -2.83 -5.63 17.81
CA ALA B 76 -2.86 -6.48 16.62
C ALA B 76 -2.33 -5.77 15.36
N ASP B 77 -2.49 -4.45 15.29
CA ASP B 77 -1.96 -3.76 14.10
C ASP B 77 -0.53 -3.21 14.29
N GLU B 78 0.11 -3.69 15.35
CA GLU B 78 1.55 -3.49 15.53
C GLU B 78 2.27 -4.84 15.56
N TYR B 79 1.52 -5.93 15.73
CA TYR B 79 2.08 -7.25 15.97
C TYR B 79 2.65 -7.84 14.71
N HIS B 80 3.84 -8.42 14.83
CA HIS B 80 4.38 -9.22 13.75
C HIS B 80 4.50 -10.64 14.26
N TRP B 81 3.56 -11.47 13.84
CA TRP B 81 3.38 -12.80 14.43
C TRP B 81 4.65 -13.64 14.47
N LYS B 82 5.59 -13.40 13.56
CA LYS B 82 6.80 -14.22 13.54
C LYS B 82 7.61 -14.07 14.81
N ASP B 83 7.42 -12.93 15.47
CA ASP B 83 8.12 -12.62 16.71
C ASP B 83 7.69 -13.57 17.81
N GLY B 84 6.50 -14.15 17.66
CA GLY B 84 5.94 -14.99 18.68
C GLY B 84 5.98 -16.49 18.47
N VAL B 85 6.79 -16.96 17.53
CA VAL B 85 6.96 -18.41 17.38
C VAL B 85 8.42 -18.78 17.51
N GLY B 86 8.67 -20.07 17.71
CA GLY B 86 10.04 -20.55 17.89
C GLY B 86 10.40 -20.78 19.35
N PRO B 87 11.64 -21.22 19.61
CA PRO B 87 12.11 -21.45 20.98
C PRO B 87 11.76 -20.26 21.85
N ARG B 88 11.02 -20.50 22.92
CA ARG B 88 10.36 -19.43 23.66
C ARG B 88 11.36 -18.42 24.23
N GLU B 89 12.54 -18.90 24.58
CA GLU B 89 13.54 -18.04 25.22
C GLU B 89 14.30 -17.17 24.21
N LYS B 90 14.17 -17.48 22.93
CA LYS B 90 14.86 -16.70 21.91
C LYS B 90 13.92 -15.78 21.12
N ARG B 91 12.73 -15.56 21.65
CA ARG B 91 11.77 -14.72 20.95
C ARG B 91 12.10 -13.24 21.08
N LYS B 92 11.77 -12.48 20.03
CA LYS B 92 12.10 -11.05 19.97
C LYS B 92 11.32 -10.26 20.99
N ARG B 93 11.98 -9.32 21.65
CA ARG B 93 11.28 -8.32 22.44
C ARG B 93 10.51 -7.40 21.49
N MET B 94 9.58 -6.64 22.03
CA MET B 94 8.81 -5.71 21.23
C MET B 94 8.41 -4.54 22.14
N VAL B 95 8.19 -3.37 21.54
CA VAL B 95 7.66 -2.24 22.29
C VAL B 95 6.13 -2.18 22.17
N ASN B 96 5.44 -2.48 23.26
CA ASN B 96 3.99 -2.32 23.29
C ASN B 96 3.64 -0.82 23.49
N THR B 97 3.69 -0.06 22.40
CA THR B 97 3.62 1.41 22.49
C THR B 97 2.30 1.89 23.08
N HIS B 98 1.20 1.34 22.59
CA HIS B 98 -0.12 1.81 23.00
C HIS B 98 -0.40 1.65 24.51
N TRP B 99 0.17 0.62 25.15
CA TRP B 99 -0.24 0.29 26.52
C TRP B 99 0.87 0.33 27.59
N GLY B 100 1.33 1.53 27.93
CA GLY B 100 2.38 1.68 28.92
C GLY B 100 3.78 1.70 28.31
N GLY B 101 3.87 1.33 27.04
CA GLY B 101 5.16 1.24 26.36
C GLY B 101 6.11 0.30 27.06
N VAL B 102 5.55 -0.74 27.69
CA VAL B 102 6.35 -1.78 28.33
C VAL B 102 6.97 -2.67 27.26
N ILE B 103 7.80 -3.62 27.67
CA ILE B 103 8.29 -4.61 26.72
C ILE B 103 7.51 -5.92 26.78
N GLU B 104 7.05 -6.30 25.60
CA GLU B 104 6.40 -7.56 25.35
C GLU B 104 7.52 -8.56 25.06
N ASN B 105 7.61 -9.66 25.81
CA ASN B 105 8.63 -10.68 25.54
C ASN B 105 8.16 -11.77 24.56
N ASN B 106 6.90 -11.67 24.14
CA ASN B 106 6.33 -12.63 23.19
C ASN B 106 6.44 -14.09 23.60
N HIS B 107 6.46 -14.35 24.91
CA HIS B 107 6.46 -15.75 25.36
C HIS B 107 5.11 -16.40 25.09
N PHE B 108 4.08 -15.58 24.97
CA PHE B 108 2.78 -16.12 24.58
C PHE B 108 2.54 -15.68 23.14
N GLY B 109 2.63 -16.64 22.21
CA GLY B 109 2.45 -16.37 20.79
C GLY B 109 1.48 -17.35 20.15
N THR B 110 1.62 -17.56 18.84
CA THR B 110 0.66 -18.39 18.10
C THR B 110 0.45 -19.79 18.72
N HIS B 111 1.52 -20.51 19.02
CA HIS B 111 1.36 -21.86 19.55
C HIS B 111 0.65 -21.83 20.90
N GLU B 112 1.06 -20.90 21.76
CA GLU B 112 0.44 -20.78 23.07
C GLU B 112 -1.05 -20.43 23.01
N PHE B 113 -1.43 -19.54 22.08
CA PHE B 113 -2.83 -19.16 21.93
C PHE B 113 -3.68 -20.31 21.40
N MET B 114 -3.15 -21.03 20.43
CA MET B 114 -3.84 -22.16 19.85
C MET B 114 -4.02 -23.21 20.94
N MET B 115 -2.99 -23.40 21.77
CA MET B 115 -3.07 -24.32 22.91
C MET B 115 -4.16 -23.87 23.90
N LEU B 116 -4.15 -22.60 24.26
CA LEU B 116 -5.19 -22.04 25.13
C LEU B 116 -6.58 -22.37 24.61
N CYS B 117 -6.80 -22.16 23.31
CA CYS B 117 -8.15 -22.42 22.76
C CYS B 117 -8.51 -23.91 22.79
N GLU B 118 -7.52 -24.78 22.60
CA GLU B 118 -7.77 -26.22 22.72
C GLU B 118 -8.14 -26.58 24.14
N LEU B 119 -7.40 -26.06 25.12
CA LEU B 119 -7.69 -26.37 26.51
C LEU B 119 -9.05 -25.86 26.93
N LEU B 120 -9.47 -24.73 26.37
CA LEU B 120 -10.75 -24.11 26.69
C LEU B 120 -11.90 -24.72 25.90
N GLY B 121 -11.59 -25.32 24.77
CA GLY B 121 -12.60 -25.86 23.89
C GLY B 121 -13.34 -24.76 23.14
N CYS B 122 -12.67 -23.63 22.92
CA CYS B 122 -13.32 -22.51 22.24
C CYS B 122 -12.71 -22.30 20.86
N GLU B 123 -13.39 -21.51 20.03
CA GLU B 123 -12.88 -21.16 18.71
C GLU B 123 -11.84 -20.05 18.80
N PRO B 124 -10.71 -20.24 18.11
CA PRO B 124 -9.78 -19.12 18.04
C PRO B 124 -10.29 -18.05 17.05
N TYR B 125 -10.02 -16.78 17.33
CA TYR B 125 -10.34 -15.70 16.41
C TYR B 125 -9.12 -14.79 16.37
N ILE B 126 -8.37 -14.86 15.29
CA ILE B 126 -7.12 -14.11 15.22
C ILE B 126 -7.29 -12.84 14.41
N SER B 127 -6.71 -11.77 14.92
CA SER B 127 -6.80 -10.49 14.24
C SER B 127 -5.45 -10.20 13.59
N GLY B 128 -5.44 -10.12 12.27
CA GLY B 128 -4.20 -9.91 11.54
C GLY B 128 -3.80 -8.45 11.41
N ASN B 129 -2.53 -8.21 11.12
CA ASN B 129 -2.01 -6.86 11.07
C ASN B 129 -2.13 -6.25 9.68
N VAL B 130 -3.00 -5.25 9.53
CA VAL B 130 -3.08 -4.50 8.27
C VAL B 130 -2.26 -3.20 8.34
N GLY B 131 -2.40 -2.48 9.45
CA GLY B 131 -1.81 -1.16 9.59
C GLY B 131 -0.31 -1.06 9.36
N SER B 132 0.45 -1.97 9.94
CA SER B 132 1.90 -1.95 9.74
C SER B 132 2.44 -3.30 9.28
N GLY B 133 1.55 -4.15 8.79
CA GLY B 133 1.93 -5.48 8.32
C GLY B 133 1.89 -5.54 6.80
N THR B 134 2.29 -6.68 6.24
CA THR B 134 2.27 -6.83 4.79
C THR B 134 1.32 -7.94 4.38
N VAL B 135 0.93 -7.94 3.11
CA VAL B 135 0.06 -9.00 2.60
C VAL B 135 0.72 -10.39 2.72
N GLN B 136 2.01 -10.47 2.38
CA GLN B 136 2.70 -11.75 2.47
C GLN B 136 2.74 -12.24 3.92
N GLU B 137 3.00 -11.32 4.85
CA GLU B 137 3.12 -11.66 6.25
C GLU B 137 1.80 -12.28 6.78
N MET B 138 0.66 -11.69 6.44
CA MET B 138 -0.62 -12.25 6.89
C MET B 138 -0.95 -13.57 6.19
N SER B 139 -0.65 -13.63 4.90
CA SER B 139 -0.89 -14.86 4.15
C SER B 139 -0.07 -16.01 4.75
N GLU B 140 1.16 -15.72 5.09
CA GLU B 140 2.04 -16.72 5.72
C GLU B 140 1.54 -17.18 7.09
N TRP B 141 0.92 -16.28 7.84
CA TRP B 141 0.38 -16.65 9.14
C TRP B 141 -0.70 -17.70 8.96
N VAL B 142 -1.61 -17.45 8.01
CA VAL B 142 -2.66 -18.43 7.76
C VAL B 142 -2.04 -19.77 7.33
N GLU B 143 -0.99 -19.70 6.52
CA GLU B 143 -0.35 -20.90 6.00
C GLU B 143 0.33 -21.68 7.13
N TYR B 144 1.09 -20.95 7.93
CA TYR B 144 1.78 -21.51 9.09
C TYR B 144 0.81 -22.30 9.97
N ILE B 145 -0.34 -21.72 10.24
CA ILE B 145 -1.34 -22.36 11.11
C ILE B 145 -2.09 -23.54 10.47
N THR B 146 -2.46 -23.42 9.20
CA THR B 146 -3.47 -24.34 8.62
C THR B 146 -3.00 -25.32 7.53
N PHE B 147 -1.84 -25.08 6.94
CA PHE B 147 -1.39 -25.88 5.80
C PHE B 147 -0.86 -27.24 6.23
N ASP B 148 -1.30 -28.29 5.53
CA ASP B 148 -0.90 -29.66 5.89
C ASP B 148 0.22 -30.28 5.04
N GLY B 149 0.81 -29.52 4.13
CA GLY B 149 1.82 -30.08 3.25
C GLY B 149 3.22 -29.65 3.63
N GLU B 150 4.13 -29.70 2.66
CA GLU B 150 5.49 -29.24 2.88
C GLU B 150 5.65 -27.82 2.35
N SER B 151 6.02 -26.89 3.23
CA SER B 151 6.36 -25.54 2.82
C SER B 151 7.20 -24.96 3.94
N PRO B 152 7.95 -23.89 3.63
CA PRO B 152 8.75 -23.24 4.66
C PRO B 152 7.90 -22.92 5.90
N MET B 153 6.69 -22.38 5.71
CA MET B 153 5.84 -22.04 6.84
C MET B 153 5.33 -23.28 7.58
N ALA B 154 4.84 -24.27 6.85
CA ALA B 154 4.32 -25.47 7.52
C ALA B 154 5.45 -26.27 8.20
N ASN B 155 6.59 -26.37 7.54
CA ASN B 155 7.75 -27.06 8.13
C ASN B 155 8.20 -26.34 9.39
N TRP B 156 8.08 -25.01 9.38
CA TRP B 156 8.47 -24.20 10.53
C TRP B 156 7.54 -24.53 11.70
N ARG B 157 6.24 -24.60 11.43
CA ARG B 157 5.31 -24.97 12.48
C ARG B 157 5.68 -26.32 13.12
N ARG B 158 6.03 -27.28 12.26
CA ARG B 158 6.41 -28.61 12.71
C ARG B 158 7.67 -28.56 13.60
N GLU B 159 8.68 -27.84 13.14
CA GLU B 159 9.90 -27.67 13.93
C GLU B 159 9.58 -27.08 15.29
N ASN B 160 8.51 -26.29 15.36
CA ASN B 160 8.17 -25.57 16.57
C ASN B 160 7.23 -26.38 17.45
N GLY B 161 6.96 -27.61 17.05
CA GLY B 161 6.30 -28.56 17.93
C GLY B 161 4.88 -28.95 17.62
N ARG B 162 4.30 -28.43 16.55
CA ARG B 162 2.93 -28.80 16.16
C ARG B 162 2.94 -29.45 14.78
N GLU B 163 2.69 -30.75 14.75
CA GLU B 163 2.87 -31.53 13.53
C GLU B 163 1.72 -31.33 12.56
N LYS B 164 0.51 -31.66 13.00
CA LYS B 164 -0.66 -31.44 12.18
C LYS B 164 -1.06 -29.97 12.25
N PRO B 165 -1.67 -29.46 11.18
CA PRO B 165 -2.14 -28.07 11.20
C PRO B 165 -3.24 -27.91 12.23
N TRP B 166 -3.52 -26.67 12.61
CA TRP B 166 -4.68 -26.38 13.43
C TRP B 166 -5.80 -25.97 12.49
N ARG B 167 -7.02 -25.96 13.01
CA ARG B 167 -8.16 -25.39 12.32
C ARG B 167 -8.43 -23.99 12.85
N ILE B 168 -8.79 -23.07 11.96
CA ILE B 168 -9.32 -21.79 12.42
C ILE B 168 -10.35 -21.25 11.44
N LYS B 169 -11.44 -20.72 11.97
CA LYS B 169 -12.45 -20.11 11.13
C LYS B 169 -12.29 -18.60 11.10
N TYR B 170 -12.33 -18.00 12.27
CA TYR B 170 -12.50 -16.56 12.35
C TYR B 170 -11.19 -15.80 12.19
N TRP B 171 -11.13 -14.94 11.17
CA TRP B 171 -9.90 -14.23 10.90
C TRP B 171 -10.19 -12.76 10.62
N GLY B 172 -9.73 -11.89 11.51
CA GLY B 172 -10.01 -10.47 11.37
C GLY B 172 -8.92 -9.82 10.56
N VAL B 173 -9.31 -9.10 9.51
CA VAL B 173 -8.32 -8.47 8.64
C VAL B 173 -8.11 -7.02 9.09
N GLY B 174 -7.28 -6.82 10.13
CA GLY B 174 -7.03 -5.50 10.68
C GLY B 174 -8.03 -5.13 11.77
N ASN B 175 -7.62 -4.22 12.65
CA ASN B 175 -8.46 -3.81 13.77
C ASN B 175 -8.46 -2.30 13.82
N GLN B 176 -9.65 -1.70 13.98
CA GLN B 176 -9.77 -0.25 14.17
C GLN B 176 -8.91 0.56 13.22
N ASN B 177 -8.97 0.21 11.95
CA ASN B 177 -8.12 0.87 10.97
C ASN B 177 -8.44 2.34 10.73
N TRP B 178 -9.63 2.77 11.16
CA TRP B 178 -9.95 4.20 11.19
C TRP B 178 -9.18 4.97 12.26
N GLY B 179 -8.59 4.25 13.22
CA GLY B 179 -7.90 4.89 14.32
C GLY B 179 -6.46 4.38 14.47
N CYS B 180 -6.23 3.63 15.54
CA CYS B 180 -4.88 3.14 15.83
C CYS B 180 -4.34 2.15 14.78
N GLY B 181 -5.20 1.61 13.93
CA GLY B 181 -4.76 0.71 12.90
C GLY B 181 -4.41 1.41 11.59
N GLY B 182 -4.08 2.69 11.66
CA GLY B 182 -3.64 3.40 10.46
C GLY B 182 -4.33 4.70 10.12
N ASN B 183 -5.30 5.12 10.93
CA ASN B 183 -6.06 6.37 10.67
C ASN B 183 -6.60 6.43 9.25
N MET B 184 -7.22 5.35 8.81
CA MET B 184 -7.61 5.23 7.40
C MET B 184 -8.99 5.75 7.14
N ARG B 185 -9.15 6.43 6.01
CA ARG B 185 -10.47 6.65 5.46
C ARG B 185 -11.09 5.29 5.16
N ALA B 186 -12.41 5.21 5.22
CA ALA B 186 -13.09 3.95 4.91
C ALA B 186 -12.77 3.47 3.50
N GLU B 187 -12.75 4.39 2.56
CA GLU B 187 -12.51 4.04 1.17
C GLU B 187 -11.13 3.40 1.00
N TYR B 188 -10.13 3.91 1.71
CA TYR B 188 -8.79 3.37 1.64
C TYR B 188 -8.69 2.02 2.35
N TYR B 189 -9.17 1.92 3.57
CA TYR B 189 -9.23 0.62 4.21
C TYR B 189 -9.93 -0.46 3.34
N ALA B 190 -11.04 -0.09 2.70
CA ALA B 190 -11.77 -1.07 1.91
C ALA B 190 -10.89 -1.64 0.82
N ASP B 191 -10.06 -0.78 0.22
CA ASP B 191 -9.11 -1.23 -0.79
C ASP B 191 -8.09 -2.19 -0.21
N LEU B 192 -7.52 -1.85 0.95
CA LEU B 192 -6.54 -2.73 1.57
C LEU B 192 -7.18 -4.05 1.97
N TYR B 193 -8.37 -3.98 2.57
CA TYR B 193 -9.10 -5.18 2.96
C TYR B 193 -9.28 -6.14 1.76
N ARG B 194 -9.78 -5.64 0.64
CA ARG B 194 -9.99 -6.47 -0.54
C ARG B 194 -8.70 -7.17 -1.01
N GLN B 195 -7.59 -6.42 -0.96
CA GLN B 195 -6.29 -6.95 -1.33
C GLN B 195 -5.77 -8.00 -0.33
N PHE B 196 -5.70 -7.64 0.94
CA PHE B 196 -5.24 -8.58 1.96
C PHE B 196 -6.04 -9.88 1.95
N GLN B 197 -7.36 -9.79 2.01
CA GLN B 197 -8.23 -10.97 2.14
C GLN B 197 -8.06 -11.97 0.96
N THR B 198 -7.68 -11.47 -0.21
CA THR B 198 -7.44 -12.30 -1.39
C THR B 198 -6.43 -13.42 -1.09
N TYR B 199 -5.39 -13.08 -0.34
CA TYR B 199 -4.28 -14.00 -0.12
C TYR B 199 -4.41 -14.83 1.16
N LEU B 200 -5.55 -14.72 1.82
CA LEU B 200 -5.83 -15.56 2.99
C LEU B 200 -6.55 -16.81 2.54
N ARG B 201 -5.81 -17.92 2.44
CA ARG B 201 -6.34 -19.11 1.77
C ARG B 201 -6.96 -20.15 2.69
N ASN B 202 -7.87 -20.92 2.11
CA ASN B 202 -8.39 -22.11 2.74
C ASN B 202 -7.47 -23.29 2.43
N TYR B 203 -6.69 -23.73 3.40
CA TYR B 203 -5.82 -24.88 3.18
C TYR B 203 -6.48 -26.15 3.70
N GLY B 204 -6.26 -27.26 3.00
CA GLY B 204 -6.83 -28.52 3.41
C GLY B 204 -8.33 -28.47 3.55
N ASP B 205 -8.84 -28.90 4.70
CA ASP B 205 -10.27 -28.86 4.98
C ASP B 205 -10.67 -27.55 5.68
N ASN B 206 -9.70 -26.68 5.90
CA ASN B 206 -9.97 -25.44 6.63
C ASN B 206 -10.72 -24.40 5.79
N LYS B 207 -11.72 -23.75 6.40
CA LYS B 207 -12.47 -22.68 5.74
C LYS B 207 -12.47 -21.42 6.61
N LEU B 208 -11.82 -20.38 6.11
CA LEU B 208 -11.76 -19.08 6.80
C LEU B 208 -13.06 -18.33 6.72
N HIS B 209 -13.37 -17.62 7.81
CA HIS B 209 -14.51 -16.71 7.87
C HIS B 209 -13.89 -15.33 8.02
N LYS B 210 -13.78 -14.59 6.92
CA LYS B 210 -13.03 -13.34 6.95
C LYS B 210 -13.89 -12.19 7.45
N ILE B 211 -13.33 -11.38 8.33
CA ILE B 211 -14.07 -10.31 8.97
C ILE B 211 -13.38 -9.00 8.70
N ALA B 212 -14.12 -8.09 8.09
CA ALA B 212 -13.59 -6.77 7.83
C ALA B 212 -13.80 -5.84 9.03
N CYS B 213 -12.86 -4.94 9.23
CA CYS B 213 -12.97 -3.94 10.29
C CYS B 213 -14.18 -3.05 10.06
N GLY B 214 -15.06 -3.02 11.05
CA GLY B 214 -16.26 -2.21 10.99
C GLY B 214 -16.15 -0.90 11.76
N ALA B 215 -17.29 -0.24 11.92
CA ALA B 215 -17.34 1.12 12.42
C ALA B 215 -17.03 1.26 13.91
N ASN B 216 -16.58 2.45 14.24
CA ASN B 216 -16.52 2.94 15.60
C ASN B 216 -17.87 3.57 15.95
N THR B 217 -18.56 2.99 16.94
CA THR B 217 -19.78 3.59 17.49
C THR B 217 -20.72 4.00 16.35
N ALA B 218 -21.06 5.29 16.22
CA ALA B 218 -22.08 5.73 15.26
C ALA B 218 -21.51 6.17 13.91
N ASP B 219 -20.37 5.63 13.51
CA ASP B 219 -19.81 5.99 12.20
C ASP B 219 -20.53 5.19 11.11
N TYR B 220 -21.76 5.59 10.81
CA TYR B 220 -22.58 4.92 9.81
C TYR B 220 -21.96 4.99 8.44
N HIS B 221 -21.19 6.05 8.19
CA HIS B 221 -20.56 6.20 6.88
C HIS B 221 -19.56 5.07 6.65
N TRP B 222 -18.89 4.60 7.71
CA TRP B 222 -17.94 3.52 7.55
C TRP B 222 -18.65 2.25 7.08
N THR B 223 -19.74 1.92 7.75
CA THR B 223 -20.51 0.76 7.39
C THR B 223 -20.98 0.87 5.92
N GLU B 224 -21.45 2.05 5.55
CA GLU B 224 -21.90 2.26 4.18
C GLU B 224 -20.81 1.96 3.15
N VAL B 225 -19.63 2.54 3.34
CA VAL B 225 -18.54 2.34 2.40
C VAL B 225 -18.09 0.88 2.36
N LEU B 226 -17.85 0.27 3.52
CA LEU B 226 -17.37 -1.11 3.55
C LEU B 226 -18.39 -2.02 2.90
N MET B 227 -19.67 -1.76 3.14
CA MET B 227 -20.69 -2.62 2.54
C MET B 227 -20.71 -2.41 1.02
N LYS B 228 -20.70 -1.14 0.60
CA LYS B 228 -20.80 -0.83 -0.82
C LYS B 228 -19.57 -1.33 -1.60
N GLN B 229 -18.39 -1.22 -1.01
CA GLN B 229 -17.16 -1.56 -1.72
C GLN B 229 -16.66 -2.98 -1.50
N ALA B 230 -17.02 -3.61 -0.38
CA ALA B 230 -16.34 -4.85 -0.02
C ALA B 230 -17.23 -6.01 0.41
N ALA B 231 -18.54 -5.84 0.37
CA ALA B 231 -19.43 -6.89 0.86
C ALA B 231 -19.17 -8.28 0.24
N PRO B 232 -18.90 -8.34 -1.07
CA PRO B 232 -18.68 -9.67 -1.66
C PRO B 232 -17.40 -10.34 -1.14
N PHE B 233 -16.50 -9.59 -0.53
CA PHE B 233 -15.21 -10.14 -0.11
C PHE B 233 -15.10 -10.42 1.39
N MET B 234 -16.22 -10.36 2.11
CA MET B 234 -16.19 -10.58 3.55
C MET B 234 -17.30 -11.52 3.99
N HIS B 235 -17.11 -12.18 5.13
CA HIS B 235 -18.20 -12.95 5.71
C HIS B 235 -18.75 -12.27 6.96
N GLY B 236 -18.02 -11.28 7.47
CA GLY B 236 -18.45 -10.55 8.65
C GLY B 236 -17.87 -9.16 8.68
N LEU B 237 -18.56 -8.27 9.38
CA LEU B 237 -18.14 -6.88 9.50
C LEU B 237 -18.33 -6.52 10.95
N SER B 238 -17.33 -5.88 11.55
CA SER B 238 -17.37 -5.66 12.99
C SER B 238 -18.00 -4.32 13.36
N LEU B 239 -18.19 -4.11 14.65
CA LEU B 239 -18.69 -2.87 15.22
C LEU B 239 -18.06 -2.79 16.60
N HIS B 240 -17.58 -1.62 17.01
CA HIS B 240 -17.04 -1.45 18.35
C HIS B 240 -17.85 -0.39 19.07
N TYR B 241 -18.26 -0.70 20.29
CA TYR B 241 -18.95 0.30 21.11
C TYR B 241 -18.74 0.06 22.60
N TYR B 242 -18.01 0.98 23.24
CA TYR B 242 -17.78 0.94 24.68
C TYR B 242 -18.79 1.84 25.41
N THR B 243 -19.19 1.40 26.59
CA THR B 243 -20.03 2.19 27.49
C THR B 243 -19.12 3.00 28.40
N VAL B 244 -19.13 4.32 28.23
CA VAL B 244 -18.20 5.20 28.92
C VAL B 244 -19.03 6.28 29.62
N PRO B 245 -19.18 6.18 30.95
CA PRO B 245 -20.11 7.06 31.71
C PRO B 245 -19.85 8.54 31.47
N GLY B 246 -18.66 9.01 31.83
CA GLY B 246 -18.34 10.42 31.68
C GLY B 246 -17.56 10.69 30.41
N PRO B 247 -16.99 11.91 30.31
CA PRO B 247 -16.18 12.26 29.14
C PRO B 247 -14.90 11.41 29.12
N TRP B 248 -14.30 11.27 27.94
CA TRP B 248 -13.12 10.44 27.79
C TRP B 248 -12.00 10.78 28.78
N GLU B 249 -11.83 12.07 29.08
CA GLU B 249 -10.76 12.56 29.94
C GLU B 249 -10.99 12.25 31.42
N LYS B 250 -12.24 12.00 31.78
CA LYS B 250 -12.58 11.66 33.16
C LYS B 250 -13.81 10.79 33.11
N LYS B 251 -13.60 9.49 32.86
CA LYS B 251 -14.69 8.57 32.56
C LYS B 251 -15.53 8.28 33.79
N GLY B 252 -14.94 8.44 34.96
CA GLY B 252 -15.60 8.08 36.21
C GLY B 252 -15.08 6.74 36.71
N PRO B 253 -15.26 6.45 38.01
CA PRO B 253 -14.73 5.25 38.65
C PRO B 253 -15.63 4.04 38.51
N ALA B 254 -15.04 2.85 38.68
CA ALA B 254 -15.76 1.59 38.64
C ALA B 254 -16.55 1.35 39.93
N THR B 255 -16.09 1.94 41.02
CA THR B 255 -16.80 1.83 42.30
C THR B 255 -16.82 3.19 42.96
N GLY B 256 -17.70 3.36 43.94
CA GLY B 256 -17.79 4.63 44.64
C GLY B 256 -18.40 5.71 43.76
N PHE B 257 -19.19 5.31 42.77
CA PHE B 257 -19.82 6.26 41.85
C PHE B 257 -21.15 6.76 42.40
N THR B 258 -21.71 7.78 41.76
CA THR B 258 -22.97 8.34 42.19
C THR B 258 -24.16 7.65 41.54
N THR B 259 -25.36 7.94 42.05
CA THR B 259 -26.56 7.35 41.47
C THR B 259 -26.78 7.89 40.05
N ASP B 260 -26.39 9.15 39.81
CA ASP B 260 -26.48 9.71 38.45
C ASP B 260 -25.59 8.91 37.48
N GLU B 261 -24.46 8.41 37.98
CA GLU B 261 -23.55 7.62 37.14
C GLU B 261 -24.13 6.24 36.86
N TRP B 262 -24.88 5.70 37.81
CA TRP B 262 -25.63 4.47 37.57
C TRP B 262 -26.55 4.67 36.37
N TRP B 263 -27.34 5.74 36.39
CA TRP B 263 -28.31 5.96 35.32
C TRP B 263 -27.64 6.19 33.97
N VAL B 264 -26.59 7.01 33.94
CA VAL B 264 -25.92 7.35 32.69
C VAL B 264 -25.22 6.13 32.09
N THR B 265 -24.65 5.30 32.95
CA THR B 265 -23.97 4.09 32.52
C THR B 265 -24.95 3.15 31.84
N LEU B 266 -26.09 2.92 32.46
CA LEU B 266 -27.07 2.01 31.88
C LEU B 266 -27.71 2.59 30.59
N LYS B 267 -28.02 3.87 30.60
CA LYS B 267 -28.56 4.55 29.42
C LYS B 267 -27.61 4.40 28.23
N LYS B 268 -26.33 4.63 28.49
CA LYS B 268 -25.32 4.54 27.44
C LYS B 268 -25.13 3.11 26.97
N ALA B 269 -25.21 2.14 27.88
CA ALA B 269 -25.11 0.74 27.43
C ALA B 269 -26.26 0.41 26.47
N LEU B 270 -27.45 0.91 26.78
CA LEU B 270 -28.62 0.58 25.99
C LEU B 270 -28.56 1.17 24.59
N PHE B 271 -27.67 2.16 24.41
CA PHE B 271 -27.44 2.77 23.11
C PHE B 271 -27.03 1.73 22.06
N MET B 272 -26.48 0.61 22.53
CA MET B 272 -26.09 -0.48 21.64
C MET B 272 -27.26 -0.92 20.76
N ASP B 273 -28.49 -0.86 21.29
CA ASP B 273 -29.65 -1.25 20.50
C ASP B 273 -29.78 -0.37 19.25
N ARG B 274 -29.76 0.95 19.44
CA ARG B 274 -29.81 1.90 18.32
C ARG B 274 -28.64 1.68 17.36
N LEU B 275 -27.43 1.51 17.88
CA LEU B 275 -26.27 1.34 17.01
C LEU B 275 -26.44 0.10 16.16
N VAL B 276 -26.74 -1.02 16.81
CA VAL B 276 -26.88 -2.28 16.08
C VAL B 276 -28.02 -2.16 15.05
N THR B 277 -29.10 -1.49 15.44
CA THR B 277 -30.25 -1.34 14.56
C THR B 277 -29.88 -0.53 13.32
N LYS B 278 -29.22 0.60 13.52
CA LYS B 278 -28.90 1.51 12.42
C LYS B 278 -27.81 0.96 11.51
N HIS B 279 -26.77 0.35 12.09
CA HIS B 279 -25.75 -0.30 11.26
C HIS B 279 -26.36 -1.47 10.48
N SER B 280 -27.21 -2.25 11.14
CA SER B 280 -27.88 -3.36 10.46
C SER B 280 -28.75 -2.87 9.28
N ALA B 281 -29.36 -1.71 9.44
CA ALA B 281 -30.23 -1.16 8.40
C ALA B 281 -29.43 -0.86 7.14
N ILE B 282 -28.21 -0.36 7.33
CA ILE B 282 -27.34 -0.11 6.19
C ILE B 282 -26.91 -1.41 5.56
N MET B 283 -26.57 -2.40 6.40
CA MET B 283 -26.20 -3.70 5.87
C MET B 283 -27.34 -4.33 5.08
N ASP B 284 -28.58 -4.10 5.50
CA ASP B 284 -29.77 -4.65 4.84
C ASP B 284 -29.88 -4.17 3.38
N VAL B 285 -29.48 -2.92 3.13
CA VAL B 285 -29.57 -2.34 1.79
C VAL B 285 -28.65 -3.08 0.80
N TYR B 286 -27.43 -3.40 1.23
CA TYR B 286 -26.45 -4.08 0.39
C TYR B 286 -26.44 -5.59 0.53
N ASP B 287 -27.07 -6.09 1.58
CA ASP B 287 -27.06 -7.52 1.88
C ASP B 287 -28.41 -7.91 2.48
N PRO B 288 -29.48 -7.86 1.67
CA PRO B 288 -30.84 -8.15 2.17
C PRO B 288 -31.01 -9.58 2.68
N ASP B 289 -30.27 -10.52 2.12
CA ASP B 289 -30.33 -11.91 2.60
C ASP B 289 -29.61 -12.12 3.93
N LYS B 290 -28.94 -11.08 4.41
CA LYS B 290 -28.20 -11.14 5.68
C LYS B 290 -27.09 -12.21 5.70
N ARG B 291 -26.39 -12.35 4.57
CA ARG B 291 -25.29 -13.29 4.51
C ARG B 291 -24.18 -12.87 5.48
N ILE B 292 -23.91 -11.57 5.55
CA ILE B 292 -22.75 -11.04 6.26
C ILE B 292 -23.07 -10.84 7.74
N ASP B 293 -22.32 -11.52 8.61
CA ASP B 293 -22.52 -11.38 10.06
C ASP B 293 -22.18 -9.98 10.50
N LEU B 294 -22.95 -9.44 11.44
CA LEU B 294 -22.48 -8.26 12.18
C LEU B 294 -21.77 -8.79 13.43
N ILE B 295 -20.54 -8.36 13.63
CA ILE B 295 -19.72 -8.85 14.73
C ILE B 295 -19.30 -7.74 15.68
N VAL B 296 -19.90 -7.73 16.86
CA VAL B 296 -19.62 -6.66 17.81
C VAL B 296 -18.42 -7.08 18.66
N ASP B 297 -17.22 -6.96 18.08
CA ASP B 297 -16.08 -7.62 18.67
C ASP B 297 -15.30 -6.81 19.71
N GLU B 298 -15.80 -5.62 20.04
CA GLU B 298 -15.34 -4.92 21.25
C GLU B 298 -16.54 -4.22 21.87
N TRP B 299 -16.85 -4.57 23.12
CA TRP B 299 -17.92 -3.89 23.84
C TRP B 299 -17.70 -4.04 25.34
N GLY B 300 -18.45 -3.26 26.13
CA GLY B 300 -18.34 -3.33 27.58
C GLY B 300 -18.02 -1.98 28.17
N THR B 301 -18.02 -1.91 29.50
CA THR B 301 -17.79 -0.65 30.18
C THR B 301 -16.30 -0.28 30.17
N TRP B 302 -16.03 1.02 30.10
CA TRP B 302 -14.66 1.53 30.18
C TRP B 302 -14.67 2.71 31.16
N TYR B 303 -14.01 2.53 32.31
CA TYR B 303 -13.93 3.56 33.35
C TYR B 303 -12.50 4.03 33.46
N ASP B 304 -12.25 5.07 34.26
CA ASP B 304 -10.89 5.42 34.62
C ASP B 304 -10.30 4.21 35.35
N VAL B 305 -9.00 3.98 35.22
CA VAL B 305 -8.40 2.83 35.91
C VAL B 305 -8.47 3.01 37.43
N GLU B 306 -8.37 1.92 38.17
CA GLU B 306 -8.31 2.04 39.64
C GLU B 306 -7.23 3.04 40.02
N PRO B 307 -7.53 3.89 41.00
CA PRO B 307 -6.64 5.01 41.34
C PRO B 307 -5.22 4.54 41.65
N GLY B 308 -4.26 5.20 41.04
CA GLY B 308 -2.86 4.88 41.27
C GLY B 308 -2.32 3.80 40.35
N THR B 309 -3.19 3.10 39.63
CA THR B 309 -2.71 2.08 38.69
C THR B 309 -2.31 2.72 37.36
N ASN B 310 -1.54 1.98 36.56
CA ASN B 310 -1.08 2.45 35.27
C ASN B 310 -2.24 2.61 34.31
N PRO B 311 -2.52 3.85 33.86
CA PRO B 311 -3.63 4.08 32.93
C PRO B 311 -3.51 3.27 31.63
N GLY B 312 -2.30 2.89 31.25
CA GLY B 312 -2.08 2.03 30.09
C GLY B 312 -2.42 0.55 30.26
N PHE B 313 -2.71 0.10 31.49
CA PHE B 313 -3.04 -1.30 31.75
C PHE B 313 -4.53 -1.56 31.88
N LEU B 314 -5.31 -0.48 31.92
CA LEU B 314 -6.78 -0.55 31.86
C LEU B 314 -7.42 -1.39 32.96
N TYR B 315 -6.78 -1.47 34.11
CA TYR B 315 -7.31 -2.28 35.20
C TYR B 315 -8.44 -1.57 35.93
N GLN B 316 -9.65 -2.12 35.84
CA GLN B 316 -10.78 -1.53 36.55
C GLN B 316 -11.54 -2.60 37.31
N GLN B 317 -12.24 -2.20 38.35
CA GLN B 317 -13.01 -3.12 39.16
C GLN B 317 -14.34 -3.36 38.46
N ASN B 318 -15.18 -4.21 39.03
CA ASN B 318 -16.31 -4.73 38.30
C ASN B 318 -17.46 -4.93 39.29
N SER B 319 -18.58 -4.26 39.07
CA SER B 319 -19.68 -4.27 40.03
C SER B 319 -21.01 -4.79 39.49
N ILE B 320 -22.03 -4.78 40.34
CA ILE B 320 -23.38 -5.16 39.92
C ILE B 320 -23.86 -4.24 38.79
N ARG B 321 -23.31 -3.02 38.71
CA ARG B 321 -23.58 -2.13 37.58
C ARG B 321 -23.09 -2.79 36.28
N ASP B 322 -21.90 -3.37 36.33
CA ASP B 322 -21.32 -4.06 35.19
C ASP B 322 -22.11 -5.31 34.85
N ALA B 323 -22.60 -6.00 35.87
CA ALA B 323 -23.45 -7.17 35.61
C ALA B 323 -24.68 -6.78 34.82
N LEU B 324 -25.28 -5.64 35.15
CA LEU B 324 -26.48 -5.20 34.46
C LEU B 324 -26.17 -4.78 33.03
N VAL B 325 -25.05 -4.11 32.83
CA VAL B 325 -24.60 -3.74 31.49
C VAL B 325 -24.43 -4.98 30.61
N ALA B 326 -23.80 -6.02 31.15
CA ALA B 326 -23.63 -7.27 30.40
C ALA B 326 -24.98 -7.92 30.08
N GLY B 327 -25.80 -8.13 31.11
CA GLY B 327 -27.10 -8.75 30.92
C GLY B 327 -27.95 -8.00 29.89
N ALA B 328 -28.05 -6.68 30.04
CA ALA B 328 -28.87 -5.88 29.16
C ALA B 328 -28.35 -5.88 27.72
N THR B 329 -27.03 -5.92 27.59
CA THR B 329 -26.41 -5.89 26.26
C THR B 329 -26.57 -7.23 25.56
N LEU B 330 -26.37 -8.31 26.30
CA LEU B 330 -26.55 -9.63 25.72
C LEU B 330 -28.00 -9.78 25.24
N HIS B 331 -28.95 -9.22 25.99
CA HIS B 331 -30.36 -9.22 25.57
C HIS B 331 -30.54 -8.46 24.26
N ILE B 332 -29.81 -7.36 24.11
CA ILE B 332 -29.82 -6.60 22.86
C ILE B 332 -29.27 -7.45 21.70
N PHE B 333 -28.15 -8.14 21.92
CA PHE B 333 -27.66 -9.05 20.91
C PHE B 333 -28.71 -10.14 20.58
N HIS B 334 -29.34 -10.74 21.58
CA HIS B 334 -30.40 -11.73 21.29
C HIS B 334 -31.45 -11.18 20.34
N ARG B 335 -31.92 -9.96 20.60
CA ARG B 335 -32.98 -9.37 19.79
C ARG B 335 -32.57 -9.20 18.33
N HIS B 336 -31.26 -9.06 18.11
CA HIS B 336 -30.76 -8.88 16.75
C HIS B 336 -30.01 -10.09 16.26
N CYS B 337 -30.37 -11.26 16.76
CA CYS B 337 -29.60 -12.45 16.45
C CYS B 337 -29.79 -12.94 15.02
N ASP B 338 -30.64 -12.25 14.26
CA ASP B 338 -30.75 -12.59 12.85
C ASP B 338 -29.55 -12.04 12.04
N ARG B 339 -28.83 -11.06 12.60
CA ARG B 339 -27.69 -10.43 11.93
C ARG B 339 -26.42 -10.46 12.81
N VAL B 340 -26.57 -10.18 14.10
CA VAL B 340 -25.45 -10.28 15.04
C VAL B 340 -25.20 -11.75 15.38
N ARG B 341 -24.03 -12.25 15.04
CA ARG B 341 -23.74 -13.66 15.22
C ARG B 341 -22.50 -13.90 16.08
N MET B 342 -21.89 -12.81 16.52
CA MET B 342 -20.73 -12.90 17.41
C MET B 342 -20.54 -11.59 18.12
N ALA B 343 -20.14 -11.66 19.37
CA ALA B 343 -19.79 -10.44 20.09
C ALA B 343 -18.68 -10.83 21.06
N ASN B 344 -17.86 -9.86 21.45
CA ASN B 344 -16.69 -10.17 22.26
C ASN B 344 -16.49 -9.06 23.28
N ILE B 345 -16.84 -9.34 24.52
CA ILE B 345 -16.73 -8.32 25.56
C ILE B 345 -15.26 -8.00 25.78
N ALA B 346 -14.96 -6.73 25.98
CA ALA B 346 -13.59 -6.28 25.98
C ALA B 346 -12.92 -6.64 27.27
N GLN B 347 -12.19 -7.72 27.09
CA GLN B 347 -11.08 -8.20 27.84
C GLN B 347 -11.36 -9.15 28.98
N LEU B 348 -10.79 -10.33 28.74
CA LEU B 348 -11.07 -11.51 29.49
C LEU B 348 -10.61 -11.39 30.92
N VAL B 349 -9.37 -10.92 31.13
CA VAL B 349 -8.80 -10.94 32.46
C VAL B 349 -8.04 -9.65 32.78
N ASN B 350 -8.33 -9.04 33.94
CA ASN B 350 -7.58 -7.87 34.44
C ASN B 350 -7.60 -6.61 33.58
N VAL B 351 -8.52 -6.54 32.61
CA VAL B 351 -8.54 -5.44 31.66
C VAL B 351 -9.98 -5.10 31.28
N LEU B 352 -10.36 -3.84 31.49
CA LEU B 352 -11.69 -3.35 31.19
C LEU B 352 -12.72 -4.23 31.89
N GLN B 353 -13.81 -4.57 31.21
CA GLN B 353 -14.89 -5.31 31.85
C GLN B 353 -14.63 -6.82 31.92
N SER B 354 -13.66 -7.24 32.72
CA SER B 354 -13.20 -8.63 32.77
C SER B 354 -14.11 -9.56 33.57
N VAL B 355 -14.14 -10.83 33.17
CA VAL B 355 -14.86 -11.83 33.92
C VAL B 355 -14.02 -12.30 35.10
N ILE B 356 -12.70 -12.11 35.00
CA ILE B 356 -11.80 -12.59 36.04
C ILE B 356 -10.76 -11.52 36.36
N LEU B 357 -10.44 -11.38 37.64
CA LEU B 357 -9.31 -10.56 38.03
C LEU B 357 -8.31 -11.47 38.78
N THR B 358 -7.02 -11.23 38.59
CA THR B 358 -6.04 -12.04 39.29
C THR B 358 -5.12 -11.17 40.13
N GLU B 359 -4.49 -11.80 41.12
CA GLU B 359 -3.53 -11.14 41.98
C GLU B 359 -2.52 -12.22 42.30
N GLY B 360 -1.49 -12.31 41.48
CA GLY B 360 -0.56 -13.43 41.60
C GLY B 360 -1.33 -14.73 41.50
N GLU B 361 -1.12 -15.63 42.46
CA GLU B 361 -1.74 -16.94 42.42
C GLU B 361 -3.24 -16.88 42.71
N ARG B 362 -3.72 -15.73 43.18
CA ARG B 362 -5.12 -15.63 43.56
C ARG B 362 -5.97 -15.14 42.40
N MET B 363 -7.24 -15.51 42.39
CA MET B 363 -8.17 -15.01 41.38
C MET B 363 -9.57 -14.86 41.92
N LEU B 364 -10.36 -14.06 41.22
CA LEU B 364 -11.75 -13.88 41.60
C LEU B 364 -12.65 -13.82 40.38
N LEU B 365 -13.91 -14.19 40.57
CA LEU B 365 -14.93 -14.09 39.55
C LEU B 365 -15.69 -12.80 39.73
N THR B 366 -15.81 -11.99 38.69
CA THR B 366 -16.54 -10.72 38.82
C THR B 366 -18.02 -10.95 38.58
N PRO B 367 -18.87 -9.96 38.94
CA PRO B 367 -20.29 -10.12 38.66
C PRO B 367 -20.57 -10.28 37.16
N THR B 368 -19.67 -9.78 36.32
CA THR B 368 -19.75 -9.97 34.88
C THR B 368 -19.56 -11.44 34.52
N TYR B 369 -18.58 -12.08 35.15
CA TYR B 369 -18.44 -13.54 35.00
C TYR B 369 -19.77 -14.22 35.32
N HIS B 370 -20.42 -13.79 36.39
CA HIS B 370 -21.62 -14.49 36.86
C HIS B 370 -22.77 -14.36 35.86
N VAL B 371 -22.89 -13.19 35.25
CA VAL B 371 -23.82 -13.04 34.14
C VAL B 371 -23.52 -14.00 32.97
N PHE B 372 -22.26 -14.05 32.52
CA PHE B 372 -21.91 -14.94 31.40
C PHE B 372 -22.15 -16.40 31.75
N ASN B 373 -21.88 -16.77 32.99
CA ASN B 373 -22.09 -18.14 33.44
C ASN B 373 -23.58 -18.46 33.50
N MET B 374 -24.36 -17.55 34.08
CA MET B 374 -25.80 -17.72 34.18
C MET B 374 -26.47 -17.75 32.78
N PHE B 375 -26.01 -16.88 31.89
CA PHE B 375 -26.62 -16.73 30.57
C PHE B 375 -26.13 -17.78 29.57
N LYS B 376 -25.19 -18.63 29.98
CA LYS B 376 -24.65 -19.62 29.06
C LYS B 376 -25.75 -20.52 28.50
N VAL B 377 -26.85 -20.66 29.22
CA VAL B 377 -28.01 -21.47 28.78
C VAL B 377 -28.61 -20.98 27.46
N HIS B 378 -28.38 -19.70 27.15
CA HIS B 378 -28.86 -19.08 25.92
C HIS B 378 -28.01 -19.44 24.68
N GLN B 379 -26.79 -19.92 24.89
CA GLN B 379 -25.87 -20.20 23.78
C GLN B 379 -26.44 -21.25 22.82
N ASP B 380 -26.57 -20.89 21.54
CA ASP B 380 -27.10 -21.79 20.51
C ASP B 380 -28.54 -22.19 20.81
N ALA B 381 -29.23 -21.39 21.62
CA ALA B 381 -30.61 -21.67 21.94
C ALA B 381 -31.53 -21.02 20.92
N GLU B 382 -32.78 -21.49 20.85
CA GLU B 382 -33.78 -20.87 19.97
C GLU B 382 -34.44 -19.70 20.67
N LEU B 383 -34.33 -18.51 20.07
CA LEU B 383 -35.00 -17.33 20.59
C LEU B 383 -36.52 -17.51 20.47
N LEU B 384 -37.23 -17.29 21.57
CA LEU B 384 -38.69 -17.40 21.56
C LEU B 384 -39.32 -16.01 21.41
N ASP B 385 -40.43 -15.95 20.71
CA ASP B 385 -41.18 -14.71 20.53
C ASP B 385 -41.72 -14.20 21.87
N THR B 386 -41.39 -12.96 22.23
CA THR B 386 -41.92 -12.38 23.46
C THR B 386 -42.48 -10.99 23.18
N TRP B 387 -43.61 -10.68 23.79
CA TRP B 387 -44.17 -9.34 23.70
C TRP B 387 -44.10 -8.78 25.11
N GLU B 388 -43.76 -7.51 25.24
CA GLU B 388 -43.58 -6.94 26.55
C GLU B 388 -44.12 -5.53 26.65
N SER B 389 -44.53 -5.18 27.85
CA SER B 389 -44.95 -3.85 28.19
C SER B 389 -44.37 -3.62 29.56
N VAL B 390 -43.29 -2.84 29.63
CA VAL B 390 -42.53 -2.73 30.87
C VAL B 390 -42.63 -1.35 31.49
N GLU B 391 -42.61 -1.28 32.81
CA GLU B 391 -42.62 0.01 33.47
C GLU B 391 -41.28 0.70 33.26
N ARG B 392 -41.25 2.00 33.55
CA ARG B 392 -40.06 2.81 33.35
C ARG B 392 -39.35 3.05 34.67
N THR B 393 -38.08 3.42 34.60
CA THR B 393 -37.32 3.74 35.80
C THR B 393 -36.28 4.80 35.46
N GLY B 394 -35.58 5.29 36.47
CA GLY B 394 -34.58 6.32 36.27
C GLY B 394 -35.16 7.70 36.08
N PRO B 395 -34.29 8.70 35.90
CA PRO B 395 -34.70 10.08 35.66
C PRO B 395 -35.67 10.16 34.48
N GLU B 396 -36.83 10.76 34.73
CA GLU B 396 -37.86 10.96 33.70
C GLU B 396 -38.22 9.67 32.99
N GLY B 397 -38.09 8.54 33.67
CA GLY B 397 -38.41 7.24 33.07
C GLY B 397 -37.61 6.91 31.81
N GLU B 398 -36.38 7.42 31.73
CA GLU B 398 -35.52 7.25 30.55
C GLU B 398 -35.06 5.81 30.31
N LEU B 399 -35.22 4.94 31.29
CA LEU B 399 -34.83 3.54 31.13
C LEU B 399 -36.01 2.60 31.30
N PRO B 400 -35.95 1.44 30.64
CA PRO B 400 -36.93 0.40 30.96
C PRO B 400 -36.58 -0.14 32.34
N LYS B 401 -37.56 -0.47 33.16
CA LYS B 401 -37.23 -1.00 34.46
C LYS B 401 -36.68 -2.42 34.33
N VAL B 402 -37.18 -3.14 33.35
CA VAL B 402 -36.81 -4.54 33.17
C VAL B 402 -36.42 -4.85 31.74
N SER B 403 -35.40 -5.70 31.58
CA SER B 403 -35.03 -6.27 30.30
C SER B 403 -35.17 -7.78 30.36
N VAL B 404 -35.93 -8.33 29.41
CA VAL B 404 -36.31 -9.74 29.44
C VAL B 404 -36.02 -10.42 28.11
N SER B 405 -35.53 -11.66 28.17
CA SER B 405 -35.30 -12.46 26.99
C SER B 405 -35.63 -13.92 27.27
N ALA B 406 -36.20 -14.62 26.29
CA ALA B 406 -36.53 -16.01 26.49
C ALA B 406 -36.03 -16.87 25.36
N SER B 407 -35.49 -18.03 25.70
CA SER B 407 -35.02 -18.96 24.70
C SER B 407 -35.32 -20.39 25.12
N ARG B 408 -35.23 -21.30 24.16
CA ARG B 408 -35.37 -22.72 24.44
C ARG B 408 -34.10 -23.48 24.06
N ALA B 409 -33.53 -24.18 25.03
CA ALA B 409 -32.33 -24.96 24.80
C ALA B 409 -32.64 -26.24 24.04
N ALA B 410 -31.60 -26.94 23.59
CA ALA B 410 -31.77 -28.15 22.80
C ALA B 410 -32.45 -29.28 23.60
N ASP B 411 -32.36 -29.22 24.91
CA ASP B 411 -32.96 -30.25 25.75
C ASP B 411 -34.41 -29.90 26.07
N GLY B 412 -34.97 -28.94 25.33
CA GLY B 412 -36.35 -28.57 25.49
C GLY B 412 -36.62 -27.57 26.61
N LYS B 413 -35.68 -27.45 27.55
CA LYS B 413 -35.86 -26.51 28.65
C LYS B 413 -35.93 -25.07 28.16
N ILE B 414 -36.79 -24.29 28.79
CA ILE B 414 -36.95 -22.89 28.44
C ILE B 414 -36.29 -22.03 29.51
N HIS B 415 -35.48 -21.06 29.06
CA HIS B 415 -34.82 -20.16 30.00
C HIS B 415 -35.25 -18.72 29.78
N ILE B 416 -35.63 -18.06 30.86
CA ILE B 416 -36.04 -16.69 30.80
C ILE B 416 -35.13 -15.89 31.68
N SER B 417 -34.41 -14.93 31.09
CA SER B 417 -33.54 -14.09 31.89
C SER B 417 -34.14 -12.68 31.99
N LEU B 418 -33.98 -12.09 33.17
CA LEU B 418 -34.58 -10.79 33.46
C LEU B 418 -33.58 -9.91 34.19
N CYS B 419 -33.42 -8.68 33.72
CA CYS B 419 -32.60 -7.69 34.42
C CYS B 419 -33.50 -6.60 34.97
N ASN B 420 -33.29 -6.25 36.24
CA ASN B 420 -33.96 -5.12 36.85
C ASN B 420 -32.97 -3.96 36.96
N LEU B 421 -33.17 -2.93 36.14
CA LEU B 421 -32.21 -1.83 36.03
C LEU B 421 -32.27 -0.82 37.18
N ASP B 422 -33.34 -0.91 37.97
CA ASP B 422 -33.57 0.04 39.07
C ASP B 422 -32.90 -0.51 40.32
N PHE B 423 -32.01 0.27 40.92
CA PHE B 423 -31.33 -0.17 42.14
C PHE B 423 -32.16 0.11 43.40
N GLU B 424 -33.22 0.90 43.26
CA GLU B 424 -33.99 1.43 44.38
C GLU B 424 -35.04 0.45 44.89
N THR B 425 -35.84 -0.07 43.98
CA THR B 425 -36.93 -0.98 44.35
C THR B 425 -36.92 -2.22 43.47
N GLY B 426 -37.53 -3.29 43.98
CA GLY B 426 -37.69 -4.51 43.23
C GLY B 426 -38.62 -4.31 42.05
N ALA B 427 -38.70 -5.30 41.18
CA ALA B 427 -39.48 -5.19 39.97
C ALA B 427 -40.50 -6.30 39.85
N SER B 428 -41.78 -5.94 39.74
CA SER B 428 -42.81 -6.95 39.59
C SER B 428 -42.97 -7.27 38.12
N VAL B 429 -42.95 -8.55 37.78
CA VAL B 429 -43.07 -8.97 36.39
C VAL B 429 -44.09 -10.09 36.26
N ASP B 430 -45.13 -9.85 35.45
CA ASP B 430 -46.13 -10.89 35.19
C ASP B 430 -45.84 -11.53 33.85
N ILE B 431 -45.43 -12.80 33.88
CA ILE B 431 -45.10 -13.51 32.65
C ILE B 431 -46.20 -14.48 32.27
N GLU B 432 -46.74 -14.30 31.07
CA GLU B 432 -47.72 -15.23 30.55
C GLU B 432 -47.04 -16.20 29.62
N LEU B 433 -47.21 -17.49 29.89
CA LEU B 433 -46.63 -18.55 29.07
C LEU B 433 -47.68 -19.08 28.09
N ARG B 434 -47.50 -18.79 26.80
CA ARG B 434 -48.40 -19.28 25.76
C ARG B 434 -47.76 -20.38 24.94
N GLY B 435 -48.57 -21.09 24.16
CA GLY B 435 -48.08 -22.08 23.21
C GLY B 435 -47.27 -23.18 23.86
N LEU B 436 -47.43 -23.32 25.16
CA LEU B 436 -46.70 -24.33 25.91
C LEU B 436 -47.50 -25.63 25.92
N ASN B 437 -46.89 -26.73 25.45
CA ASN B 437 -47.57 -28.02 25.41
C ASN B 437 -48.36 -28.34 26.68
N GLY B 438 -47.74 -29.12 27.57
CA GLY B 438 -48.38 -29.46 28.84
C GLY B 438 -48.21 -28.37 29.88
N GLY B 439 -47.75 -28.76 31.07
CA GLY B 439 -47.47 -27.81 32.13
C GLY B 439 -45.98 -27.71 32.38
N VAL B 440 -45.57 -26.72 33.17
CA VAL B 440 -44.15 -26.58 33.49
C VAL B 440 -43.91 -26.31 34.96
N SER B 441 -42.72 -26.65 35.43
CA SER B 441 -42.26 -26.22 36.73
C SER B 441 -41.03 -25.33 36.51
N ALA B 442 -40.69 -24.52 37.50
CA ALA B 442 -39.65 -23.52 37.33
C ALA B 442 -38.70 -23.47 38.51
N THR B 443 -37.42 -23.25 38.22
CA THR B 443 -36.45 -22.90 39.24
C THR B 443 -35.79 -21.57 38.86
N GLY B 444 -35.21 -20.88 39.82
CA GLY B 444 -34.60 -19.60 39.53
C GLY B 444 -33.32 -19.34 40.28
N THR B 445 -32.45 -18.54 39.68
CA THR B 445 -31.20 -18.11 40.31
C THR B 445 -31.04 -16.61 40.05
N THR B 446 -30.60 -15.86 41.05
CA THR B 446 -30.52 -14.41 40.92
C THR B 446 -29.16 -13.88 41.34
N LEU B 447 -28.71 -12.82 40.66
CA LEU B 447 -27.46 -12.15 40.98
C LEU B 447 -27.79 -10.72 41.35
N THR B 448 -27.49 -10.33 42.58
CA THR B 448 -27.87 -9.00 43.05
C THR B 448 -26.93 -8.58 44.16
N SER B 449 -27.16 -7.40 44.71
CA SER B 449 -26.26 -6.85 45.72
C SER B 449 -27.00 -5.80 46.52
N GLY B 450 -26.48 -5.46 47.70
CA GLY B 450 -27.06 -4.42 48.53
C GLY B 450 -26.49 -3.03 48.28
N ARG B 451 -25.36 -2.96 47.58
CA ARG B 451 -24.75 -1.67 47.20
C ARG B 451 -24.79 -1.54 45.68
N ILE B 452 -24.95 -0.32 45.16
CA ILE B 452 -25.00 -0.14 43.72
C ILE B 452 -23.63 -0.41 43.10
N ASP B 453 -22.59 -0.38 43.92
CA ASP B 453 -21.25 -0.67 43.41
C ASP B 453 -20.72 -1.95 44.03
N GLY B 454 -21.65 -2.82 44.43
CA GLY B 454 -21.29 -4.09 45.03
C GLY B 454 -20.35 -4.84 44.12
N HIS B 455 -19.23 -5.30 44.67
CA HIS B 455 -18.19 -5.93 43.87
C HIS B 455 -17.39 -6.94 44.66
N ASN B 456 -16.69 -7.82 43.94
CA ASN B 456 -15.82 -8.79 44.54
C ASN B 456 -14.39 -8.30 44.60
N THR B 457 -13.72 -8.61 45.71
CA THR B 457 -12.33 -8.21 45.94
C THR B 457 -11.58 -9.46 46.34
N PHE B 458 -10.25 -9.36 46.40
CA PHE B 458 -9.46 -10.51 46.79
C PHE B 458 -9.59 -10.82 48.27
N ASP B 459 -10.06 -9.83 49.03
CA ASP B 459 -10.39 -10.01 50.44
C ASP B 459 -11.72 -10.75 50.60
N GLU B 460 -12.67 -10.45 49.73
CA GLU B 460 -14.00 -11.03 49.79
C GLU B 460 -14.47 -11.31 48.38
N PRO B 461 -14.02 -12.44 47.82
CA PRO B 461 -14.22 -12.74 46.40
C PRO B 461 -15.63 -13.26 46.12
N GLU B 462 -16.45 -13.41 47.16
CA GLU B 462 -17.78 -13.95 46.97
C GLU B 462 -18.84 -13.04 47.55
N ARG B 463 -18.50 -11.76 47.62
CA ARG B 463 -19.46 -10.76 48.08
C ARG B 463 -20.68 -10.63 47.17
N VAL B 464 -20.49 -10.82 45.86
CA VAL B 464 -21.57 -10.75 44.88
C VAL B 464 -21.55 -12.00 44.01
N LYS B 465 -22.58 -12.83 44.10
CA LYS B 465 -22.60 -14.09 43.38
C LYS B 465 -24.02 -14.64 43.30
N PRO B 466 -24.27 -15.54 42.34
CA PRO B 466 -25.63 -16.06 42.15
C PRO B 466 -26.15 -16.76 43.40
N ALA B 467 -27.45 -16.68 43.59
CA ALA B 467 -28.11 -17.28 44.74
C ALA B 467 -29.46 -17.80 44.26
N PRO B 468 -30.05 -18.73 45.01
CA PRO B 468 -31.37 -19.25 44.66
C PRO B 468 -32.39 -18.14 44.65
N PHE B 469 -33.24 -18.14 43.63
CA PHE B 469 -34.34 -17.19 43.54
C PHE B 469 -35.63 -17.96 43.68
N ARG B 470 -36.45 -17.59 44.66
CA ARG B 470 -37.67 -18.33 44.96
C ARG B 470 -38.85 -17.38 45.12
N ASP B 471 -38.58 -16.09 44.90
CA ASP B 471 -39.60 -15.06 45.08
C ASP B 471 -40.52 -14.97 43.86
N PHE B 472 -41.10 -16.10 43.47
CA PHE B 472 -42.04 -16.13 42.36
C PHE B 472 -43.12 -17.19 42.54
N LYS B 473 -44.17 -17.06 41.75
CA LYS B 473 -45.31 -17.96 41.84
C LYS B 473 -45.70 -18.37 40.42
N LEU B 474 -45.79 -19.67 40.20
CA LEU B 474 -46.15 -20.19 38.89
C LEU B 474 -47.54 -20.81 38.94
N GLU B 475 -48.55 -19.95 38.91
CA GLU B 475 -49.94 -20.36 39.03
C GLU B 475 -50.51 -20.69 37.66
N GLY B 476 -50.39 -21.95 37.25
CA GLY B 476 -50.89 -22.38 35.96
C GLY B 476 -50.03 -21.91 34.81
N GLY B 477 -50.57 -20.98 34.02
CA GLY B 477 -49.85 -20.47 32.87
C GLY B 477 -49.23 -19.11 33.13
N HIS B 478 -49.46 -18.59 34.32
CA HIS B 478 -48.92 -17.30 34.71
C HIS B 478 -47.80 -17.46 35.73
N LEU B 479 -46.63 -16.90 35.41
CA LEU B 479 -45.49 -16.88 36.32
C LEU B 479 -45.30 -15.45 36.76
N ASN B 480 -45.56 -15.17 38.04
CA ASN B 480 -45.44 -13.82 38.55
C ASN B 480 -44.23 -13.73 39.45
N ALA B 481 -43.33 -12.80 39.16
CA ALA B 481 -42.06 -12.73 39.86
C ALA B 481 -41.81 -11.37 40.46
N SER B 482 -41.17 -11.35 41.63
CA SER B 482 -40.70 -10.11 42.25
C SER B 482 -39.18 -10.06 42.21
N LEU B 483 -38.64 -9.37 41.21
CA LEU B 483 -37.20 -9.28 41.03
C LEU B 483 -36.59 -8.34 42.05
N PRO B 484 -35.49 -8.75 42.66
CA PRO B 484 -34.79 -7.88 43.61
C PRO B 484 -34.30 -6.62 42.92
N PRO B 485 -34.06 -5.55 43.69
CA PRO B 485 -33.44 -4.35 43.11
C PRO B 485 -32.11 -4.74 42.47
N MET B 486 -31.68 -3.98 41.46
CA MET B 486 -30.39 -4.20 40.78
C MET B 486 -30.00 -5.67 40.65
N SER B 487 -30.67 -6.39 39.77
CA SER B 487 -30.43 -7.81 39.71
C SER B 487 -30.49 -8.37 38.31
N VAL B 488 -29.82 -9.51 38.15
CA VAL B 488 -29.94 -10.30 36.94
C VAL B 488 -30.40 -11.68 37.37
N THR B 489 -31.47 -12.16 36.74
CA THR B 489 -32.13 -13.39 37.15
C THR B 489 -32.37 -14.34 35.99
N VAL B 490 -32.13 -15.63 36.21
CA VAL B 490 -32.44 -16.64 35.20
C VAL B 490 -33.46 -17.63 35.75
N LEU B 491 -34.56 -17.81 35.03
CA LEU B 491 -35.55 -18.81 35.39
C LEU B 491 -35.47 -19.96 34.40
N GLU B 492 -35.45 -21.17 34.91
CA GLU B 492 -35.48 -22.36 34.07
C GLU B 492 -36.83 -23.07 34.19
N LEU B 493 -37.49 -23.26 33.05
CA LEU B 493 -38.77 -23.94 32.97
C LEU B 493 -38.58 -25.36 32.42
N THR B 494 -39.21 -26.34 33.05
CA THR B 494 -39.14 -27.72 32.57
C THR B 494 -40.51 -28.32 32.34
N ALA B 495 -40.63 -29.08 31.25
CA ALA B 495 -41.85 -29.80 30.93
C ALA B 495 -42.35 -30.59 32.14
N GLY B 496 -43.61 -30.37 32.51
CA GLY B 496 -44.22 -31.06 33.64
C GLY B 496 -44.34 -30.17 34.86
N ALA C 4 14.29 58.21 -4.88
CA ALA C 4 14.77 57.36 -3.81
C ALA C 4 13.66 56.51 -3.20
N SER C 5 13.97 55.25 -2.90
CA SER C 5 13.04 54.40 -2.18
C SER C 5 12.90 54.88 -0.74
N ARG C 6 11.70 54.73 -0.19
CA ARG C 6 11.46 55.21 1.16
C ARG C 6 10.96 54.11 2.07
N VAL C 7 11.53 54.04 3.27
CA VAL C 7 11.15 53.01 4.21
C VAL C 7 10.90 53.58 5.59
N VAL C 8 9.84 53.13 6.21
CA VAL C 8 9.57 53.49 7.58
C VAL C 8 9.66 52.23 8.42
N VAL C 9 10.52 52.25 9.42
CA VAL C 9 10.63 51.15 10.36
C VAL C 9 9.96 51.54 11.68
N ASN C 10 8.92 50.82 12.05
CA ASN C 10 8.28 51.03 13.34
C ASN C 10 8.87 50.11 14.41
N ALA C 11 9.91 50.60 15.07
CA ALA C 11 10.70 49.79 16.00
C ALA C 11 9.92 49.31 17.21
N ASP C 12 8.72 49.85 17.43
CA ASP C 12 7.93 49.44 18.58
C ASP C 12 6.74 48.58 18.19
N ARG C 13 6.76 48.13 16.93
CA ARG C 13 5.67 47.29 16.41
C ARG C 13 6.23 45.95 15.91
N VAL C 14 6.07 44.91 16.72
CA VAL C 14 6.57 43.57 16.39
C VAL C 14 5.50 42.80 15.61
N LYS C 15 5.90 42.19 14.48
CA LYS C 15 4.95 41.52 13.60
C LYS C 15 5.02 40.00 13.71
N GLY C 16 5.90 39.51 14.58
CA GLY C 16 6.07 38.09 14.76
C GLY C 16 7.54 37.76 14.94
N THR C 17 7.84 36.48 14.95
CA THR C 17 9.22 36.02 15.13
C THR C 17 9.72 35.28 13.92
N ILE C 18 10.91 35.65 13.46
CA ILE C 18 11.54 34.96 12.34
C ILE C 18 12.15 33.68 12.92
N ASN C 19 11.44 32.57 12.75
CA ASN C 19 11.95 31.29 13.21
C ASN C 19 13.34 31.06 12.61
N ARG C 20 14.30 30.72 13.46
CA ARG C 20 15.66 30.51 12.96
C ARG C 20 15.73 29.42 11.91
N ASN C 21 14.82 28.45 11.96
CA ASN C 21 14.81 27.36 10.95
C ASN C 21 14.54 27.84 9.52
N ILE C 22 14.21 29.12 9.39
CA ILE C 22 14.00 29.71 8.07
C ILE C 22 15.33 29.71 7.33
N TYR C 23 16.41 29.68 8.12
CA TYR C 23 17.77 29.71 7.61
C TYR C 23 18.32 28.29 7.48
N GLY C 24 17.41 27.33 7.28
CA GLY C 24 17.76 25.93 7.18
C GLY C 24 18.49 25.50 5.93
N HIS C 25 19.07 24.30 6.01
CA HIS C 25 19.82 23.75 4.89
C HIS C 25 19.46 22.31 4.56
N PHE C 26 19.99 21.80 3.44
CA PHE C 26 19.55 20.53 2.86
C PHE C 26 20.74 19.82 2.21
N SER C 27 21.00 18.60 2.66
CA SER C 27 22.12 17.82 2.09
C SER C 27 21.66 16.43 1.65
N GLU C 28 21.76 16.15 0.36
CA GLU C 28 21.34 14.87 -0.17
C GLU C 28 22.56 14.02 -0.51
N HIS C 29 22.37 12.70 -0.48
CA HIS C 29 23.38 11.80 -1.03
C HIS C 29 23.34 11.91 -2.54
N LEU C 30 24.03 12.92 -3.05
CA LEU C 30 24.00 13.25 -4.47
C LEU C 30 25.30 13.96 -4.80
N GLY C 31 25.90 13.61 -5.92
CA GLY C 31 27.15 14.22 -6.32
C GLY C 31 28.13 14.29 -5.17
N ARG C 32 28.73 15.44 -4.95
CA ARG C 32 29.72 15.60 -3.87
C ARG C 32 29.21 16.39 -2.67
N CYS C 33 27.90 16.33 -2.41
CA CYS C 33 27.36 17.03 -1.24
C CYS C 33 27.76 16.33 0.06
N ILE C 34 27.49 15.03 0.13
CA ILE C 34 27.80 14.27 1.34
C ILE C 34 29.24 13.78 1.29
N TYR C 35 29.57 13.02 0.25
CA TYR C 35 30.93 12.49 0.11
C TYR C 35 31.86 13.55 -0.46
N GLU C 36 32.92 13.82 0.31
CA GLU C 36 33.85 14.93 0.10
C GLU C 36 33.37 16.29 0.61
N GLY C 37 32.12 16.65 0.31
CA GLY C 37 31.58 17.91 0.81
C GLY C 37 31.49 17.97 2.33
N LEU C 38 31.22 16.84 2.96
CA LEU C 38 31.08 16.75 4.41
C LEU C 38 31.87 15.55 4.95
N TRP C 39 31.55 14.37 4.45
CA TRP C 39 32.18 13.15 4.91
C TRP C 39 33.46 12.89 4.13
N VAL C 40 34.60 12.90 4.81
CA VAL C 40 35.86 12.58 4.14
C VAL C 40 36.43 11.25 4.63
N GLY C 41 36.01 10.80 5.81
CA GLY C 41 36.49 9.55 6.34
C GLY C 41 37.55 9.84 7.40
N GLU C 42 37.68 8.95 8.37
CA GLU C 42 38.58 9.19 9.49
C GLU C 42 40.06 9.43 9.15
N ASP C 43 40.61 8.67 8.19
CA ASP C 43 42.03 8.80 7.82
C ASP C 43 42.21 9.58 6.52
N SER C 44 41.21 10.36 6.13
CA SER C 44 41.43 11.32 5.05
C SER C 44 42.53 12.32 5.44
N PRO C 45 43.32 12.76 4.45
CA PRO C 45 44.31 13.81 4.75
C PRO C 45 43.66 15.19 4.97
N ILE C 46 42.38 15.31 4.65
CA ILE C 46 41.64 16.54 4.94
C ILE C 46 41.36 16.60 6.44
N PRO C 47 41.78 17.69 7.10
CA PRO C 47 41.56 17.69 8.56
C PRO C 47 40.08 17.50 8.89
N ASN C 48 39.78 16.59 9.81
CA ASN C 48 38.40 16.23 10.08
C ASN C 48 38.20 15.89 11.53
N THR C 49 36.92 15.83 11.91
CA THR C 49 36.53 15.41 13.24
C THR C 49 35.63 14.20 13.07
N ASN C 50 36.12 13.04 13.49
CA ASN C 50 35.38 11.80 13.35
C ASN C 50 34.94 11.53 11.91
N GLY C 51 35.69 12.06 10.95
CA GLY C 51 35.40 11.82 9.56
C GLY C 51 34.76 12.98 8.81
N ILE C 52 34.33 14.00 9.54
CA ILE C 52 33.69 15.16 8.94
C ILE C 52 34.69 16.31 8.81
N ARG C 53 34.82 16.89 7.62
CA ARG C 53 35.87 17.87 7.39
C ARG C 53 35.73 19.15 8.24
N ASN C 54 36.83 19.54 8.90
CA ASN C 54 36.81 20.64 9.86
C ASN C 54 36.54 22.00 9.23
N ASP C 55 37.04 22.23 8.01
CA ASP C 55 36.87 23.54 7.40
C ASP C 55 35.39 23.86 7.16
N VAL C 56 34.65 22.86 6.69
CA VAL C 56 33.22 23.02 6.48
C VAL C 56 32.52 23.20 7.81
N LEU C 57 32.89 22.38 8.79
CA LEU C 57 32.27 22.44 10.11
C LEU C 57 32.39 23.86 10.67
N GLU C 58 33.58 24.44 10.57
CA GLU C 58 33.81 25.75 11.16
C GLU C 58 33.02 26.83 10.41
N ALA C 59 32.99 26.73 9.09
CA ALA C 59 32.29 27.71 8.29
C ALA C 59 30.80 27.67 8.62
N LEU C 60 30.25 26.47 8.74
CA LEU C 60 28.82 26.33 8.97
C LEU C 60 28.43 26.76 10.36
N LYS C 61 29.29 26.47 11.34
CA LYS C 61 29.02 26.91 12.71
C LYS C 61 29.03 28.44 12.83
N GLN C 62 29.97 29.07 12.15
CA GLN C 62 30.06 30.53 12.08
C GLN C 62 28.78 31.10 11.47
N MET C 63 28.26 30.40 10.45
CA MET C 63 27.02 30.77 9.77
C MET C 63 25.80 30.53 10.66
N LYS C 64 25.98 29.79 11.74
CA LYS C 64 24.88 29.45 12.65
C LYS C 64 23.80 28.59 11.96
N ILE C 65 24.20 27.51 11.30
CA ILE C 65 23.24 26.62 10.67
C ILE C 65 22.25 26.13 11.73
N PRO C 66 20.95 26.30 11.47
CA PRO C 66 19.97 25.94 12.51
C PRO C 66 19.36 24.55 12.33
N VAL C 67 19.26 24.08 11.10
CA VAL C 67 18.65 22.81 10.84
C VAL C 67 19.20 22.23 9.54
N LEU C 68 19.32 20.91 9.50
CA LEU C 68 19.85 20.21 8.33
C LEU C 68 18.97 19.01 7.95
N ARG C 69 18.46 19.07 6.72
CA ARG C 69 17.58 18.05 6.17
C ARG C 69 18.41 16.99 5.42
N TRP C 70 18.11 15.72 5.67
CA TRP C 70 18.96 14.67 5.13
C TRP C 70 18.21 13.40 5.05
N PRO C 71 18.64 12.54 4.12
CA PRO C 71 19.12 11.60 3.11
C PRO C 71 18.86 12.35 1.81
N GLY C 72 17.77 13.10 1.80
CA GLY C 72 17.60 13.98 0.68
C GLY C 72 16.22 14.38 0.28
N GLY C 73 16.16 14.66 -1.02
CA GLY C 73 14.96 14.67 -1.79
C GLY C 73 14.87 13.27 -2.39
N CYS C 74 15.15 13.12 -3.68
CA CYS C 74 14.84 11.87 -4.35
C CYS C 74 15.50 10.66 -3.69
N PHE C 75 16.72 10.83 -3.22
CA PHE C 75 17.43 9.72 -2.57
C PHE C 75 16.66 9.17 -1.36
N ALA C 76 15.92 10.03 -0.66
CA ALA C 76 15.23 9.64 0.56
C ALA C 76 14.11 8.61 0.35
N ASP C 77 13.49 8.63 -0.82
CA ASP C 77 12.47 7.62 -1.09
C ASP C 77 13.01 6.42 -1.88
N GLU C 78 14.34 6.31 -1.95
CA GLU C 78 14.99 5.11 -2.46
C GLU C 78 15.78 4.44 -1.33
N TYR C 79 16.10 5.21 -0.31
CA TYR C 79 17.03 4.81 0.77
C TYR C 79 16.40 3.87 1.76
N HIS C 80 17.16 2.87 2.18
CA HIS C 80 16.74 1.96 3.25
C HIS C 80 17.74 2.09 4.41
N TRP C 81 17.33 2.81 5.45
CA TRP C 81 18.23 3.27 6.48
C TRP C 81 19.09 2.19 7.12
N LYS C 82 18.59 0.95 7.19
CA LYS C 82 19.38 -0.13 7.78
C LYS C 82 20.69 -0.34 7.03
N ASP C 83 20.72 0.06 5.76
CA ASP C 83 21.94 -0.03 4.98
C ASP C 83 23.06 0.85 5.52
N GLY C 84 22.69 1.88 6.28
CA GLY C 84 23.65 2.86 6.75
C GLY C 84 24.01 2.77 8.22
N VAL C 85 23.65 1.67 8.88
CA VAL C 85 24.08 1.44 10.26
C VAL C 85 24.82 0.11 10.42
N GLY C 86 25.46 -0.13 11.57
CA GLY C 86 26.30 -1.29 11.74
C GLY C 86 27.75 -0.92 11.41
N PRO C 87 28.70 -1.83 11.72
CA PRO C 87 30.14 -1.58 11.49
C PRO C 87 30.38 -0.97 10.11
N ARG C 88 30.96 0.22 10.10
CA ARG C 88 31.11 0.98 8.86
C ARG C 88 31.76 0.14 7.76
N GLU C 89 32.74 -0.67 8.14
CA GLU C 89 33.51 -1.45 7.18
C GLU C 89 32.72 -2.58 6.51
N LYS C 90 31.53 -2.91 7.03
CA LYS C 90 30.73 -4.02 6.50
C LYS C 90 29.42 -3.57 5.88
N ARG C 91 29.28 -2.27 5.61
CA ARG C 91 28.02 -1.75 5.08
C ARG C 91 27.90 -1.99 3.58
N LYS C 92 26.67 -2.06 3.10
CA LYS C 92 26.42 -2.34 1.69
C LYS C 92 26.99 -1.25 0.81
N ARG C 93 27.42 -1.66 -0.36
CA ARG C 93 28.08 -0.79 -1.31
C ARG C 93 27.30 -0.81 -2.60
N MET C 94 27.08 0.37 -3.19
CA MET C 94 26.50 0.44 -4.52
C MET C 94 27.40 1.30 -5.41
N VAL C 95 27.74 0.81 -6.59
CA VAL C 95 28.56 1.55 -7.52
C VAL C 95 27.94 1.52 -8.91
N ASN C 96 27.71 2.70 -9.47
CA ASN C 96 27.29 2.78 -10.85
C ASN C 96 28.51 3.11 -11.69
N THR C 97 28.85 2.19 -12.59
CA THR C 97 30.00 2.35 -13.48
C THR C 97 29.91 3.66 -14.24
N HIS C 98 30.30 4.72 -13.53
CA HIS C 98 30.11 6.12 -13.93
C HIS C 98 29.19 6.39 -15.14
N TRP C 99 28.05 5.71 -15.17
CA TRP C 99 26.97 6.11 -16.08
C TRP C 99 26.44 7.46 -15.60
N GLY C 100 27.04 7.97 -14.53
CA GLY C 100 26.66 9.25 -13.97
C GLY C 100 26.14 9.16 -12.54
N GLY C 101 26.73 8.27 -11.73
CA GLY C 101 26.31 8.08 -10.34
C GLY C 101 27.38 7.65 -9.35
N VAL C 102 28.53 7.22 -9.86
CA VAL C 102 29.61 6.67 -9.03
C VAL C 102 29.21 5.91 -7.74
N ILE C 103 29.78 6.28 -6.60
CA ILE C 103 29.86 5.39 -5.43
C ILE C 103 29.01 5.77 -4.22
N GLU C 104 28.24 4.81 -3.73
CA GLU C 104 27.57 4.94 -2.44
C GLU C 104 28.02 3.82 -1.53
N ASN C 105 28.97 4.09 -0.64
CA ASN C 105 29.46 3.05 0.24
C ASN C 105 28.76 3.01 1.59
N ASN C 106 27.78 3.89 1.79
CA ASN C 106 27.04 3.98 3.05
C ASN C 106 27.89 4.23 4.28
N HIS C 107 29.08 4.80 4.09
CA HIS C 107 29.92 5.14 5.23
C HIS C 107 29.30 6.31 6.03
N PHE C 108 28.51 7.14 5.35
CA PHE C 108 27.73 8.17 6.05
C PHE C 108 26.29 7.68 6.15
N GLY C 109 25.87 7.31 7.36
CA GLY C 109 24.52 6.84 7.62
C GLY C 109 23.96 7.56 8.85
N THR C 110 23.03 6.92 9.56
CA THR C 110 22.33 7.56 10.67
C THR C 110 23.25 8.10 11.77
N HIS C 111 24.17 7.26 12.26
CA HIS C 111 25.06 7.70 13.34
C HIS C 111 25.92 8.88 12.90
N GLU C 112 26.46 8.81 11.68
CA GLU C 112 27.31 9.87 11.16
C GLU C 112 26.52 11.19 11.02
N PHE C 113 25.29 11.10 10.54
CA PHE C 113 24.45 12.28 10.40
C PHE C 113 24.08 12.88 11.76
N MET C 114 23.66 12.04 12.70
CA MET C 114 23.35 12.54 14.03
C MET C 114 24.59 13.23 14.66
N MET C 115 25.78 12.69 14.38
CA MET C 115 27.01 13.29 14.87
C MET C 115 27.29 14.62 14.20
N LEU C 116 27.11 14.66 12.89
CA LEU C 116 27.28 15.90 12.15
C LEU C 116 26.43 17.00 12.78
N CYS C 117 25.17 16.70 13.10
CA CYS C 117 24.29 17.71 13.67
C CYS C 117 24.75 18.12 15.08
N GLU C 118 25.19 17.16 15.87
CA GLU C 118 25.74 17.48 17.18
C GLU C 118 26.94 18.39 17.05
N LEU C 119 27.83 18.10 16.11
CA LEU C 119 29.03 18.93 15.92
C LEU C 119 28.68 20.34 15.45
N LEU C 120 27.63 20.45 14.63
CA LEU C 120 27.22 21.75 14.08
C LEU C 120 26.35 22.51 15.08
N GLY C 121 25.82 21.79 16.05
CA GLY C 121 24.86 22.40 16.96
C GLY C 121 23.52 22.67 16.29
N CYS C 122 23.24 22.02 15.17
CA CYS C 122 21.95 22.21 14.51
C CYS C 122 20.95 21.09 14.80
N GLU C 123 19.70 21.30 14.42
CA GLU C 123 18.65 20.28 14.52
C GLU C 123 18.74 19.35 13.32
N PRO C 124 18.64 18.03 13.56
CA PRO C 124 18.49 17.09 12.44
C PRO C 124 17.05 17.10 11.90
N TYR C 125 16.92 16.96 10.58
CA TYR C 125 15.62 16.85 9.96
C TYR C 125 15.73 15.65 9.03
N ILE C 126 15.11 14.53 9.40
CA ILE C 126 15.26 13.30 8.61
C ILE C 126 14.03 13.06 7.76
N SER C 127 14.26 12.70 6.51
CA SER C 127 13.22 12.43 5.55
C SER C 127 13.14 10.91 5.37
N GLY C 128 12.06 10.30 5.85
CA GLY C 128 11.85 8.86 5.70
C GLY C 128 11.29 8.42 4.34
N ASN C 129 11.43 7.12 4.07
CA ASN C 129 11.12 6.56 2.77
C ASN C 129 9.67 6.08 2.66
N VAL C 130 8.85 6.80 1.92
CA VAL C 130 7.48 6.36 1.66
C VAL C 130 7.36 5.61 0.33
N GLY C 131 7.95 6.17 -0.73
CA GLY C 131 7.82 5.61 -2.06
C GLY C 131 8.13 4.13 -2.21
N SER C 132 9.23 3.70 -1.62
CA SER C 132 9.64 2.30 -1.74
C SER C 132 9.98 1.67 -0.38
N GLY C 133 9.57 2.31 0.71
CA GLY C 133 9.83 1.81 2.04
C GLY C 133 8.56 1.25 2.66
N THR C 134 8.65 0.65 3.84
CA THR C 134 7.44 0.13 4.47
C THR C 134 7.15 0.90 5.74
N VAL C 135 5.93 0.74 6.24
CA VAL C 135 5.50 1.37 7.46
C VAL C 135 6.39 0.87 8.62
N GLN C 136 6.67 -0.42 8.64
CA GLN C 136 7.45 -1.00 9.72
C GLN C 136 8.89 -0.47 9.66
N GLU C 137 9.42 -0.35 8.45
CA GLU C 137 10.75 0.18 8.26
C GLU C 137 10.88 1.59 8.85
N MET C 138 9.91 2.46 8.58
CA MET C 138 10.03 3.84 9.02
C MET C 138 9.82 3.95 10.52
N SER C 139 8.89 3.17 11.04
CA SER C 139 8.64 3.12 12.45
C SER C 139 9.87 2.66 13.22
N GLU C 140 10.56 1.66 12.68
CA GLU C 140 11.75 1.10 13.30
C GLU C 140 12.88 2.11 13.33
N TRP C 141 12.94 2.96 12.32
CA TRP C 141 13.98 3.99 12.23
C TRP C 141 13.79 4.97 13.38
N VAL C 142 12.56 5.42 13.59
CA VAL C 142 12.27 6.32 14.72
C VAL C 142 12.59 5.64 16.07
N GLU C 143 12.25 4.38 16.18
CA GLU C 143 12.52 3.65 17.41
C GLU C 143 14.04 3.46 17.64
N TYR C 144 14.76 3.06 16.60
CA TYR C 144 16.21 2.97 16.63
C TYR C 144 16.84 4.27 17.16
N ILE C 145 16.42 5.39 16.61
CA ILE C 145 16.99 6.67 16.97
C ILE C 145 16.60 7.14 18.39
N THR C 146 15.35 6.95 18.77
CA THR C 146 14.83 7.67 19.93
C THR C 146 14.40 6.84 21.15
N PHE C 147 14.33 5.52 21.03
CA PHE C 147 13.83 4.69 22.13
C PHE C 147 14.89 4.40 23.20
N ASP C 148 14.49 4.46 24.46
CA ASP C 148 15.45 4.36 25.57
C ASP C 148 15.39 3.03 26.31
N GLY C 149 14.46 2.15 25.92
CA GLY C 149 14.33 0.89 26.61
C GLY C 149 15.04 -0.25 25.89
N GLU C 150 14.59 -1.45 26.14
CA GLU C 150 15.18 -2.62 25.48
C GLU C 150 14.28 -3.09 24.37
N SER C 151 14.78 -3.06 23.15
CA SER C 151 14.08 -3.66 22.04
C SER C 151 15.14 -3.96 21.04
N PRO C 152 14.83 -4.82 20.06
CA PRO C 152 15.82 -5.09 19.03
C PRO C 152 16.40 -3.81 18.45
N MET C 153 15.59 -2.81 18.15
CA MET C 153 16.11 -1.62 17.48
C MET C 153 17.00 -0.80 18.42
N ALA C 154 16.54 -0.56 19.64
CA ALA C 154 17.33 0.25 20.55
C ALA C 154 18.60 -0.50 20.98
N ASN C 155 18.50 -1.81 21.17
CA ASN C 155 19.70 -2.59 21.48
C ASN C 155 20.71 -2.51 20.34
N TRP C 156 20.19 -2.49 19.11
CA TRP C 156 21.05 -2.43 17.93
C TRP C 156 21.80 -1.10 17.91
N ARG C 157 21.10 -0.01 18.17
CA ARG C 157 21.75 1.29 18.22
C ARG C 157 22.88 1.28 19.23
N ARG C 158 22.60 0.74 20.41
CA ARG C 158 23.61 0.63 21.46
C ARG C 158 24.82 -0.20 21.01
N GLU C 159 24.58 -1.32 20.36
CA GLU C 159 25.68 -2.14 19.85
C GLU C 159 26.50 -1.33 18.85
N ASN C 160 25.81 -0.46 18.10
CA ASN C 160 26.47 0.35 17.07
C ASN C 160 27.14 1.61 17.62
N GLY C 161 27.19 1.75 18.94
CA GLY C 161 27.99 2.82 19.54
C GLY C 161 27.28 3.98 20.20
N ARG C 162 25.95 3.97 20.25
CA ARG C 162 25.22 5.07 20.87
C ARG C 162 24.29 4.56 21.95
N GLU C 163 24.70 4.73 23.20
CA GLU C 163 24.01 4.13 24.32
C GLU C 163 22.64 4.75 24.59
N LYS C 164 22.62 6.05 24.83
CA LYS C 164 21.35 6.71 25.08
C LYS C 164 20.76 7.18 23.76
N PRO C 165 19.45 7.33 23.70
CA PRO C 165 18.82 7.70 22.42
C PRO C 165 19.20 9.11 22.02
N TRP C 166 18.99 9.45 20.75
CA TRP C 166 19.10 10.83 20.32
C TRP C 166 17.75 11.48 20.45
N ARG C 167 17.71 12.80 20.35
CA ARG C 167 16.45 13.51 20.23
C ARG C 167 16.30 13.90 18.78
N ILE C 168 15.07 13.89 18.28
CA ILE C 168 14.83 14.46 16.95
C ILE C 168 13.42 14.98 16.89
N LYS C 169 13.28 16.17 16.31
CA LYS C 169 11.97 16.76 16.11
C LYS C 169 11.48 16.55 14.69
N TYR C 170 12.18 17.08 13.71
CA TYR C 170 11.65 17.15 12.35
C TYR C 170 11.77 15.82 11.58
N TRP C 171 10.63 15.29 11.15
CA TRP C 171 10.61 14.00 10.46
C TRP C 171 9.72 14.12 9.23
N GLY C 172 10.32 14.05 8.04
CA GLY C 172 9.57 14.15 6.81
C GLY C 172 9.03 12.79 6.42
N VAL C 173 7.74 12.69 6.16
CA VAL C 173 7.15 11.40 5.83
C VAL C 173 7.04 11.31 4.31
N GLY C 174 8.16 11.03 3.65
CA GLY C 174 8.19 10.97 2.19
C GLY C 174 8.54 12.31 1.58
N ASN C 175 9.19 12.26 0.43
CA ASN C 175 9.67 13.47 -0.25
C ASN C 175 9.21 13.44 -1.70
N GLN C 176 8.74 14.58 -2.22
CA GLN C 176 8.31 14.68 -3.62
C GLN C 176 7.53 13.47 -4.08
N ASN C 177 6.50 13.09 -3.33
CA ASN C 177 5.79 11.87 -3.66
C ASN C 177 4.94 11.97 -4.93
N TRP C 178 4.69 13.20 -5.36
CA TRP C 178 4.04 13.46 -6.65
C TRP C 178 4.92 13.13 -7.84
N GLY C 179 6.23 13.00 -7.60
CA GLY C 179 7.16 12.75 -8.68
C GLY C 179 8.07 11.58 -8.36
N CYS C 180 9.34 11.87 -8.07
CA CYS C 180 10.29 10.77 -7.90
C CYS C 180 9.99 9.91 -6.66
N GLY C 181 9.14 10.40 -5.75
CA GLY C 181 8.71 9.59 -4.62
C GLY C 181 7.47 8.72 -4.86
N GLY C 182 7.18 8.35 -6.12
CA GLY C 182 6.11 7.39 -6.36
C GLY C 182 5.04 7.85 -7.36
N ASN C 183 5.26 9.03 -7.95
CA ASN C 183 4.29 9.56 -8.90
C ASN C 183 2.85 9.47 -8.41
N MET C 184 2.66 9.86 -7.15
CA MET C 184 1.38 9.71 -6.47
C MET C 184 0.43 10.88 -6.71
N ARG C 185 -0.87 10.55 -6.84
CA ARG C 185 -1.93 11.54 -6.73
C ARG C 185 -1.97 12.03 -5.30
N ALA C 186 -2.32 13.30 -5.09
CA ALA C 186 -2.41 13.85 -3.75
C ALA C 186 -3.29 12.98 -2.87
N GLU C 187 -4.39 12.50 -3.44
CA GLU C 187 -5.35 11.72 -2.66
C GLU C 187 -4.74 10.40 -2.14
N TYR C 188 -3.92 9.78 -2.97
CA TYR C 188 -3.30 8.53 -2.62
C TYR C 188 -2.19 8.78 -1.60
N TYR C 189 -1.32 9.75 -1.87
CA TYR C 189 -0.29 10.09 -0.87
C TYR C 189 -0.86 10.47 0.51
N ALA C 190 -1.95 11.23 0.52
CA ALA C 190 -2.59 11.58 1.80
C ALA C 190 -2.98 10.34 2.60
N ASP C 191 -3.48 9.31 1.91
CA ASP C 191 -3.83 8.05 2.60
C ASP C 191 -2.55 7.38 3.14
N LEU C 192 -1.49 7.35 2.34
CA LEU C 192 -0.24 6.74 2.82
C LEU C 192 0.33 7.54 3.97
N TYR C 193 0.31 8.86 3.82
CA TYR C 193 0.78 9.75 4.87
C TYR C 193 0.09 9.43 6.19
N ARG C 194 -1.24 9.37 6.14
CA ARG C 194 -2.02 9.10 7.35
C ARG C 194 -1.65 7.77 8.00
N GLN C 195 -1.38 6.75 7.19
CA GLN C 195 -0.98 5.44 7.68
C GLN C 195 0.45 5.44 8.25
N PHE C 196 1.43 5.87 7.46
CA PHE C 196 2.81 5.88 7.94
C PHE C 196 2.92 6.64 9.25
N GLN C 197 2.39 7.87 9.29
CA GLN C 197 2.56 8.72 10.46
C GLN C 197 2.02 8.09 11.74
N THR C 198 0.97 7.31 11.61
CA THR C 198 0.37 6.66 12.77
C THR C 198 1.40 5.89 13.60
N TYR C 199 2.38 5.28 12.93
CA TYR C 199 3.36 4.41 13.59
C TYR C 199 4.68 5.08 13.92
N LEU C 200 4.77 6.39 13.75
CA LEU C 200 5.96 7.13 14.16
C LEU C 200 5.70 7.66 15.57
N ARG C 201 6.21 6.95 16.56
CA ARG C 201 5.91 7.26 17.95
C ARG C 201 6.84 8.29 18.58
N ASN C 202 6.36 8.91 19.66
CA ASN C 202 7.18 9.71 20.54
C ASN C 202 7.67 8.80 21.66
N TYR C 203 8.95 8.46 21.65
CA TYR C 203 9.48 7.60 22.70
C TYR C 203 10.20 8.46 23.73
N GLY C 204 10.11 8.08 25.00
CA GLY C 204 10.79 8.80 26.06
C GLY C 204 10.29 10.22 26.16
N ASP C 205 11.20 11.18 26.16
CA ASP C 205 10.80 12.59 26.19
C ASP C 205 10.81 13.22 24.80
N ASN C 206 11.08 12.41 23.78
CA ASN C 206 11.13 12.92 22.42
C ASN C 206 9.73 13.25 21.86
N LYS C 207 9.63 14.34 21.11
CA LYS C 207 8.37 14.73 20.50
C LYS C 207 8.58 14.94 19.01
N LEU C 208 7.97 14.10 18.18
CA LEU C 208 8.10 14.27 16.73
C LEU C 208 7.26 15.40 16.19
N HIS C 209 7.80 16.03 15.16
CA HIS C 209 7.15 17.09 14.44
C HIS C 209 7.00 16.53 13.03
N LYS C 210 5.86 15.94 12.75
CA LYS C 210 5.67 15.23 11.46
C LYS C 210 5.39 16.16 10.29
N ILE C 211 6.13 15.97 9.21
CA ILE C 211 6.02 16.84 8.04
C ILE C 211 5.52 16.04 6.84
N ALA C 212 4.34 16.42 6.36
CA ALA C 212 3.74 15.79 5.18
C ALA C 212 4.34 16.42 3.92
N CYS C 213 4.52 15.63 2.86
CA CYS C 213 5.04 16.13 1.60
C CYS C 213 4.05 17.12 1.00
N GLY C 214 4.53 18.31 0.67
CA GLY C 214 3.70 19.36 0.11
C GLY C 214 3.88 19.51 -1.38
N ALA C 215 3.32 20.58 -1.92
CA ALA C 215 3.23 20.76 -3.36
C ALA C 215 4.56 21.07 -4.04
N ASN C 216 4.60 20.76 -5.33
CA ASN C 216 5.60 21.25 -6.23
C ASN C 216 5.11 22.56 -6.83
N THR C 217 5.88 23.62 -6.61
CA THR C 217 5.62 24.91 -7.23
C THR C 217 4.17 25.35 -7.07
N ALA C 218 3.45 25.49 -8.18
CA ALA C 218 2.09 26.05 -8.17
C ALA C 218 1.00 24.99 -8.17
N ASP C 219 1.30 23.81 -7.62
CA ASP C 219 0.28 22.75 -7.54
C ASP C 219 -0.60 22.97 -6.31
N TYR C 220 -1.51 23.94 -6.41
CA TYR C 220 -2.40 24.32 -5.32
C TYR C 220 -3.34 23.20 -4.94
N HIS C 221 -3.73 22.39 -5.92
CA HIS C 221 -4.60 21.25 -5.67
C HIS C 221 -3.97 20.30 -4.65
N TRP C 222 -2.65 20.14 -4.70
CA TRP C 222 -1.96 19.25 -3.76
C TRP C 222 -2.16 19.74 -2.34
N THR C 223 -1.94 21.03 -2.14
CA THR C 223 -2.11 21.66 -0.83
C THR C 223 -3.55 21.49 -0.35
N GLU C 224 -4.50 21.76 -1.23
CA GLU C 224 -5.91 21.60 -0.87
C GLU C 224 -6.23 20.18 -0.38
N VAL C 225 -5.78 19.16 -1.12
CA VAL C 225 -6.08 17.79 -0.73
C VAL C 225 -5.36 17.43 0.56
N LEU C 226 -4.09 17.80 0.68
CA LEU C 226 -3.36 17.42 1.90
C LEU C 226 -3.97 18.08 3.13
N MET C 227 -4.38 19.35 2.99
CA MET C 227 -4.97 20.05 4.12
C MET C 227 -6.34 19.42 4.46
N LYS C 228 -7.15 19.22 3.45
CA LYS C 228 -8.50 18.70 3.68
C LYS C 228 -8.48 17.27 4.29
N GLN C 229 -7.58 16.42 3.82
CA GLN C 229 -7.56 15.00 4.21
C GLN C 229 -6.61 14.69 5.36
N ALA C 230 -5.55 15.47 5.55
CA ALA C 230 -4.53 15.07 6.53
C ALA C 230 -4.10 16.13 7.54
N ALA C 231 -4.72 17.31 7.50
CA ALA C 231 -4.31 18.37 8.44
C ALA C 231 -4.17 17.93 9.90
N PRO C 232 -5.14 17.16 10.43
CA PRO C 232 -5.04 16.78 11.84
C PRO C 232 -3.84 15.88 12.18
N PHE C 233 -3.17 15.33 11.17
CA PHE C 233 -2.15 14.32 11.40
C PHE C 233 -0.77 14.81 11.07
N MET C 234 -0.64 16.11 10.84
CA MET C 234 0.66 16.69 10.50
C MET C 234 0.94 17.95 11.31
N HIS C 235 2.21 18.27 11.44
CA HIS C 235 2.57 19.50 12.11
C HIS C 235 3.19 20.47 11.13
N GLY C 236 3.57 19.95 9.97
CA GLY C 236 4.13 20.77 8.92
C GLY C 236 3.79 20.24 7.55
N LEU C 237 3.84 21.11 6.54
CA LEU C 237 3.54 20.75 5.17
C LEU C 237 4.59 21.44 4.31
N SER C 238 5.22 20.72 3.41
CA SER C 238 6.31 21.34 2.66
C SER C 238 5.83 22.05 1.41
N LEU C 239 6.78 22.73 0.76
CA LEU C 239 6.58 23.36 -0.54
C LEU C 239 7.96 23.34 -1.18
N HIS C 240 8.01 23.10 -2.49
CA HIS C 240 9.29 23.07 -3.19
C HIS C 240 9.21 24.05 -4.34
N TYR C 241 10.25 24.87 -4.49
CA TYR C 241 10.31 25.79 -5.62
C TYR C 241 11.73 26.23 -5.98
N TYR C 242 12.19 25.78 -7.14
CA TYR C 242 13.49 26.16 -7.70
C TYR C 242 13.38 27.31 -8.68
N THR C 243 14.38 28.19 -8.62
CA THR C 243 14.51 29.28 -9.57
C THR C 243 15.37 28.81 -10.75
N VAL C 244 14.71 28.62 -11.88
CA VAL C 244 15.34 28.08 -13.08
C VAL C 244 15.21 29.09 -14.22
N PRO C 245 16.32 29.76 -14.56
CA PRO C 245 16.28 30.87 -15.51
C PRO C 245 15.67 30.49 -16.86
N GLY C 246 16.27 29.56 -17.59
CA GLY C 246 15.71 29.14 -18.86
C GLY C 246 14.85 27.91 -18.77
N PRO C 247 14.48 27.32 -19.92
CA PRO C 247 13.72 26.07 -19.95
C PRO C 247 14.50 24.94 -19.29
N TRP C 248 13.80 23.87 -18.88
CA TRP C 248 14.46 22.80 -18.16
C TRP C 248 15.58 22.15 -18.98
N GLU C 249 15.37 22.05 -20.29
CA GLU C 249 16.32 21.43 -21.21
C GLU C 249 17.60 22.23 -21.37
N LYS C 250 17.53 23.53 -21.06
CA LYS C 250 18.66 24.43 -21.22
C LYS C 250 18.50 25.58 -20.21
N LYS C 251 18.85 25.31 -18.96
CA LYS C 251 18.56 26.24 -17.88
C LYS C 251 19.38 27.55 -17.96
N GLY C 252 20.52 27.49 -18.62
CA GLY C 252 21.45 28.61 -18.62
C GLY C 252 22.60 28.41 -17.65
N PRO C 253 23.70 29.14 -17.86
CA PRO C 253 24.93 28.97 -17.09
C PRO C 253 24.93 29.77 -15.78
N ALA C 254 25.75 29.37 -14.82
CA ALA C 254 25.85 30.10 -13.54
C ALA C 254 26.72 31.34 -13.66
N THR C 255 27.65 31.33 -14.60
CA THR C 255 28.47 32.51 -14.86
C THR C 255 28.53 32.76 -16.36
N GLY C 256 29.02 33.94 -16.75
CA GLY C 256 29.06 34.30 -18.16
C GLY C 256 27.68 34.42 -18.77
N PHE C 257 26.67 34.72 -17.96
CA PHE C 257 25.31 34.85 -18.45
C PHE C 257 25.02 36.29 -18.88
N THR C 258 23.96 36.47 -19.66
CA THR C 258 23.57 37.80 -20.14
C THR C 258 22.81 38.61 -19.10
N THR C 259 22.68 39.92 -19.37
CA THR C 259 21.89 40.80 -18.52
C THR C 259 20.40 40.42 -18.52
N ASP C 260 19.90 39.88 -19.63
CA ASP C 260 18.51 39.40 -19.64
C ASP C 260 18.32 38.26 -18.66
N GLU C 261 19.30 37.36 -18.59
CA GLU C 261 19.28 36.25 -17.64
C GLU C 261 19.37 36.74 -16.19
N TRP C 262 20.06 37.86 -15.95
CA TRP C 262 20.02 38.46 -14.62
C TRP C 262 18.59 38.72 -14.19
N TRP C 263 17.86 39.50 -15.00
CA TRP C 263 16.49 39.91 -14.67
C TRP C 263 15.52 38.73 -14.54
N VAL C 264 15.59 37.80 -15.49
CA VAL C 264 14.72 36.63 -15.49
C VAL C 264 14.92 35.80 -14.23
N THR C 265 16.18 35.67 -13.81
CA THR C 265 16.53 34.92 -12.61
C THR C 265 15.87 35.56 -11.38
N LEU C 266 16.01 36.87 -11.22
CA LEU C 266 15.47 37.53 -10.04
C LEU C 266 13.95 37.54 -10.08
N LYS C 267 13.42 37.74 -11.28
CA LYS C 267 11.98 37.72 -11.49
C LYS C 267 11.38 36.39 -11.04
N LYS C 268 11.95 35.29 -11.53
CA LYS C 268 11.48 33.96 -11.15
C LYS C 268 11.69 33.69 -9.68
N ALA C 269 12.78 34.20 -9.12
CA ALA C 269 13.03 34.03 -7.68
C ALA C 269 11.92 34.66 -6.84
N LEU C 270 11.51 35.87 -7.23
CA LEU C 270 10.51 36.60 -6.48
C LEU C 270 9.13 35.94 -6.54
N PHE C 271 8.95 35.01 -7.48
CA PHE C 271 7.70 34.27 -7.62
C PHE C 271 7.40 33.45 -6.34
N MET C 272 8.43 33.21 -5.54
CA MET C 272 8.22 32.56 -4.24
C MET C 272 7.17 33.28 -3.43
N ASP C 273 7.09 34.62 -3.58
CA ASP C 273 6.15 35.35 -2.75
C ASP C 273 4.70 34.95 -3.07
N ARG C 274 4.38 34.91 -4.36
CA ARG C 274 3.07 34.49 -4.83
C ARG C 274 2.77 33.07 -4.43
N LEU C 275 3.75 32.18 -4.62
CA LEU C 275 3.59 30.78 -4.22
C LEU C 275 3.27 30.67 -2.75
N VAL C 276 4.08 31.31 -1.92
CA VAL C 276 3.88 31.18 -0.47
C VAL C 276 2.54 31.77 -0.09
N THR C 277 2.21 32.91 -0.69
CA THR C 277 0.96 33.60 -0.40
C THR C 277 -0.23 32.70 -0.70
N LYS C 278 -0.24 32.13 -1.92
CA LYS C 278 -1.37 31.35 -2.40
C LYS C 278 -1.50 29.98 -1.74
N HIS C 279 -0.39 29.32 -1.45
CA HIS C 279 -0.45 28.07 -0.67
C HIS C 279 -0.91 28.37 0.77
N SER C 280 -0.41 29.47 1.34
CA SER C 280 -0.84 29.87 2.68
C SER C 280 -2.32 30.19 2.72
N ALA C 281 -2.86 30.83 1.69
CA ALA C 281 -4.27 31.17 1.68
C ALA C 281 -5.14 29.91 1.81
N ILE C 282 -4.71 28.84 1.13
CA ILE C 282 -5.42 27.57 1.17
C ILE C 282 -5.28 26.95 2.55
N MET C 283 -4.07 26.98 3.10
CA MET C 283 -3.88 26.46 4.46
C MET C 283 -4.74 27.20 5.49
N ASP C 284 -4.86 28.52 5.33
CA ASP C 284 -5.72 29.33 6.21
C ASP C 284 -7.16 28.83 6.27
N VAL C 285 -7.67 28.36 5.14
CA VAL C 285 -9.05 27.88 5.07
C VAL C 285 -9.24 26.69 5.99
N TYR C 286 -8.26 25.80 6.02
CA TYR C 286 -8.39 24.56 6.78
C TYR C 286 -7.75 24.67 8.15
N ASP C 287 -6.91 25.67 8.31
CA ASP C 287 -6.11 25.79 9.54
C ASP C 287 -5.95 27.28 9.85
N PRO C 288 -7.08 27.94 10.21
CA PRO C 288 -7.11 29.40 10.46
C PRO C 288 -6.21 29.83 11.61
N ASP C 289 -6.00 28.97 12.60
CA ASP C 289 -5.09 29.29 13.71
C ASP C 289 -3.62 29.16 13.33
N LYS C 290 -3.34 28.65 12.14
CA LYS C 290 -1.97 28.47 11.66
C LYS C 290 -1.13 27.52 12.51
N ARG C 291 -1.74 26.44 12.97
CA ARG C 291 -1.02 25.42 13.73
C ARG C 291 0.05 24.77 12.86
N ILE C 292 -0.29 24.49 11.61
CA ILE C 292 0.59 23.74 10.70
C ILE C 292 1.62 24.64 10.04
N ASP C 293 2.90 24.30 10.17
CA ASP C 293 3.96 25.08 9.55
C ASP C 293 3.95 24.88 8.04
N LEU C 294 4.28 25.95 7.32
CA LEU C 294 4.67 25.80 5.93
C LEU C 294 6.19 25.74 5.91
N ILE C 295 6.72 24.71 5.27
CA ILE C 295 8.13 24.42 5.28
C ILE C 295 8.62 24.37 3.85
N VAL C 296 9.38 25.37 3.45
CA VAL C 296 9.85 25.42 2.09
C VAL C 296 11.17 24.68 2.06
N ASP C 297 11.11 23.35 2.01
CA ASP C 297 12.31 22.55 2.25
C ASP C 297 13.15 22.18 1.02
N GLU C 298 12.83 22.78 -0.13
CA GLU C 298 13.75 22.80 -1.25
C GLU C 298 13.54 24.11 -2.01
N TRP C 299 14.57 24.93 -2.09
CA TRP C 299 14.50 26.16 -2.88
C TRP C 299 15.91 26.58 -3.31
N GLY C 300 15.99 27.48 -4.27
CA GLY C 300 17.28 27.98 -4.73
C GLY C 300 17.37 27.97 -6.24
N THR C 301 18.49 28.44 -6.76
CA THR C 301 18.64 28.47 -8.21
C THR C 301 19.14 27.11 -8.72
N TRP C 302 18.78 26.80 -9.95
CA TRP C 302 19.17 25.55 -10.58
C TRP C 302 19.59 25.93 -11.99
N TYR C 303 20.88 25.80 -12.27
CA TYR C 303 21.43 26.14 -13.58
C TYR C 303 21.88 24.84 -14.25
N ASP C 304 22.33 24.93 -15.50
CA ASP C 304 23.06 23.82 -16.12
C ASP C 304 24.36 23.65 -15.34
N VAL C 305 24.90 22.43 -15.27
CA VAL C 305 26.14 22.22 -14.53
C VAL C 305 27.34 22.86 -15.23
N GLU C 306 28.39 23.12 -14.47
CA GLU C 306 29.63 23.63 -15.05
C GLU C 306 30.07 22.74 -16.21
N PRO C 307 30.62 23.36 -17.27
CA PRO C 307 31.01 22.64 -18.48
C PRO C 307 31.98 21.51 -18.18
N GLY C 308 31.71 20.35 -18.74
CA GLY C 308 32.61 19.22 -18.61
C GLY C 308 32.28 18.30 -17.45
N THR C 309 31.42 18.76 -16.53
CA THR C 309 31.10 17.96 -15.36
C THR C 309 29.84 17.12 -15.57
N ASN C 310 29.67 16.12 -14.72
CA ASN C 310 28.52 15.23 -14.82
C ASN C 310 27.21 15.93 -14.46
N PRO C 311 26.26 16.02 -15.42
CA PRO C 311 24.96 16.65 -15.20
C PRO C 311 24.21 16.08 -14.00
N GLY C 312 24.45 14.80 -13.67
CA GLY C 312 23.80 14.16 -12.54
C GLY C 312 24.35 14.61 -11.20
N PHE C 313 25.52 15.22 -11.19
CA PHE C 313 26.14 15.69 -9.96
C PHE C 313 25.68 17.10 -9.54
N LEU C 314 24.98 17.78 -10.45
CA LEU C 314 24.36 19.09 -10.18
C LEU C 314 25.32 20.19 -9.73
N TYR C 315 26.57 20.13 -10.19
CA TYR C 315 27.57 21.09 -9.72
C TYR C 315 27.53 22.38 -10.52
N GLN C 316 27.26 23.49 -9.84
CA GLN C 316 27.17 24.79 -10.52
C GLN C 316 27.90 25.85 -9.71
N GLN C 317 28.39 26.87 -10.39
CA GLN C 317 29.10 27.95 -9.72
C GLN C 317 28.07 28.87 -9.03
N ASN C 318 28.55 29.83 -8.24
CA ASN C 318 27.69 30.64 -7.37
C ASN C 318 28.12 32.10 -7.39
N SER C 319 27.26 32.99 -7.87
CA SER C 319 27.67 34.37 -8.09
C SER C 319 26.86 35.36 -7.27
N ILE C 320 27.17 36.64 -7.43
CA ILE C 320 26.44 37.70 -6.76
C ILE C 320 24.95 37.65 -7.11
N ARG C 321 24.61 37.14 -8.29
CA ARG C 321 23.22 36.94 -8.66
C ARG C 321 22.55 35.97 -7.69
N ASP C 322 23.30 34.92 -7.31
CA ASP C 322 22.84 33.97 -6.32
C ASP C 322 22.70 34.59 -4.93
N ALA C 323 23.61 35.50 -4.58
CA ALA C 323 23.48 36.27 -3.34
C ALA C 323 22.13 37.00 -3.26
N LEU C 324 21.76 37.67 -4.34
CA LEU C 324 20.48 38.39 -4.37
C LEU C 324 19.27 37.45 -4.30
N VAL C 325 19.33 36.32 -4.99
CA VAL C 325 18.23 35.34 -4.92
C VAL C 325 18.08 34.92 -3.46
N ALA C 326 19.20 34.59 -2.81
CA ALA C 326 19.16 34.20 -1.42
C ALA C 326 18.57 35.32 -0.57
N GLY C 327 19.10 36.52 -0.74
CA GLY C 327 18.68 37.66 0.07
C GLY C 327 17.22 37.98 -0.10
N ALA C 328 16.78 38.08 -1.35
CA ALA C 328 15.42 38.46 -1.65
C ALA C 328 14.43 37.39 -1.16
N THR C 329 14.79 36.12 -1.38
CA THR C 329 13.94 35.01 -0.97
C THR C 329 13.80 34.93 0.54
N LEU C 330 14.91 35.10 1.25
CA LEU C 330 14.86 35.05 2.70
C LEU C 330 13.95 36.18 3.22
N HIS C 331 14.00 37.36 2.59
CA HIS C 331 13.08 38.45 2.97
C HIS C 331 11.61 38.03 2.77
N ILE C 332 11.36 37.31 1.69
CA ILE C 332 10.02 36.80 1.43
C ILE C 332 9.57 35.91 2.58
N PHE C 333 10.47 35.02 3.03
CA PHE C 333 10.17 34.17 4.17
C PHE C 333 9.90 35.00 5.43
N HIS C 334 10.72 36.03 5.66
CA HIS C 334 10.45 36.96 6.78
C HIS C 334 9.01 37.49 6.73
N ARG C 335 8.59 37.97 5.57
CA ARG C 335 7.24 38.55 5.45
C ARG C 335 6.14 37.54 5.76
N HIS C 336 6.42 36.26 5.56
CA HIS C 336 5.42 35.23 5.84
C HIS C 336 5.78 34.38 7.05
N CYS C 337 6.53 34.95 7.98
CA CYS C 337 6.97 34.19 9.15
C CYS C 337 5.86 33.81 10.12
N ASP C 338 4.64 34.27 9.87
CA ASP C 338 3.50 33.81 10.67
C ASP C 338 3.11 32.38 10.29
N ARG C 339 3.64 31.87 9.19
CA ARG C 339 3.27 30.54 8.68
C ARG C 339 4.51 29.74 8.22
N VAL C 340 5.39 30.41 7.49
CA VAL C 340 6.65 29.80 7.09
C VAL C 340 7.56 29.78 8.31
N ARG C 341 7.91 28.58 8.77
CA ARG C 341 8.70 28.44 9.99
C ARG C 341 9.96 27.63 9.77
N MET C 342 10.15 27.17 8.53
CA MET C 342 11.40 26.54 8.13
C MET C 342 11.57 26.63 6.63
N ALA C 343 12.82 26.81 6.21
CA ALA C 343 13.17 26.71 4.82
C ALA C 343 14.53 26.03 4.73
N ASN C 344 14.80 25.37 3.62
CA ASN C 344 16.06 24.66 3.45
C ASN C 344 16.57 24.90 2.04
N ILE C 345 17.61 25.70 1.90
CA ILE C 345 18.12 26.00 0.56
C ILE C 345 18.75 24.74 -0.06
N ALA C 346 18.47 24.51 -1.34
CA ALA C 346 18.81 23.23 -1.94
C ALA C 346 20.28 23.16 -2.16
N GLN C 347 20.83 22.51 -1.14
CA GLN C 347 22.04 21.75 -1.06
C GLN C 347 23.30 22.45 -0.57
N LEU C 348 23.72 21.95 0.57
CA LEU C 348 24.73 22.55 1.39
C LEU C 348 26.06 22.70 0.66
N VAL C 349 26.56 21.60 0.07
CA VAL C 349 27.91 21.63 -0.51
C VAL C 349 28.00 21.02 -1.91
N ASN C 350 28.66 21.72 -2.82
CA ASN C 350 28.94 21.19 -4.16
C ASN C 350 27.71 20.81 -5.00
N VAL C 351 26.53 21.17 -4.55
CA VAL C 351 25.32 20.79 -5.28
C VAL C 351 24.32 21.94 -5.33
N LEU C 352 23.99 22.38 -6.55
CA LEU C 352 23.04 23.47 -6.76
C LEU C 352 23.50 24.77 -6.08
N GLN C 353 22.63 25.47 -5.36
CA GLN C 353 23.01 26.77 -4.79
C GLN C 353 23.70 26.63 -3.43
N SER C 354 24.86 26.02 -3.42
CA SER C 354 25.60 25.71 -2.18
C SER C 354 26.20 26.94 -1.51
N VAL C 355 26.32 26.86 -0.20
CA VAL C 355 27.04 27.88 0.55
C VAL C 355 28.55 27.59 0.50
N ILE C 356 28.90 26.33 0.22
CA ILE C 356 30.32 25.94 0.15
C ILE C 356 30.62 25.08 -1.09
N LEU C 357 31.76 25.35 -1.72
CA LEU C 357 32.29 24.46 -2.75
C LEU C 357 33.64 23.88 -2.28
N THR C 358 33.91 22.63 -2.63
CA THR C 358 35.19 22.03 -2.27
C THR C 358 35.89 21.45 -3.49
N GLU C 359 37.21 21.36 -3.40
CA GLU C 359 37.99 20.67 -4.40
C GLU C 359 39.09 19.96 -3.65
N GLY C 360 38.87 18.70 -3.32
CA GLY C 360 39.78 18.02 -2.40
C GLY C 360 39.86 18.80 -1.11
N GLU C 361 41.07 19.09 -0.66
CA GLU C 361 41.28 19.78 0.61
C GLU C 361 40.91 21.25 0.52
N ARG C 362 40.87 21.79 -0.69
CA ARG C 362 40.50 23.20 -0.86
C ARG C 362 39.00 23.40 -0.69
N MET C 363 38.62 24.57 -0.18
CA MET C 363 37.22 24.93 -0.09
C MET C 363 37.04 26.43 -0.25
N LEU C 364 35.86 26.84 -0.70
CA LEU C 364 35.57 28.26 -0.79
C LEU C 364 34.17 28.57 -0.26
N LEU C 365 34.00 29.78 0.24
CA LEU C 365 32.69 30.30 0.62
C LEU C 365 32.08 31.04 -0.57
N THR C 366 30.87 30.63 -0.97
CA THR C 366 30.18 31.27 -2.08
C THR C 366 29.52 32.58 -1.61
N PRO C 367 29.11 33.44 -2.56
CA PRO C 367 28.32 34.62 -2.19
C PRO C 367 27.05 34.24 -1.44
N THR C 368 26.47 33.08 -1.76
CA THR C 368 25.32 32.61 -1.00
C THR C 368 25.68 32.39 0.47
N TYR C 369 26.86 31.83 0.74
CA TYR C 369 27.30 31.66 2.13
C TYR C 369 27.25 33.00 2.83
N HIS C 370 27.76 34.03 2.16
CA HIS C 370 27.93 35.32 2.79
C HIS C 370 26.58 35.94 3.18
N VAL C 371 25.59 35.80 2.32
CA VAL C 371 24.25 36.26 2.68
C VAL C 371 23.73 35.55 3.92
N PHE C 372 23.85 34.22 3.96
CA PHE C 372 23.37 33.47 5.12
C PHE C 372 24.10 33.87 6.39
N ASN C 373 25.38 34.15 6.25
CA ASN C 373 26.20 34.52 7.39
C ASN C 373 25.88 35.97 7.82
N MET C 374 25.74 36.87 6.85
CA MET C 374 25.34 38.25 7.16
C MET C 374 23.93 38.29 7.75
N PHE C 375 23.03 37.48 7.19
CA PHE C 375 21.63 37.48 7.64
C PHE C 375 21.36 36.68 8.91
N LYS C 376 22.39 36.05 9.48
CA LYS C 376 22.14 35.20 10.66
C LYS C 376 21.59 35.98 11.85
N VAL C 377 21.77 37.30 11.81
CA VAL C 377 21.24 38.19 12.84
C VAL C 377 19.72 38.17 12.91
N HIS C 378 19.06 37.70 11.84
CA HIS C 378 17.60 37.64 11.78
C HIS C 378 17.03 36.40 12.44
N GLN C 379 17.89 35.42 12.74
CA GLN C 379 17.45 34.14 13.31
C GLN C 379 16.83 34.35 14.68
N ASP C 380 15.58 33.89 14.83
CA ASP C 380 14.84 34.04 16.08
C ASP C 380 14.65 35.51 16.51
N ALA C 381 14.74 36.43 15.55
CA ALA C 381 14.57 37.85 15.84
C ALA C 381 13.10 38.25 15.68
N GLU C 382 12.73 39.38 16.28
CA GLU C 382 11.38 39.89 16.16
C GLU C 382 11.26 40.68 14.88
N LEU C 383 10.33 40.30 14.00
CA LEU C 383 10.19 41.03 12.76
C LEU C 383 9.55 42.38 13.11
N LEU C 384 10.13 43.47 12.61
CA LEU C 384 9.63 44.80 12.92
C LEU C 384 8.76 45.30 11.78
N ASP C 385 7.73 46.06 12.13
CA ASP C 385 6.79 46.59 11.14
C ASP C 385 7.46 47.63 10.27
N THR C 386 7.37 47.45 8.96
CA THR C 386 7.96 48.41 8.03
C THR C 386 6.97 48.75 6.95
N TRP C 387 7.02 50.01 6.50
CA TRP C 387 6.22 50.45 5.39
C TRP C 387 7.20 50.89 4.34
N GLU C 388 6.96 50.54 3.09
CA GLU C 388 7.93 50.90 2.08
C GLU C 388 7.28 51.32 0.79
N SER C 389 7.96 52.20 0.09
CA SER C 389 7.59 52.60 -1.25
C SER C 389 8.89 52.61 -2.01
N VAL C 390 9.07 51.67 -2.93
CA VAL C 390 10.39 51.46 -3.53
C VAL C 390 10.37 51.72 -5.02
N GLU C 391 11.48 52.22 -5.55
CA GLU C 391 11.55 52.45 -6.98
C GLU C 391 11.57 51.11 -7.71
N ARG C 392 11.37 51.16 -9.01
CA ARG C 392 11.34 49.97 -9.82
C ARG C 392 12.63 49.86 -10.61
N THR C 393 12.94 48.67 -11.09
CA THR C 393 14.13 48.45 -11.88
C THR C 393 13.85 47.32 -12.84
N GLY C 394 14.81 47.03 -13.70
CA GLY C 394 14.64 45.99 -14.71
C GLY C 394 13.69 46.40 -15.83
N PRO C 395 13.54 45.52 -16.83
CA PRO C 395 12.67 45.75 -17.98
C PRO C 395 11.26 46.13 -17.57
N GLU C 396 10.84 47.33 -17.96
CA GLU C 396 9.49 47.79 -17.71
C GLU C 396 9.20 47.83 -16.22
N GLY C 397 10.23 48.08 -15.43
CA GLY C 397 10.06 48.17 -13.99
C GLY C 397 9.45 46.93 -13.37
N GLU C 398 9.71 45.77 -13.97
CA GLU C 398 9.12 44.51 -13.50
C GLU C 398 9.60 44.06 -12.11
N LEU C 399 10.67 44.68 -11.63
CA LEU C 399 11.25 44.30 -10.33
C LEU C 399 11.30 45.47 -9.37
N PRO C 400 11.22 45.19 -8.06
CA PRO C 400 11.47 46.25 -7.08
C PRO C 400 12.97 46.50 -7.05
N LYS C 401 13.40 47.75 -7.03
CA LYS C 401 14.83 48.08 -7.03
C LYS C 401 15.49 47.53 -5.79
N VAL C 402 14.80 47.69 -4.66
CA VAL C 402 15.32 47.29 -3.37
C VAL C 402 14.35 46.36 -2.65
N SER C 403 14.88 45.44 -1.85
CA SER C 403 14.06 44.61 -0.96
C SER C 403 14.65 44.79 0.42
N VAL C 404 13.80 45.08 1.40
CA VAL C 404 14.24 45.49 2.72
C VAL C 404 13.51 44.74 3.83
N SER C 405 14.22 44.45 4.91
CA SER C 405 13.63 43.75 6.04
C SER C 405 14.30 44.23 7.32
N ALA C 406 13.53 44.33 8.39
CA ALA C 406 14.07 44.80 9.66
C ALA C 406 13.59 43.95 10.82
N SER C 407 14.50 43.63 11.72
CA SER C 407 14.15 42.88 12.91
C SER C 407 14.94 43.36 14.10
N ARG C 408 14.52 42.96 15.29
CA ARG C 408 15.27 43.25 16.50
C ARG C 408 15.72 41.97 17.17
N ALA C 409 17.02 41.87 17.41
CA ALA C 409 17.59 40.70 18.05
C ALA C 409 17.28 40.70 19.54
N ALA C 410 17.59 39.58 20.19
CA ALA C 410 17.36 39.44 21.63
C ALA C 410 18.14 40.46 22.45
N ASP C 411 19.29 40.90 21.96
CA ASP C 411 20.10 41.85 22.71
C ASP C 411 19.62 43.30 22.50
N GLY C 412 18.47 43.44 21.84
CA GLY C 412 17.86 44.74 21.65
C GLY C 412 18.33 45.47 20.40
N LYS C 413 19.42 45.01 19.80
CA LYS C 413 19.91 45.63 18.57
C LYS C 413 18.93 45.40 17.42
N ILE C 414 18.93 46.32 16.46
CA ILE C 414 18.03 46.25 15.33
C ILE C 414 18.87 46.01 14.11
N HIS C 415 18.41 45.11 13.24
CA HIS C 415 19.13 44.82 12.00
C HIS C 415 18.25 45.10 10.79
N ILE C 416 18.81 45.80 9.82
CA ILE C 416 18.08 46.11 8.60
C ILE C 416 18.88 45.62 7.42
N SER C 417 18.30 44.68 6.67
CA SER C 417 18.98 44.15 5.49
C SER C 417 18.34 44.69 4.21
N LEU C 418 19.17 44.99 3.23
CA LEU C 418 18.68 45.57 1.99
C LEU C 418 19.33 44.94 0.78
N CYS C 419 18.52 44.65 -0.23
CA CYS C 419 19.05 44.10 -1.47
C CYS C 419 18.81 45.12 -2.57
N ASN C 420 19.84 45.40 -3.35
CA ASN C 420 19.67 46.19 -4.55
C ASN C 420 19.72 45.27 -5.75
N LEU C 421 18.57 45.13 -6.42
CA LEU C 421 18.43 44.15 -7.49
C LEU C 421 18.96 44.67 -8.81
N ASP C 422 19.27 45.95 -8.88
CA ASP C 422 19.77 46.53 -10.12
C ASP C 422 21.29 46.42 -10.13
N PHE C 423 21.85 45.88 -11.21
CA PHE C 423 23.29 45.79 -11.33
C PHE C 423 23.88 47.08 -11.90
N GLU C 424 23.05 47.85 -12.60
CA GLU C 424 23.47 49.05 -13.31
C GLU C 424 23.88 50.21 -12.39
N THR C 425 23.04 50.56 -11.43
CA THR C 425 23.31 51.70 -10.55
C THR C 425 22.98 51.41 -9.10
N GLY C 426 23.53 52.23 -8.21
CA GLY C 426 23.27 52.09 -6.79
C GLY C 426 21.83 52.48 -6.51
N ALA C 427 21.41 52.34 -5.26
CA ALA C 427 20.04 52.64 -4.87
C ALA C 427 20.01 53.55 -3.66
N SER C 428 19.34 54.69 -3.81
CA SER C 428 19.13 55.58 -2.67
C SER C 428 17.95 55.08 -1.87
N VAL C 429 18.12 54.96 -0.57
CA VAL C 429 17.05 54.56 0.30
C VAL C 429 17.01 55.47 1.49
N ASP C 430 15.83 56.01 1.77
CA ASP C 430 15.66 56.87 2.94
C ASP C 430 14.88 56.09 3.96
N ILE C 431 15.49 55.83 5.11
CA ILE C 431 14.82 55.06 6.14
C ILE C 431 14.44 55.92 7.32
N GLU C 432 13.17 55.88 7.68
CA GLU C 432 12.68 56.62 8.82
C GLU C 432 12.47 55.68 10.01
N LEU C 433 13.17 55.95 11.11
CA LEU C 433 13.07 55.13 12.32
C LEU C 433 12.06 55.69 13.32
N ARG C 434 11.01 54.93 13.62
CA ARG C 434 10.04 55.37 14.61
C ARG C 434 9.98 54.44 15.80
N GLY C 435 9.22 54.85 16.82
CA GLY C 435 8.99 54.03 18.00
C GLY C 435 10.28 53.73 18.74
N LEU C 436 11.27 54.57 18.54
CA LEU C 436 12.57 54.41 19.15
C LEU C 436 12.65 55.19 20.46
N ASN C 437 12.95 54.49 21.56
CA ASN C 437 13.00 55.13 22.88
C ASN C 437 14.28 55.94 23.16
N GLY C 438 14.94 56.39 22.10
CA GLY C 438 16.15 57.18 22.22
C GLY C 438 16.81 57.41 20.86
N GLY C 439 18.13 57.58 20.89
CA GLY C 439 18.89 57.75 19.67
C GLY C 439 19.76 56.52 19.41
N VAL C 440 20.15 56.32 18.15
CA VAL C 440 20.95 55.15 17.80
C VAL C 440 22.18 55.49 16.97
N SER C 441 23.17 54.60 17.04
CA SER C 441 24.31 54.64 16.15
C SER C 441 24.23 53.41 15.23
N ALA C 442 24.92 53.46 14.10
CA ALA C 442 24.82 52.40 13.12
C ALA C 442 26.18 52.02 12.52
N THR C 443 26.39 50.72 12.34
CA THR C 443 27.50 50.21 11.53
C THR C 443 26.91 49.41 10.38
N GLY C 444 27.69 49.23 9.31
CA GLY C 444 27.17 48.58 8.13
C GLY C 444 28.15 47.65 7.43
N THR C 445 27.61 46.60 6.82
CA THR C 445 28.40 45.67 6.04
C THR C 445 27.67 45.39 4.72
N THR C 446 28.43 45.31 3.64
CA THR C 446 27.83 45.11 2.33
C THR C 446 28.57 44.03 1.55
N LEU C 447 27.83 43.30 0.73
CA LEU C 447 28.39 42.27 -0.14
C LEU C 447 28.03 42.66 -1.56
N THR C 448 29.04 42.86 -2.40
CA THR C 448 28.78 43.34 -3.75
C THR C 448 29.84 42.84 -4.72
N SER C 449 29.68 43.19 -5.99
CA SER C 449 30.60 42.76 -7.03
C SER C 449 30.69 43.82 -8.14
N GLY C 450 31.74 43.76 -8.94
CA GLY C 450 31.88 44.66 -10.06
C GLY C 450 31.37 44.00 -11.33
N ARG C 451 31.08 42.70 -11.23
CA ARG C 451 30.56 41.94 -12.36
C ARG C 451 29.23 41.31 -11.96
N ILE C 452 28.32 41.15 -12.92
CA ILE C 452 27.03 40.53 -12.62
C ILE C 452 27.19 39.05 -12.30
N ASP C 453 28.26 38.45 -12.79
CA ASP C 453 28.51 37.04 -12.50
C ASP C 453 29.71 36.87 -11.56
N GLY C 454 30.00 37.91 -10.79
CA GLY C 454 31.11 37.86 -9.85
C GLY C 454 31.00 36.64 -8.96
N HIS C 455 32.09 35.87 -8.87
CA HIS C 455 32.09 34.66 -8.06
C HIS C 455 33.47 34.35 -7.51
N ASN C 456 33.51 33.46 -6.53
CA ASN C 456 34.75 33.00 -5.93
C ASN C 456 35.23 31.70 -6.57
N THR C 457 36.54 31.52 -6.65
CA THR C 457 37.13 30.31 -7.22
C THR C 457 38.12 29.74 -6.21
N PHE C 458 38.58 28.53 -6.45
CA PHE C 458 39.52 27.93 -5.50
C PHE C 458 40.84 28.70 -5.49
N ASP C 459 41.25 29.20 -6.65
CA ASP C 459 42.43 30.05 -6.75
C ASP C 459 42.22 31.44 -6.15
N GLU C 460 41.01 31.99 -6.33
CA GLU C 460 40.67 33.30 -5.79
C GLU C 460 39.36 33.22 -5.00
N PRO C 461 39.43 32.70 -3.78
CA PRO C 461 38.22 32.40 -2.98
C PRO C 461 37.65 33.62 -2.27
N GLU C 462 38.13 34.81 -2.61
CA GLU C 462 37.64 36.04 -1.95
C GLU C 462 37.35 37.20 -2.89
N ARG C 463 37.14 36.92 -4.17
CA ARG C 463 36.72 37.98 -5.11
C ARG C 463 35.46 38.68 -4.62
N VAL C 464 34.53 37.91 -4.06
CA VAL C 464 33.24 38.44 -3.59
C VAL C 464 33.04 38.07 -2.13
N LYS C 465 33.07 39.08 -1.27
CA LYS C 465 32.91 38.85 0.16
C LYS C 465 32.47 40.14 0.82
N PRO C 466 31.97 40.05 2.06
CA PRO C 466 31.47 41.24 2.75
C PRO C 466 32.59 42.27 3.01
N ALA C 467 32.20 43.54 3.05
CA ALA C 467 33.12 44.65 3.30
C ALA C 467 32.37 45.69 4.10
N PRO C 468 33.10 46.57 4.80
CA PRO C 468 32.41 47.60 5.59
C PRO C 468 31.53 48.46 4.68
N PHE C 469 30.36 48.84 5.17
CA PHE C 469 29.52 49.76 4.43
C PHE C 469 29.47 51.07 5.18
N ARG C 470 29.83 52.16 4.51
CA ARG C 470 29.89 53.45 5.18
C ARG C 470 29.16 54.55 4.40
N ASP C 471 28.64 54.20 3.23
CA ASP C 471 27.99 55.17 2.35
C ASP C 471 26.56 55.48 2.79
N PHE C 472 26.40 55.85 4.06
CA PHE C 472 25.10 56.27 4.58
C PHE C 472 25.29 57.41 5.59
N LYS C 473 24.17 57.97 6.04
CA LYS C 473 24.20 59.06 7.01
C LYS C 473 23.03 58.95 7.99
N LEU C 474 23.35 58.85 9.27
CA LEU C 474 22.33 58.76 10.31
C LEU C 474 22.18 60.10 11.01
N GLU C 475 21.12 60.82 10.68
CA GLU C 475 20.88 62.14 11.26
C GLU C 475 19.53 62.17 11.98
N GLY C 476 19.58 62.04 13.30
CA GLY C 476 18.39 62.03 14.11
C GLY C 476 17.67 60.69 13.99
N GLY C 477 16.50 60.71 13.37
CA GLY C 477 15.71 59.51 13.18
C GLY C 477 15.64 59.08 11.73
N HIS C 478 16.48 59.70 10.89
CA HIS C 478 16.58 59.34 9.48
C HIS C 478 17.93 58.74 9.15
N LEU C 479 17.91 57.69 8.32
CA LEU C 479 19.12 57.02 7.89
C LEU C 479 19.07 56.93 6.37
N ASN C 480 19.88 57.75 5.71
CA ASN C 480 19.92 57.77 4.25
C ASN C 480 21.11 56.98 3.77
N ALA C 481 20.88 56.04 2.86
CA ALA C 481 21.96 55.16 2.41
C ALA C 481 22.02 55.12 0.89
N SER C 482 23.22 54.95 0.35
CA SER C 482 23.42 54.72 -1.07
C SER C 482 23.95 53.30 -1.27
N LEU C 483 23.07 52.37 -1.59
CA LEU C 483 23.46 50.98 -1.76
C LEU C 483 24.23 50.82 -3.06
N PRO C 484 25.32 50.05 -3.01
CA PRO C 484 26.08 49.75 -4.23
C PRO C 484 25.18 49.01 -5.21
N PRO C 485 25.50 49.05 -6.51
CA PRO C 485 24.79 48.22 -7.47
C PRO C 485 24.94 46.73 -7.10
N MET C 486 23.94 45.92 -7.42
CA MET C 486 23.96 44.47 -7.13
C MET C 486 24.61 44.14 -5.81
N SER C 487 23.92 44.44 -4.72
CA SER C 487 24.50 44.28 -3.39
C SER C 487 23.50 43.76 -2.38
N VAL C 488 24.01 43.18 -1.30
CA VAL C 488 23.20 42.82 -0.16
C VAL C 488 23.87 43.48 1.03
N THR C 489 23.12 44.25 1.79
CA THR C 489 23.71 45.05 2.85
C THR C 489 22.95 44.78 4.12
N VAL C 490 23.65 44.75 5.25
CA VAL C 490 23.01 44.67 6.55
C VAL C 490 23.49 45.82 7.42
N LEU C 491 22.55 46.52 8.05
CA LEU C 491 22.89 47.61 8.97
C LEU C 491 22.52 47.20 10.37
N GLU C 492 23.40 47.48 11.31
CA GLU C 492 23.14 47.19 12.71
C GLU C 492 22.97 48.51 13.47
N LEU C 493 21.85 48.64 14.18
CA LEU C 493 21.55 49.81 14.99
C LEU C 493 21.68 49.51 16.48
N THR C 494 22.52 50.28 17.16
CA THR C 494 22.68 50.14 18.61
C THR C 494 22.25 51.42 19.31
N ALA C 495 21.78 51.28 20.55
CA ALA C 495 21.37 52.44 21.36
C ALA C 495 22.54 53.38 21.65
N GLY C 496 22.21 54.66 21.85
CA GLY C 496 23.21 55.66 22.18
C GLY C 496 24.01 56.12 20.98
#